data_7ZA9
# 
_entry.id   7ZA9 
# 
_audit_conform.dict_name       mmcif_pdbx.dic 
_audit_conform.dict_version    5.384 
_audit_conform.dict_location   http://mmcif.pdb.org/dictionaries/ascii/mmcif_pdbx.dic 
# 
loop_
_database_2.database_id 
_database_2.database_code 
_database_2.pdbx_database_accession 
_database_2.pdbx_DOI 
PDB   7ZA9         pdb_00007za9 10.2210/pdb7za9/pdb 
WWPDB D_1292121861 ?            ?                   
# 
loop_
_pdbx_audit_revision_history.ordinal 
_pdbx_audit_revision_history.data_content_type 
_pdbx_audit_revision_history.major_revision 
_pdbx_audit_revision_history.minor_revision 
_pdbx_audit_revision_history.revision_date 
1 'Structure model' 1 0 2022-11-23 
2 'Structure model' 1 1 2022-12-07 
3 'Structure model' 1 2 2023-01-11 
4 'Structure model' 1 3 2024-01-31 
# 
_pdbx_audit_revision_details.ordinal             1 
_pdbx_audit_revision_details.revision_ordinal    1 
_pdbx_audit_revision_details.data_content_type   'Structure model' 
_pdbx_audit_revision_details.provider            repository 
_pdbx_audit_revision_details.type                'Initial release' 
_pdbx_audit_revision_details.description         ? 
_pdbx_audit_revision_details.details             ? 
# 
loop_
_pdbx_audit_revision_group.ordinal 
_pdbx_audit_revision_group.revision_ordinal 
_pdbx_audit_revision_group.data_content_type 
_pdbx_audit_revision_group.group 
1 2 'Structure model' 'Database references'    
2 3 'Structure model' 'Database references'    
3 4 'Structure model' 'Data collection'        
4 4 'Structure model' 'Refinement description' 
# 
loop_
_pdbx_audit_revision_category.ordinal 
_pdbx_audit_revision_category.revision_ordinal 
_pdbx_audit_revision_category.data_content_type 
_pdbx_audit_revision_category.category 
1 2 'Structure model' citation                      
2 2 'Structure model' citation_author               
3 3 'Structure model' citation_author               
4 4 'Structure model' chem_comp_atom                
5 4 'Structure model' chem_comp_bond                
6 4 'Structure model' pdbx_initial_refinement_model 
# 
loop_
_pdbx_audit_revision_item.ordinal 
_pdbx_audit_revision_item.revision_ordinal 
_pdbx_audit_revision_item.data_content_type 
_pdbx_audit_revision_item.item 
1 2 'Structure model' '_citation.journal_volume'          
2 2 'Structure model' '_citation.page_first'              
3 2 'Structure model' '_citation.page_last'               
4 2 'Structure model' '_citation_author.identifier_ORCID' 
5 3 'Structure model' '_citation_author.identifier_ORCID' 
# 
_pdbx_database_status.status_code                     REL 
_pdbx_database_status.status_code_sf                  REL 
_pdbx_database_status.status_code_mr                  ? 
_pdbx_database_status.entry_id                        7ZA9 
_pdbx_database_status.recvd_initial_deposition_date   2022-03-22 
_pdbx_database_status.SG_entry                        N 
_pdbx_database_status.deposit_site                    PDBE 
_pdbx_database_status.process_site                    PDBE 
_pdbx_database_status.status_code_cs                  ? 
_pdbx_database_status.status_code_nmr_data            ? 
_pdbx_database_status.methods_development_category    ? 
_pdbx_database_status.pdb_format_compatible           N 
# 
_pdbx_contact_author.id                 2 
_pdbx_contact_author.email              martin.noble@ncl.ac.uk 
_pdbx_contact_author.name_first         Martin 
_pdbx_contact_author.name_last          Noble 
_pdbx_contact_author.name_mi            E.M 
_pdbx_contact_author.role               'principal investigator/group leader' 
_pdbx_contact_author.identifier_ORCID   0000-0002-3595-9807 
# 
loop_
_audit_author.name 
_audit_author.pdbx_ordinal 
_audit_author.identifier_ORCID 
'Turberville, S.' 1 0000-0003-2173-9675 
'Martin, M.P.'    2 0000-0003-4810-3351 
'Hope, I.'        3 ?                   
'Noble, M.E.M.'   4 0000-0002-3595-9807 
# 
_citation.abstract                  ? 
_citation.abstract_id_CAS           ? 
_citation.book_id_ISBN              ? 
_citation.book_publisher            ? 
_citation.book_publisher_city       ? 
_citation.book_title                ? 
_citation.coordinate_linkage        ? 
_citation.country                   US 
_citation.database_id_Medline       ? 
_citation.details                   ? 
_citation.id                        primary 
_citation.journal_abbrev            J.Med.Chem. 
_citation.journal_id_ASTM           JMCMAR 
_citation.journal_id_CSD            0151 
_citation.journal_id_ISSN           0022-2623 
_citation.journal_full              ? 
_citation.journal_issue             ? 
_citation.journal_volume            65 
_citation.language                  ? 
_citation.page_first                15416 
_citation.page_last                 15432 
_citation.title                     
;Mapping Ligand Interactions of Bromodomains BRD4 and ATAD2 with FragLites and PepLites&#9472;Halogenated Probes of Druglike and Peptide-like Molecular Interactions.
;
_citation.year                      2022 
_citation.database_id_CSD           ? 
_citation.pdbx_database_id_DOI      10.1021/acs.jmedchem.2c01357 
_citation.pdbx_database_id_PubMed   36367089 
_citation.pdbx_database_id_patent   ? 
_citation.unpublished_flag          ? 
# 
loop_
_citation_author.citation_id 
_citation_author.name 
_citation_author.ordinal 
_citation_author.identifier_ORCID 
primary 'Davison, G.'       1  0000-0001-5466-2702 
primary 'Martin, M.P.'      2  ?                   
primary 'Turberville, S.'   3  ?                   
primary 'Dormen, S.'        4  ?                   
primary 'Heath, R.'         5  ?                   
primary 'Heptinstall, A.B.' 6  ?                   
primary 'Lawson, M.'        7  ?                   
primary 'Miller, D.C.'      8  0000-0001-6846-2007 
primary 'Ng, Y.M.'          9  ?                   
primary 'Sanderson, J.N.'   10 0000-0003-1000-2897 
primary 'Hope, I.'          11 0000-0002-8002-5026 
primary 'Wood, D.J.'        12 ?                   
primary 'Cano, C.'          13 0000-0002-2032-2272 
primary 'Endicott, J.A.'    14 ?                   
primary 'Hardcastle, I.R.'  15 0000-0001-7495-3769 
primary 'Noble, M.E.M.'     16 ?                   
primary 'Waring, M.J.'      17 0000-0002-9110-8783 
# 
loop_
_entity.id 
_entity.type 
_entity.src_method 
_entity.pdbx_description 
_entity.formula_weight 
_entity.pdbx_number_of_molecules 
_entity.pdbx_ec 
_entity.pdbx_mutation 
_entity.pdbx_fragment 
_entity.details 
1 polymer     man 'Isoform C of Bromodomain-containing protein 4' 15294.578 1   ? ? ? ? 
2 non-polymer syn GLYCEROL                                        92.094    5   ? ? ? ? 
3 non-polymer syn '4-iodanyl-3~{H}-pyridin-2-one'                 220.996   1   ? ? ? ? 
4 water       nat water                                           18.015    117 ? ? ? ? 
# 
_entity_name_com.entity_id   1 
_entity_name_com.name        'Protein HUNK1' 
# 
_entity_poly.entity_id                      1 
_entity_poly.type                           'polypeptide(L)' 
_entity_poly.nstd_linkage                   no 
_entity_poly.nstd_monomer                   no 
_entity_poly.pdbx_seq_one_letter_code       
;GSHMNPPPPETSNPNKPKRQTNQLQYLLRVVLKTLWKHQFAWPFQQPVDAVKLNLPDYYKIIKTPMDMGTIKKRLENNYY
WNAQECIQDFNTMFTNCYIYNKPGDDIVLMAEALEKLFLQKINELPTEE
;
_entity_poly.pdbx_seq_one_letter_code_can   
;GSHMNPPPPETSNPNKPKRQTNQLQYLLRVVLKTLWKHQFAWPFQQPVDAVKLNLPDYYKIIKTPMDMGTIKKRLENNYY
WNAQECIQDFNTMFTNCYIYNKPGDDIVLMAEALEKLFLQKINELPTEE
;
_entity_poly.pdbx_strand_id                 AAA 
_entity_poly.pdbx_target_identifier         ? 
# 
loop_
_pdbx_entity_nonpoly.entity_id 
_pdbx_entity_nonpoly.name 
_pdbx_entity_nonpoly.comp_id 
2 GLYCEROL                        GOL 
3 '4-iodanyl-3~{H}-pyridin-2-one' HHQ 
4 water                           HOH 
# 
loop_
_entity_poly_seq.entity_id 
_entity_poly_seq.num 
_entity_poly_seq.mon_id 
_entity_poly_seq.hetero 
1 1   GLY n 
1 2   SER n 
1 3   HIS n 
1 4   MET n 
1 5   ASN n 
1 6   PRO n 
1 7   PRO n 
1 8   PRO n 
1 9   PRO n 
1 10  GLU n 
1 11  THR n 
1 12  SER n 
1 13  ASN n 
1 14  PRO n 
1 15  ASN n 
1 16  LYS n 
1 17  PRO n 
1 18  LYS n 
1 19  ARG n 
1 20  GLN n 
1 21  THR n 
1 22  ASN n 
1 23  GLN n 
1 24  LEU n 
1 25  GLN n 
1 26  TYR n 
1 27  LEU n 
1 28  LEU n 
1 29  ARG n 
1 30  VAL n 
1 31  VAL n 
1 32  LEU n 
1 33  LYS n 
1 34  THR n 
1 35  LEU n 
1 36  TRP n 
1 37  LYS n 
1 38  HIS n 
1 39  GLN n 
1 40  PHE n 
1 41  ALA n 
1 42  TRP n 
1 43  PRO n 
1 44  PHE n 
1 45  GLN n 
1 46  GLN n 
1 47  PRO n 
1 48  VAL n 
1 49  ASP n 
1 50  ALA n 
1 51  VAL n 
1 52  LYS n 
1 53  LEU n 
1 54  ASN n 
1 55  LEU n 
1 56  PRO n 
1 57  ASP n 
1 58  TYR n 
1 59  TYR n 
1 60  LYS n 
1 61  ILE n 
1 62  ILE n 
1 63  LYS n 
1 64  THR n 
1 65  PRO n 
1 66  MET n 
1 67  ASP n 
1 68  MET n 
1 69  GLY n 
1 70  THR n 
1 71  ILE n 
1 72  LYS n 
1 73  LYS n 
1 74  ARG n 
1 75  LEU n 
1 76  GLU n 
1 77  ASN n 
1 78  ASN n 
1 79  TYR n 
1 80  TYR n 
1 81  TRP n 
1 82  ASN n 
1 83  ALA n 
1 84  GLN n 
1 85  GLU n 
1 86  CYS n 
1 87  ILE n 
1 88  GLN n 
1 89  ASP n 
1 90  PHE n 
1 91  ASN n 
1 92  THR n 
1 93  MET n 
1 94  PHE n 
1 95  THR n 
1 96  ASN n 
1 97  CYS n 
1 98  TYR n 
1 99  ILE n 
1 100 TYR n 
1 101 ASN n 
1 102 LYS n 
1 103 PRO n 
1 104 GLY n 
1 105 ASP n 
1 106 ASP n 
1 107 ILE n 
1 108 VAL n 
1 109 LEU n 
1 110 MET n 
1 111 ALA n 
1 112 GLU n 
1 113 ALA n 
1 114 LEU n 
1 115 GLU n 
1 116 LYS n 
1 117 LEU n 
1 118 PHE n 
1 119 LEU n 
1 120 GLN n 
1 121 LYS n 
1 122 ILE n 
1 123 ASN n 
1 124 GLU n 
1 125 LEU n 
1 126 PRO n 
1 127 THR n 
1 128 GLU n 
1 129 GLU n 
# 
_entity_src_gen.entity_id                          1 
_entity_src_gen.pdbx_src_id                        1 
_entity_src_gen.pdbx_alt_source_flag               sample 
_entity_src_gen.pdbx_seq_type                      'Biological sequence' 
_entity_src_gen.pdbx_beg_seq_num                   1 
_entity_src_gen.pdbx_end_seq_num                   129 
_entity_src_gen.gene_src_common_name               human 
_entity_src_gen.gene_src_genus                     ? 
_entity_src_gen.pdbx_gene_src_gene                 'BRD4, HUNK1' 
_entity_src_gen.gene_src_species                   ? 
_entity_src_gen.gene_src_strain                    ? 
_entity_src_gen.gene_src_tissue                    ? 
_entity_src_gen.gene_src_tissue_fraction           ? 
_entity_src_gen.gene_src_details                   ? 
_entity_src_gen.pdbx_gene_src_fragment             ? 
_entity_src_gen.pdbx_gene_src_scientific_name      'Homo sapiens' 
_entity_src_gen.pdbx_gene_src_ncbi_taxonomy_id     9606 
_entity_src_gen.pdbx_gene_src_variant              ? 
_entity_src_gen.pdbx_gene_src_cell_line            ? 
_entity_src_gen.pdbx_gene_src_atcc                 ? 
_entity_src_gen.pdbx_gene_src_organ                ? 
_entity_src_gen.pdbx_gene_src_organelle            ? 
_entity_src_gen.pdbx_gene_src_cell                 ? 
_entity_src_gen.pdbx_gene_src_cellular_location    ? 
_entity_src_gen.host_org_common_name               ? 
_entity_src_gen.pdbx_host_org_scientific_name      'Escherichia coli BL21(DE3)' 
_entity_src_gen.pdbx_host_org_ncbi_taxonomy_id     469008 
_entity_src_gen.host_org_genus                     ? 
_entity_src_gen.pdbx_host_org_gene                 ? 
_entity_src_gen.pdbx_host_org_organ                ? 
_entity_src_gen.host_org_species                   ? 
_entity_src_gen.pdbx_host_org_tissue               ? 
_entity_src_gen.pdbx_host_org_tissue_fraction      ? 
_entity_src_gen.pdbx_host_org_strain               ? 
_entity_src_gen.pdbx_host_org_variant              ? 
_entity_src_gen.pdbx_host_org_cell_line            ? 
_entity_src_gen.pdbx_host_org_atcc                 ? 
_entity_src_gen.pdbx_host_org_culture_collection   ? 
_entity_src_gen.pdbx_host_org_cell                 ? 
_entity_src_gen.pdbx_host_org_organelle            ? 
_entity_src_gen.pdbx_host_org_cellular_location    ? 
_entity_src_gen.pdbx_host_org_vector_type          ? 
_entity_src_gen.pdbx_host_org_vector               ? 
_entity_src_gen.host_org_details                   ? 
_entity_src_gen.expression_system_id               ? 
_entity_src_gen.plasmid_name                       pET28b 
_entity_src_gen.plasmid_details                    ? 
_entity_src_gen.pdbx_description                   ? 
# 
loop_
_chem_comp.id 
_chem_comp.type 
_chem_comp.mon_nstd_flag 
_chem_comp.name 
_chem_comp.pdbx_synonyms 
_chem_comp.formula 
_chem_comp.formula_weight 
ALA 'L-peptide linking' y ALANINE                         ?                               'C3 H7 N O2'     89.093  
ARG 'L-peptide linking' y ARGININE                        ?                               'C6 H15 N4 O2 1' 175.209 
ASN 'L-peptide linking' y ASPARAGINE                      ?                               'C4 H8 N2 O3'    132.118 
ASP 'L-peptide linking' y 'ASPARTIC ACID'                 ?                               'C4 H7 N O4'     133.103 
CYS 'L-peptide linking' y CYSTEINE                        ?                               'C3 H7 N O2 S'   121.158 
GLN 'L-peptide linking' y GLUTAMINE                       ?                               'C5 H10 N2 O3'   146.144 
GLU 'L-peptide linking' y 'GLUTAMIC ACID'                 ?                               'C5 H9 N O4'     147.129 
GLY 'peptide linking'   y GLYCINE                         ?                               'C2 H5 N O2'     75.067  
GOL non-polymer         . GLYCEROL                        'GLYCERIN; PROPANE-1,2,3-TRIOL' 'C3 H8 O3'       92.094  
HHQ non-polymer         . '4-iodanyl-3~{H}-pyridin-2-one' ?                               'C5 H4 I N O'    220.996 
HIS 'L-peptide linking' y HISTIDINE                       ?                               'C6 H10 N3 O2 1' 156.162 
HOH non-polymer         . WATER                           ?                               'H2 O'           18.015  
ILE 'L-peptide linking' y ISOLEUCINE                      ?                               'C6 H13 N O2'    131.173 
LEU 'L-peptide linking' y LEUCINE                         ?                               'C6 H13 N O2'    131.173 
LYS 'L-peptide linking' y LYSINE                          ?                               'C6 H15 N2 O2 1' 147.195 
MET 'L-peptide linking' y METHIONINE                      ?                               'C5 H11 N O2 S'  149.211 
PHE 'L-peptide linking' y PHENYLALANINE                   ?                               'C9 H11 N O2'    165.189 
PRO 'L-peptide linking' y PROLINE                         ?                               'C5 H9 N O2'     115.130 
SER 'L-peptide linking' y SERINE                          ?                               'C3 H7 N O3'     105.093 
THR 'L-peptide linking' y THREONINE                       ?                               'C4 H9 N O3'     119.119 
TRP 'L-peptide linking' y TRYPTOPHAN                      ?                               'C11 H12 N2 O2'  204.225 
TYR 'L-peptide linking' y TYROSINE                        ?                               'C9 H11 N O3'    181.189 
VAL 'L-peptide linking' y VALINE                          ?                               'C5 H11 N O2'    117.146 
# 
loop_
_pdbx_poly_seq_scheme.asym_id 
_pdbx_poly_seq_scheme.entity_id 
_pdbx_poly_seq_scheme.seq_id 
_pdbx_poly_seq_scheme.mon_id 
_pdbx_poly_seq_scheme.ndb_seq_num 
_pdbx_poly_seq_scheme.pdb_seq_num 
_pdbx_poly_seq_scheme.auth_seq_num 
_pdbx_poly_seq_scheme.pdb_mon_id 
_pdbx_poly_seq_scheme.auth_mon_id 
_pdbx_poly_seq_scheme.pdb_strand_id 
_pdbx_poly_seq_scheme.pdb_ins_code 
_pdbx_poly_seq_scheme.hetero 
A 1 1   GLY 1   40  40  GLY GLY AAA . n 
A 1 2   SER 2   41  41  SER SER AAA . n 
A 1 3   HIS 3   42  42  HIS HIS AAA . n 
A 1 4   MET 4   43  43  MET MET AAA . n 
A 1 5   ASN 5   44  44  ASN ASN AAA . n 
A 1 6   PRO 6   45  45  PRO PRO AAA . n 
A 1 7   PRO 7   46  46  PRO PRO AAA . n 
A 1 8   PRO 8   47  47  PRO PRO AAA . n 
A 1 9   PRO 9   48  48  PRO PRO AAA . n 
A 1 10  GLU 10  49  49  GLU GLU AAA . n 
A 1 11  THR 11  50  50  THR THR AAA . n 
A 1 12  SER 12  51  51  SER SER AAA . n 
A 1 13  ASN 13  52  52  ASN ASN AAA . n 
A 1 14  PRO 14  53  53  PRO PRO AAA . n 
A 1 15  ASN 15  54  54  ASN ASN AAA . n 
A 1 16  LYS 16  55  55  LYS LYS AAA . n 
A 1 17  PRO 17  56  56  PRO PRO AAA . n 
A 1 18  LYS 18  57  57  LYS LYS AAA . n 
A 1 19  ARG 19  58  58  ARG ARG AAA . n 
A 1 20  GLN 20  59  59  GLN GLN AAA . n 
A 1 21  THR 21  60  60  THR THR AAA . n 
A 1 22  ASN 22  61  61  ASN ASN AAA . n 
A 1 23  GLN 23  62  62  GLN GLN AAA . n 
A 1 24  LEU 24  63  63  LEU LEU AAA . n 
A 1 25  GLN 25  64  64  GLN GLN AAA . n 
A 1 26  TYR 26  65  65  TYR TYR AAA . n 
A 1 27  LEU 27  66  66  LEU LEU AAA . n 
A 1 28  LEU 28  67  67  LEU LEU AAA . n 
A 1 29  ARG 29  68  68  ARG ARG AAA . n 
A 1 30  VAL 30  69  69  VAL VAL AAA . n 
A 1 31  VAL 31  70  70  VAL VAL AAA . n 
A 1 32  LEU 32  71  71  LEU LEU AAA . n 
A 1 33  LYS 33  72  72  LYS LYS AAA . n 
A 1 34  THR 34  73  73  THR THR AAA . n 
A 1 35  LEU 35  74  74  LEU LEU AAA . n 
A 1 36  TRP 36  75  75  TRP TRP AAA . n 
A 1 37  LYS 37  76  76  LYS LYS AAA . n 
A 1 38  HIS 38  77  77  HIS HIS AAA . n 
A 1 39  GLN 39  78  78  GLN GLN AAA . n 
A 1 40  PHE 40  79  79  PHE PHE AAA . n 
A 1 41  ALA 41  80  80  ALA ALA AAA . n 
A 1 42  TRP 42  81  81  TRP TRP AAA . n 
A 1 43  PRO 43  82  82  PRO PRO AAA . n 
A 1 44  PHE 44  83  83  PHE PHE AAA . n 
A 1 45  GLN 45  84  84  GLN GLN AAA . n 
A 1 46  GLN 46  85  85  GLN GLN AAA . n 
A 1 47  PRO 47  86  86  PRO PRO AAA . n 
A 1 48  VAL 48  87  87  VAL VAL AAA . n 
A 1 49  ASP 49  88  88  ASP ASP AAA . n 
A 1 50  ALA 50  89  89  ALA ALA AAA . n 
A 1 51  VAL 51  90  90  VAL VAL AAA . n 
A 1 52  LYS 52  91  91  LYS LYS AAA . n 
A 1 53  LEU 53  92  92  LEU LEU AAA . n 
A 1 54  ASN 54  93  93  ASN ASN AAA . n 
A 1 55  LEU 55  94  94  LEU LEU AAA . n 
A 1 56  PRO 56  95  95  PRO PRO AAA . n 
A 1 57  ASP 57  96  96  ASP ASP AAA . n 
A 1 58  TYR 58  97  97  TYR TYR AAA . n 
A 1 59  TYR 59  98  98  TYR TYR AAA . n 
A 1 60  LYS 60  99  99  LYS LYS AAA . n 
A 1 61  ILE 61  100 100 ILE ILE AAA . n 
A 1 62  ILE 62  101 101 ILE ILE AAA . n 
A 1 63  LYS 63  102 102 LYS LYS AAA . n 
A 1 64  THR 64  103 103 THR THR AAA . n 
A 1 65  PRO 65  104 104 PRO PRO AAA . n 
A 1 66  MET 66  105 105 MET MET AAA . n 
A 1 67  ASP 67  106 106 ASP ASP AAA . n 
A 1 68  MET 68  107 107 MET MET AAA . n 
A 1 69  GLY 69  108 108 GLY GLY AAA . n 
A 1 70  THR 70  109 109 THR THR AAA . n 
A 1 71  ILE 71  110 110 ILE ILE AAA . n 
A 1 72  LYS 72  111 111 LYS LYS AAA . n 
A 1 73  LYS 73  112 112 LYS LYS AAA . n 
A 1 74  ARG 74  113 113 ARG ARG AAA . n 
A 1 75  LEU 75  114 114 LEU LEU AAA . n 
A 1 76  GLU 76  115 115 GLU GLU AAA . n 
A 1 77  ASN 77  116 116 ASN ASN AAA . n 
A 1 78  ASN 78  117 117 ASN ASN AAA . n 
A 1 79  TYR 79  118 118 TYR TYR AAA . n 
A 1 80  TYR 80  119 119 TYR TYR AAA . n 
A 1 81  TRP 81  120 120 TRP TRP AAA . n 
A 1 82  ASN 82  121 121 ASN ASN AAA . n 
A 1 83  ALA 83  122 122 ALA ALA AAA . n 
A 1 84  GLN 84  123 123 GLN GLN AAA . n 
A 1 85  GLU 85  124 124 GLU GLU AAA . n 
A 1 86  CYS 86  125 125 CYS CYS AAA . n 
A 1 87  ILE 87  126 126 ILE ILE AAA . n 
A 1 88  GLN 88  127 127 GLN GLN AAA . n 
A 1 89  ASP 89  128 128 ASP ASP AAA . n 
A 1 90  PHE 90  129 129 PHE PHE AAA . n 
A 1 91  ASN 91  130 130 ASN ASN AAA . n 
A 1 92  THR 92  131 131 THR THR AAA . n 
A 1 93  MET 93  132 132 MET MET AAA . n 
A 1 94  PHE 94  133 133 PHE PHE AAA . n 
A 1 95  THR 95  134 134 THR THR AAA . n 
A 1 96  ASN 96  135 135 ASN ASN AAA . n 
A 1 97  CYS 97  136 136 CYS CYS AAA . n 
A 1 98  TYR 98  137 137 TYR TYR AAA . n 
A 1 99  ILE 99  138 138 ILE ILE AAA . n 
A 1 100 TYR 100 139 139 TYR TYR AAA . n 
A 1 101 ASN 101 140 140 ASN ASN AAA . n 
A 1 102 LYS 102 141 141 LYS LYS AAA . n 
A 1 103 PRO 103 142 142 PRO PRO AAA . n 
A 1 104 GLY 104 143 143 GLY GLY AAA . n 
A 1 105 ASP 105 144 144 ASP ASP AAA . n 
A 1 106 ASP 106 145 145 ASP ASP AAA . n 
A 1 107 ILE 107 146 146 ILE ILE AAA . n 
A 1 108 VAL 108 147 147 VAL VAL AAA . n 
A 1 109 LEU 109 148 148 LEU LEU AAA . n 
A 1 110 MET 110 149 149 MET MET AAA . n 
A 1 111 ALA 111 150 150 ALA ALA AAA . n 
A 1 112 GLU 112 151 151 GLU GLU AAA . n 
A 1 113 ALA 113 152 152 ALA ALA AAA . n 
A 1 114 LEU 114 153 153 LEU LEU AAA . n 
A 1 115 GLU 115 154 154 GLU GLU AAA . n 
A 1 116 LYS 116 155 155 LYS LYS AAA . n 
A 1 117 LEU 117 156 156 LEU LEU AAA . n 
A 1 118 PHE 118 157 157 PHE PHE AAA . n 
A 1 119 LEU 119 158 158 LEU LEU AAA . n 
A 1 120 GLN 120 159 159 GLN GLN AAA . n 
A 1 121 LYS 121 160 160 LYS LYS AAA . n 
A 1 122 ILE 122 161 161 ILE ILE AAA . n 
A 1 123 ASN 123 162 162 ASN ASN AAA . n 
A 1 124 GLU 124 163 163 GLU GLU AAA . n 
A 1 125 LEU 125 164 164 LEU LEU AAA . n 
A 1 126 PRO 126 165 165 PRO PRO AAA . n 
A 1 127 THR 127 166 166 THR THR AAA . n 
A 1 128 GLU 128 167 167 GLU GLU AAA . n 
A 1 129 GLU 129 168 168 GLU GLU AAA . n 
# 
loop_
_pdbx_nonpoly_scheme.asym_id 
_pdbx_nonpoly_scheme.entity_id 
_pdbx_nonpoly_scheme.mon_id 
_pdbx_nonpoly_scheme.ndb_seq_num 
_pdbx_nonpoly_scheme.pdb_seq_num 
_pdbx_nonpoly_scheme.auth_seq_num 
_pdbx_nonpoly_scheme.pdb_mon_id 
_pdbx_nonpoly_scheme.auth_mon_id 
_pdbx_nonpoly_scheme.pdb_strand_id 
_pdbx_nonpoly_scheme.pdb_ins_code 
B 2 GOL 1   201 2   GOL GOL AAA . 
C 2 GOL 1   202 5   GOL GOL AAA . 
D 2 GOL 1   203 6   GOL GOL AAA . 
E 2 GOL 1   204 7   GOL GOL AAA . 
F 2 GOL 1   205 8   GOL GOL AAA . 
G 3 HHQ 1   206 2   HHQ DRG AAA . 
H 4 HOH 1   301 123 HOH HOH AAA . 
H 4 HOH 2   302 211 HOH HOH AAA . 
H 4 HOH 3   303 128 HOH HOH AAA . 
H 4 HOH 4   304 206 HOH HOH AAA . 
H 4 HOH 5   305 101 HOH HOH AAA . 
H 4 HOH 6   306 205 HOH HOH AAA . 
H 4 HOH 7   307 176 HOH HOH AAA . 
H 4 HOH 8   308 121 HOH HOH AAA . 
H 4 HOH 9   309 108 HOH HOH AAA . 
H 4 HOH 10  310 53  HOH HOH AAA . 
H 4 HOH 11  311 67  HOH HOH AAA . 
H 4 HOH 12  312 81  HOH HOH AAA . 
H 4 HOH 13  313 102 HOH HOH AAA . 
H 4 HOH 14  314 82  HOH HOH AAA . 
H 4 HOH 15  315 192 HOH HOH AAA . 
H 4 HOH 16  316 207 HOH HOH AAA . 
H 4 HOH 17  317 197 HOH HOH AAA . 
H 4 HOH 18  318 10  HOH HOH AAA . 
H 4 HOH 19  319 14  HOH HOH AAA . 
H 4 HOH 20  320 52  HOH HOH AAA . 
H 4 HOH 21  321 92  HOH HOH AAA . 
H 4 HOH 22  322 47  HOH HOH AAA . 
H 4 HOH 23  323 50  HOH HOH AAA . 
H 4 HOH 24  324 32  HOH HOH AAA . 
H 4 HOH 25  325 203 HOH HOH AAA . 
H 4 HOH 26  326 104 HOH HOH AAA . 
H 4 HOH 27  327 94  HOH HOH AAA . 
H 4 HOH 28  328 63  HOH HOH AAA . 
H 4 HOH 29  329 90  HOH HOH AAA . 
H 4 HOH 30  330 83  HOH HOH AAA . 
H 4 HOH 31  331 25  HOH HOH AAA . 
H 4 HOH 32  332 62  HOH HOH AAA . 
H 4 HOH 33  333 172 HOH HOH AAA . 
H 4 HOH 34  334 71  HOH HOH AAA . 
H 4 HOH 35  335 26  HOH HOH AAA . 
H 4 HOH 36  336 40  HOH HOH AAA . 
H 4 HOH 37  337 177 HOH HOH AAA . 
H 4 HOH 38  338 142 HOH HOH AAA . 
H 4 HOH 39  339 118 HOH HOH AAA . 
H 4 HOH 40  340 122 HOH HOH AAA . 
H 4 HOH 41  341 8   HOH HOH AAA . 
H 4 HOH 42  342 200 HOH HOH AAA . 
H 4 HOH 43  343 161 HOH HOH AAA . 
H 4 HOH 44  344 56  HOH HOH AAA . 
H 4 HOH 45  345 201 HOH HOH AAA . 
H 4 HOH 46  346 183 HOH HOH AAA . 
H 4 HOH 47  347 20  HOH HOH AAA . 
H 4 HOH 48  348 6   HOH HOH AAA . 
H 4 HOH 49  349 69  HOH HOH AAA . 
H 4 HOH 50  350 13  HOH HOH AAA . 
H 4 HOH 51  351 109 HOH HOH AAA . 
H 4 HOH 52  352 11  HOH HOH AAA . 
H 4 HOH 53  353 17  HOH HOH AAA . 
H 4 HOH 54  354 217 HOH HOH AAA . 
H 4 HOH 55  355 204 HOH HOH AAA . 
H 4 HOH 56  356 12  HOH HOH AAA . 
H 4 HOH 57  357 49  HOH HOH AAA . 
H 4 HOH 58  358 74  HOH HOH AAA . 
H 4 HOH 59  359 218 HOH HOH AAA . 
H 4 HOH 60  360 95  HOH HOH AAA . 
H 4 HOH 61  361 24  HOH HOH AAA . 
H 4 HOH 62  362 37  HOH HOH AAA . 
H 4 HOH 63  363 38  HOH HOH AAA . 
H 4 HOH 64  364 171 HOH HOH AAA . 
H 4 HOH 65  365 112 HOH HOH AAA . 
H 4 HOH 66  366 33  HOH HOH AAA . 
H 4 HOH 67  367 167 HOH HOH AAA . 
H 4 HOH 68  368 43  HOH HOH AAA . 
H 4 HOH 69  369 23  HOH HOH AAA . 
H 4 HOH 70  370 2   HOH HOH AAA . 
H 4 HOH 71  371 35  HOH HOH AAA . 
H 4 HOH 72  372 175 HOH HOH AAA . 
H 4 HOH 73  373 202 HOH HOH AAA . 
H 4 HOH 74  374 70  HOH HOH AAA . 
H 4 HOH 75  375 5   HOH HOH AAA . 
H 4 HOH 76  376 199 HOH HOH AAA . 
H 4 HOH 77  377 68  HOH HOH AAA . 
H 4 HOH 78  378 66  HOH HOH AAA . 
H 4 HOH 79  379 179 HOH HOH AAA . 
H 4 HOH 80  380 41  HOH HOH AAA . 
H 4 HOH 81  381 7   HOH HOH AAA . 
H 4 HOH 82  382 9   HOH HOH AAA . 
H 4 HOH 83  383 198 HOH HOH AAA . 
H 4 HOH 84  384 86  HOH HOH AAA . 
H 4 HOH 85  385 1   HOH HOH AAA . 
H 4 HOH 86  386 153 HOH HOH AAA . 
H 4 HOH 87  387 3   HOH HOH AAA . 
H 4 HOH 88  388 18  HOH HOH AAA . 
H 4 HOH 89  389 45  HOH HOH AAA . 
H 4 HOH 90  390 150 HOH HOH AAA . 
H 4 HOH 91  391 100 HOH HOH AAA . 
H 4 HOH 92  392 157 HOH HOH AAA . 
H 4 HOH 93  393 65  HOH HOH AAA . 
H 4 HOH 94  394 115 HOH HOH AAA . 
H 4 HOH 95  395 39  HOH HOH AAA . 
H 4 HOH 96  396 222 HOH HOH AAA . 
H 4 HOH 97  397 51  HOH HOH AAA . 
H 4 HOH 98  398 140 HOH HOH AAA . 
H 4 HOH 99  399 154 HOH HOH AAA . 
H 4 HOH 100 400 170 HOH HOH AAA . 
H 4 HOH 101 401 15  HOH HOH AAA . 
H 4 HOH 102 402 220 HOH HOH AAA . 
H 4 HOH 103 403 73  HOH HOH AAA . 
H 4 HOH 104 404 87  HOH HOH AAA . 
H 4 HOH 105 405 98  HOH HOH AAA . 
H 4 HOH 106 406 75  HOH HOH AAA . 
H 4 HOH 107 407 60  HOH HOH AAA . 
H 4 HOH 108 408 134 HOH HOH AAA . 
H 4 HOH 109 409 191 HOH HOH AAA . 
H 4 HOH 110 410 72  HOH HOH AAA . 
H 4 HOH 111 411 29  HOH HOH AAA . 
H 4 HOH 112 412 132 HOH HOH AAA . 
H 4 HOH 113 413 189 HOH HOH AAA . 
H 4 HOH 114 414 137 HOH HOH AAA . 
H 4 HOH 115 415 84  HOH HOH AAA . 
H 4 HOH 116 416 78  HOH HOH AAA . 
H 4 HOH 117 417 85  HOH HOH AAA . 
# 
loop_
_software.citation_id 
_software.classification 
_software.compiler_name 
_software.compiler_version 
_software.contact_author 
_software.contact_author_email 
_software.date 
_software.description 
_software.dependencies 
_software.hardware 
_software.language 
_software.location 
_software.mods 
_software.name 
_software.os 
_software.os_version 
_software.type 
_software.version 
_software.pdbx_ordinal 
? refinement       ? ? ? ? ? ? ? ? ? ? ? REFMAC  ? ? ? 5.8.0258 1 
? refinement       ? ? ? ? ? ? ? ? ? ? ? REFMAC  ? ? ? 5.8.0258 2 
? 'data scaling'   ? ? ? ? ? ? ? ? ? ? ? Aimless ? ? ? 0.7.4    3 
? 'data reduction' ? ? ? ? ? ? ? ? ? ? ? xia2    ? ? ? .        4 
? phasing          ? ? ? ? ? ? ? ? ? ? ? PHASER  ? ? ? .        5 
# 
_cell.angle_alpha                  90.000 
_cell.angle_alpha_esd              ? 
_cell.angle_beta                   90.000 
_cell.angle_beta_esd               ? 
_cell.angle_gamma                  90.000 
_cell.angle_gamma_esd              ? 
_cell.entry_id                     7ZA9 
_cell.details                      ? 
_cell.formula_units_Z              ? 
_cell.length_a                     37.830 
_cell.length_a_esd                 ? 
_cell.length_b                     43.374 
_cell.length_b_esd                 ? 
_cell.length_c                     79.299 
_cell.length_c_esd                 ? 
_cell.volume                       ? 
_cell.volume_esd                   ? 
_cell.Z_PDB                        4 
_cell.reciprocal_angle_alpha       ? 
_cell.reciprocal_angle_beta        ? 
_cell.reciprocal_angle_gamma       ? 
_cell.reciprocal_angle_alpha_esd   ? 
_cell.reciprocal_angle_beta_esd    ? 
_cell.reciprocal_angle_gamma_esd   ? 
_cell.reciprocal_length_a          ? 
_cell.reciprocal_length_b          ? 
_cell.reciprocal_length_c          ? 
_cell.reciprocal_length_a_esd      ? 
_cell.reciprocal_length_b_esd      ? 
_cell.reciprocal_length_c_esd      ? 
_cell.pdbx_unique_axis             ? 
# 
_symmetry.entry_id                         7ZA9 
_symmetry.cell_setting                     ? 
_symmetry.Int_Tables_number                19 
_symmetry.space_group_name_Hall            ? 
_symmetry.space_group_name_H-M             'P 21 21 21' 
_symmetry.pdbx_full_space_group_name_H-M   ? 
# 
_exptl.absorpt_coefficient_mu     ? 
_exptl.absorpt_correction_T_max   ? 
_exptl.absorpt_correction_T_min   ? 
_exptl.absorpt_correction_type    ? 
_exptl.absorpt_process_details    ? 
_exptl.entry_id                   7ZA9 
_exptl.crystals_number            1 
_exptl.details                    ? 
_exptl.method                     'X-RAY DIFFRACTION' 
_exptl.method_details             ? 
# 
_exptl_crystal.colour                      ? 
_exptl_crystal.density_diffrn              ? 
_exptl_crystal.density_Matthews            2.13 
_exptl_crystal.density_method              ? 
_exptl_crystal.density_percent_sol         42.17 
_exptl_crystal.description                 ? 
_exptl_crystal.F_000                       ? 
_exptl_crystal.id                          1 
_exptl_crystal.preparation                 ? 
_exptl_crystal.size_max                    ? 
_exptl_crystal.size_mid                    ? 
_exptl_crystal.size_min                    ? 
_exptl_crystal.size_rad                    ? 
_exptl_crystal.colour_lustre               ? 
_exptl_crystal.colour_modifier             ? 
_exptl_crystal.colour_primary              ? 
_exptl_crystal.density_meas                ? 
_exptl_crystal.density_meas_esd            ? 
_exptl_crystal.density_meas_gt             ? 
_exptl_crystal.density_meas_lt             ? 
_exptl_crystal.density_meas_temp           ? 
_exptl_crystal.density_meas_temp_esd       ? 
_exptl_crystal.density_meas_temp_gt        ? 
_exptl_crystal.density_meas_temp_lt        ? 
_exptl_crystal.pdbx_crystal_image_url      ? 
_exptl_crystal.pdbx_crystal_image_format   ? 
_exptl_crystal.pdbx_mosaicity              ? 
_exptl_crystal.pdbx_mosaicity_esd          ? 
# 
_exptl_crystal_grow.apparatus       ? 
_exptl_crystal_grow.atmosphere      ? 
_exptl_crystal_grow.crystal_id      1 
_exptl_crystal_grow.details         ? 
_exptl_crystal_grow.method          'VAPOR DIFFUSION, SITTING DROP' 
_exptl_crystal_grow.method_ref      ? 
_exptl_crystal_grow.pH              8.5 
_exptl_crystal_grow.pressure        ? 
_exptl_crystal_grow.pressure_esd    ? 
_exptl_crystal_grow.seeding         ? 
_exptl_crystal_grow.seeding_ref     ? 
_exptl_crystal_grow.temp            293 
_exptl_crystal_grow.temp_details    ? 
_exptl_crystal_grow.temp_esd        ? 
_exptl_crystal_grow.time            ? 
_exptl_crystal_grow.pdbx_details    
;0.1 M Buffer system 3 (1 M Tris, 1 M BICINE, pH 8.5), 34-44% Precipitant Solution 3 (20% PEG 4000, 40%) and 60-80 mM Halogens Mix (NaF, NaBr and NaI) solution
;
_exptl_crystal_grow.pdbx_pH_range   ? 
# 
_diffrn.ambient_environment              ? 
_diffrn.ambient_temp                     100 
_diffrn.ambient_temp_details             ? 
_diffrn.ambient_temp_esd                 ? 
_diffrn.crystal_id                       1 
_diffrn.crystal_support                  ? 
_diffrn.crystal_treatment                ? 
_diffrn.details                          ? 
_diffrn.id                               1 
_diffrn.ambient_pressure                 ? 
_diffrn.ambient_pressure_esd             ? 
_diffrn.ambient_pressure_gt              ? 
_diffrn.ambient_pressure_lt              ? 
_diffrn.ambient_temp_gt                  ? 
_diffrn.ambient_temp_lt                  ? 
_diffrn.pdbx_serial_crystal_experiment   N 
# 
_diffrn_detector.details                      ? 
_diffrn_detector.detector                     PIXEL 
_diffrn_detector.diffrn_id                    1 
_diffrn_detector.type                         'DECTRIS PILATUS 6M' 
_diffrn_detector.area_resol_mean              ? 
_diffrn_detector.dtime                        ? 
_diffrn_detector.pdbx_frames_total            ? 
_diffrn_detector.pdbx_collection_time_total   ? 
_diffrn_detector.pdbx_collection_date         2019-08-04 
_diffrn_detector.pdbx_frequency               ? 
# 
_diffrn_radiation.collimation                      ? 
_diffrn_radiation.diffrn_id                        1 
_diffrn_radiation.filter_edge                      ? 
_diffrn_radiation.inhomogeneity                    ? 
_diffrn_radiation.monochromator                    ? 
_diffrn_radiation.polarisn_norm                    ? 
_diffrn_radiation.polarisn_ratio                   ? 
_diffrn_radiation.probe                            ? 
_diffrn_radiation.type                             ? 
_diffrn_radiation.xray_symbol                      ? 
_diffrn_radiation.wavelength_id                    1 
_diffrn_radiation.pdbx_monochromatic_or_laue_m_l   M 
_diffrn_radiation.pdbx_wavelength_list             ? 
_diffrn_radiation.pdbx_wavelength                  ? 
_diffrn_radiation.pdbx_diffrn_protocol             'SINGLE WAVELENGTH' 
_diffrn_radiation.pdbx_analyzer                    ? 
_diffrn_radiation.pdbx_scattering_type             x-ray 
# 
_diffrn_radiation_wavelength.id           1 
_diffrn_radiation_wavelength.wavelength   0.95397 
_diffrn_radiation_wavelength.wt           1.0 
# 
_diffrn_source.current                     ? 
_diffrn_source.details                     ? 
_diffrn_source.diffrn_id                   1 
_diffrn_source.power                       ? 
_diffrn_source.size                        ? 
_diffrn_source.source                      SYNCHROTRON 
_diffrn_source.target                      ? 
_diffrn_source.type                        'DIAMOND BEAMLINE I04-1' 
_diffrn_source.voltage                     ? 
_diffrn_source.take-off_angle              ? 
_diffrn_source.pdbx_wavelength_list        0.95397 
_diffrn_source.pdbx_wavelength             ? 
_diffrn_source.pdbx_synchrotron_beamline   I04-1 
_diffrn_source.pdbx_synchrotron_site       Diamond 
# 
_reflns.B_iso_Wilson_estimate                          ? 
_reflns.entry_id                                       7ZA9 
_reflns.data_reduction_details                         ? 
_reflns.data_reduction_method                          ? 
_reflns.d_resolution_high                              1.05 
_reflns.d_resolution_low                               39.65 
_reflns.details                                        ? 
_reflns.limit_h_max                                    ? 
_reflns.limit_h_min                                    ? 
_reflns.limit_k_max                                    ? 
_reflns.limit_k_min                                    ? 
_reflns.limit_l_max                                    ? 
_reflns.limit_l_min                                    ? 
_reflns.number_all                                     ? 
_reflns.number_obs                                     54042 
_reflns.observed_criterion                             ? 
_reflns.observed_criterion_F_max                       ? 
_reflns.observed_criterion_F_min                       ? 
_reflns.observed_criterion_I_max                       ? 
_reflns.observed_criterion_I_min                       ? 
_reflns.observed_criterion_sigma_F                     ? 
_reflns.observed_criterion_sigma_I                     ? 
_reflns.percent_possible_obs                           87.9 
_reflns.R_free_details                                 ? 
_reflns.Rmerge_F_all                                   ? 
_reflns.Rmerge_F_obs                                   ? 
_reflns.Friedel_coverage                               ? 
_reflns.number_gt                                      ? 
_reflns.threshold_expression                           ? 
_reflns.pdbx_redundancy                                6.3 
_reflns.pdbx_Rmerge_I_obs                              0.047 
_reflns.pdbx_Rmerge_I_all                              ? 
_reflns.pdbx_Rsym_value                                ? 
_reflns.pdbx_netI_over_av_sigmaI                       ? 
_reflns.pdbx_netI_over_sigmaI                          13.9 
_reflns.pdbx_res_netI_over_av_sigmaI_2                 ? 
_reflns.pdbx_res_netI_over_sigmaI_2                    ? 
_reflns.pdbx_chi_squared                               ? 
_reflns.pdbx_scaling_rejects                           ? 
_reflns.pdbx_d_res_high_opt                            ? 
_reflns.pdbx_d_res_low_opt                             ? 
_reflns.pdbx_d_res_opt_method                          ? 
_reflns.phase_calculation_details                      ? 
_reflns.pdbx_Rrim_I_all                                0.055 
_reflns.pdbx_Rpim_I_all                                0.029 
_reflns.pdbx_d_opt                                     ? 
_reflns.pdbx_number_measured_all                       ? 
_reflns.pdbx_diffrn_id                                 1 
_reflns.pdbx_ordinal                                   1 
_reflns.pdbx_CC_half                                   0.999 
_reflns.pdbx_CC_star                                   ? 
_reflns.pdbx_R_split                                   ? 
_reflns.pdbx_aniso_diffraction_limit_axis_1_ortho[1]   ? 
_reflns.pdbx_aniso_diffraction_limit_axis_1_ortho[2]   ? 
_reflns.pdbx_aniso_diffraction_limit_axis_1_ortho[3]   ? 
_reflns.pdbx_aniso_diffraction_limit_axis_2_ortho[1]   ? 
_reflns.pdbx_aniso_diffraction_limit_axis_2_ortho[2]   ? 
_reflns.pdbx_aniso_diffraction_limit_axis_2_ortho[3]   ? 
_reflns.pdbx_aniso_diffraction_limit_axis_3_ortho[1]   ? 
_reflns.pdbx_aniso_diffraction_limit_axis_3_ortho[2]   ? 
_reflns.pdbx_aniso_diffraction_limit_axis_3_ortho[3]   ? 
_reflns.pdbx_aniso_diffraction_limit_1                 ? 
_reflns.pdbx_aniso_diffraction_limit_2                 ? 
_reflns.pdbx_aniso_diffraction_limit_3                 ? 
_reflns.pdbx_aniso_B_tensor_eigenvector_1_ortho[1]     ? 
_reflns.pdbx_aniso_B_tensor_eigenvector_1_ortho[2]     ? 
_reflns.pdbx_aniso_B_tensor_eigenvector_1_ortho[3]     ? 
_reflns.pdbx_aniso_B_tensor_eigenvector_2_ortho[1]     ? 
_reflns.pdbx_aniso_B_tensor_eigenvector_2_ortho[2]     ? 
_reflns.pdbx_aniso_B_tensor_eigenvector_2_ortho[3]     ? 
_reflns.pdbx_aniso_B_tensor_eigenvector_3_ortho[1]     ? 
_reflns.pdbx_aniso_B_tensor_eigenvector_3_ortho[2]     ? 
_reflns.pdbx_aniso_B_tensor_eigenvector_3_ortho[3]     ? 
_reflns.pdbx_aniso_B_tensor_eigenvalue_1               ? 
_reflns.pdbx_aniso_B_tensor_eigenvalue_2               ? 
_reflns.pdbx_aniso_B_tensor_eigenvalue_3               ? 
_reflns.pdbx_orthogonalization_convention              ? 
_reflns.pdbx_percent_possible_ellipsoidal              ? 
_reflns.pdbx_percent_possible_spherical                ? 
_reflns.pdbx_percent_possible_ellipsoidal_anomalous    ? 
_reflns.pdbx_percent_possible_spherical_anomalous      ? 
_reflns.pdbx_redundancy_anomalous                      ? 
_reflns.pdbx_CC_half_anomalous                         ? 
_reflns.pdbx_absDiff_over_sigma_anomalous              ? 
_reflns.pdbx_percent_possible_anomalous                ? 
_reflns.pdbx_observed_signal_threshold                 ? 
_reflns.pdbx_signal_type                               ? 
_reflns.pdbx_signal_details                            ? 
_reflns.pdbx_signal_software_id                        ? 
# 
loop_
_reflns_shell.d_res_high 
_reflns_shell.d_res_low 
_reflns_shell.meanI_over_sigI_all 
_reflns_shell.meanI_over_sigI_obs 
_reflns_shell.number_measured_all 
_reflns_shell.number_measured_obs 
_reflns_shell.number_possible 
_reflns_shell.number_unique_all 
_reflns_shell.number_unique_obs 
_reflns_shell.percent_possible_all 
_reflns_shell.percent_possible_obs 
_reflns_shell.Rmerge_F_all 
_reflns_shell.Rmerge_F_obs 
_reflns_shell.Rmerge_I_all 
_reflns_shell.Rmerge_I_obs 
_reflns_shell.meanI_over_sigI_gt 
_reflns_shell.meanI_over_uI_all 
_reflns_shell.meanI_over_uI_gt 
_reflns_shell.number_measured_gt 
_reflns_shell.number_unique_gt 
_reflns_shell.percent_possible_gt 
_reflns_shell.Rmerge_F_gt 
_reflns_shell.Rmerge_I_gt 
_reflns_shell.pdbx_redundancy 
_reflns_shell.pdbx_Rsym_value 
_reflns_shell.pdbx_chi_squared 
_reflns_shell.pdbx_netI_over_sigmaI_all 
_reflns_shell.pdbx_netI_over_sigmaI_obs 
_reflns_shell.pdbx_Rrim_I_all 
_reflns_shell.pdbx_Rpim_I_all 
_reflns_shell.pdbx_rejects 
_reflns_shell.pdbx_ordinal 
_reflns_shell.pdbx_diffrn_id 
_reflns_shell.pdbx_CC_half 
_reflns_shell.pdbx_CC_star 
_reflns_shell.pdbx_R_split 
_reflns_shell.pdbx_percent_possible_ellipsoidal 
_reflns_shell.pdbx_percent_possible_spherical 
_reflns_shell.pdbx_percent_possible_ellipsoidal_anomalous 
_reflns_shell.pdbx_percent_possible_spherical_anomalous 
_reflns_shell.pdbx_redundancy_anomalous 
_reflns_shell.pdbx_CC_half_anomalous 
_reflns_shell.pdbx_absDiff_over_sigma_anomalous 
_reflns_shell.pdbx_percent_possible_anomalous 
5.75 39.65 ? ? ? ? ? ? 460  ? ? ? ? ? 0.040 ? ? ? ? ? ? ? ? 6.0 ? ? ? ? 0.047 0.024 ? 1 1 0.992 ? ? ? ? ? ? ? ? ? ? 
1.05 1.07  ? ? ? ? ? ? 1353 ? ? ? ? ? 1.190 ? ? ? ? ? ? ? ? 3.2 ? ? ? ? 1.541 0.967 ? 2 1 0.314 ? ? ? ? ? ? ? ? ? ? 
# 
_refine.aniso_B[1][1]                            0.465 
_refine.aniso_B[1][2]                            0.000 
_refine.aniso_B[1][3]                            -0.000 
_refine.aniso_B[2][2]                            -0.565 
_refine.aniso_B[2][3]                            0.000 
_refine.aniso_B[3][3]                            0.100 
_refine.B_iso_max                                ? 
_refine.B_iso_mean                               14.939 
_refine.B_iso_min                                ? 
_refine.correlation_coeff_Fo_to_Fc               0.957 
_refine.correlation_coeff_Fo_to_Fc_free          0.950 
_refine.details                                  'Hydrogens have been added in their riding positions' 
_refine.diff_density_max                         ? 
_refine.diff_density_max_esd                     ? 
_refine.diff_density_min                         ? 
_refine.diff_density_min_esd                     ? 
_refine.diff_density_rms                         ? 
_refine.diff_density_rms_esd                     ? 
_refine.entry_id                                 7ZA9 
_refine.pdbx_refine_id                           'X-RAY DIFFRACTION' 
_refine.ls_abs_structure_details                 ? 
_refine.ls_abs_structure_Flack                   ? 
_refine.ls_abs_structure_Flack_esd               ? 
_refine.ls_abs_structure_Rogers                  ? 
_refine.ls_abs_structure_Rogers_esd              ? 
_refine.ls_d_res_high                            1.050 
_refine.ls_d_res_low                             39.65 
_refine.ls_extinction_coef                       ? 
_refine.ls_extinction_coef_esd                   ? 
_refine.ls_extinction_expression                 ? 
_refine.ls_extinction_method                     ? 
_refine.ls_goodness_of_fit_all                   ? 
_refine.ls_goodness_of_fit_all_esd               ? 
_refine.ls_goodness_of_fit_obs                   ? 
_refine.ls_goodness_of_fit_obs_esd               ? 
_refine.ls_hydrogen_treatment                    ? 
_refine.ls_matrix_type                           ? 
_refine.ls_number_constraints                    ? 
_refine.ls_number_parameters                     ? 
_refine.ls_number_reflns_all                     ? 
_refine.ls_number_reflns_obs                     53987 
_refine.ls_number_reflns_R_free                  2661 
_refine.ls_number_reflns_R_work                  51326 
_refine.ls_number_restraints                     ? 
_refine.ls_percent_reflns_obs                    87.495 
_refine.ls_percent_reflns_R_free                 4.929 
_refine.ls_R_factor_all                          0.206 
_refine.ls_R_factor_obs                          ? 
_refine.ls_R_factor_R_free                       0.2235 
_refine.ls_R_factor_R_free_error                 ? 
_refine.ls_R_factor_R_free_error_details         ? 
_refine.ls_R_factor_R_work                       0.2053 
_refine.ls_R_Fsqd_factor_obs                     ? 
_refine.ls_R_I_factor_obs                        ? 
_refine.ls_redundancy_reflns_all                 ? 
_refine.ls_redundancy_reflns_obs                 ? 
_refine.ls_restrained_S_all                      ? 
_refine.ls_restrained_S_obs                      ? 
_refine.ls_shift_over_esd_max                    ? 
_refine.ls_shift_over_esd_mean                   ? 
_refine.ls_structure_factor_coef                 ? 
_refine.ls_weighting_details                     ? 
_refine.ls_weighting_scheme                      ? 
_refine.ls_wR_factor_all                         ? 
_refine.ls_wR_factor_obs                         ? 
_refine.ls_wR_factor_R_free                      ? 
_refine.ls_wR_factor_R_work                      ? 
_refine.occupancy_max                            ? 
_refine.occupancy_min                            ? 
_refine.solvent_model_details                    'MASK BULK SOLVENT' 
_refine.solvent_model_param_bsol                 ? 
_refine.solvent_model_param_ksol                 ? 
_refine.pdbx_R_complete                          ? 
_refine.ls_R_factor_gt                           ? 
_refine.ls_goodness_of_fit_gt                    ? 
_refine.ls_goodness_of_fit_ref                   ? 
_refine.ls_shift_over_su_max                     ? 
_refine.ls_shift_over_su_max_lt                  ? 
_refine.ls_shift_over_su_mean                    ? 
_refine.ls_shift_over_su_mean_lt                 ? 
_refine.pdbx_ls_sigma_I                          ? 
_refine.pdbx_ls_sigma_F                          ? 
_refine.pdbx_ls_sigma_Fsqd                       ? 
_refine.pdbx_data_cutoff_high_absF               ? 
_refine.pdbx_data_cutoff_high_rms_absF           ? 
_refine.pdbx_data_cutoff_low_absF                ? 
_refine.pdbx_isotropic_thermal_model             ? 
_refine.pdbx_ls_cross_valid_method               'FREE R-VALUE' 
_refine.pdbx_method_to_determine_struct          'MOLECULAR REPLACEMENT' 
_refine.pdbx_starting_model                      5LRQ 
_refine.pdbx_stereochemistry_target_values       ? 
_refine.pdbx_R_Free_selection_details            ? 
_refine.pdbx_stereochem_target_val_spec_case     ? 
_refine.pdbx_overall_ESU_R                       0.038 
_refine.pdbx_overall_ESU_R_Free                  0.039 
_refine.pdbx_solvent_vdw_probe_radii             1.200 
_refine.pdbx_solvent_ion_probe_radii             0.800 
_refine.pdbx_solvent_shrinkage_radii             0.800 
_refine.pdbx_real_space_R                        ? 
_refine.pdbx_density_correlation                 ? 
_refine.pdbx_pd_number_of_powder_patterns        ? 
_refine.pdbx_pd_number_of_points                 ? 
_refine.pdbx_pd_meas_number_of_points            ? 
_refine.pdbx_pd_proc_ls_prof_R_factor            ? 
_refine.pdbx_pd_proc_ls_prof_wR_factor           ? 
_refine.pdbx_pd_Marquardt_correlation_coeff      ? 
_refine.pdbx_pd_Fsqrd_R_factor                   ? 
_refine.pdbx_pd_ls_matrix_band_width             ? 
_refine.pdbx_overall_phase_error                 ? 
_refine.pdbx_overall_SU_R_free_Cruickshank_DPI   ? 
_refine.pdbx_overall_SU_R_free_Blow_DPI          ? 
_refine.pdbx_overall_SU_R_Blow_DPI               ? 
_refine.pdbx_TLS_residual_ADP_flag               ? 
_refine.pdbx_diffrn_id                           1 
_refine.overall_SU_B                             0.610 
_refine.overall_SU_ML                            0.029 
_refine.overall_SU_R_Cruickshank_DPI             ? 
_refine.overall_SU_R_free                        ? 
_refine.overall_FOM_free_R_set                   ? 
_refine.overall_FOM_work_R_set                   ? 
_refine.pdbx_average_fsc_overall                 ? 
_refine.pdbx_average_fsc_work                    ? 
_refine.pdbx_average_fsc_free                    ? 
# 
_refine_hist.pdbx_refine_id                   'X-RAY DIFFRACTION' 
_refine_hist.cycle_id                         LAST 
_refine_hist.details                          ? 
_refine_hist.d_res_high                       1.050 
_refine_hist.d_res_low                        39.65 
_refine_hist.number_atoms_solvent             117 
_refine_hist.number_atoms_total               1231 
_refine_hist.number_reflns_all                ? 
_refine_hist.number_reflns_obs                ? 
_refine_hist.number_reflns_R_free             ? 
_refine_hist.number_reflns_R_work             ? 
_refine_hist.R_factor_all                     ? 
_refine_hist.R_factor_obs                     ? 
_refine_hist.R_factor_R_free                  ? 
_refine_hist.R_factor_R_work                  ? 
_refine_hist.pdbx_number_residues_total       ? 
_refine_hist.pdbx_B_iso_mean_ligand           ? 
_refine_hist.pdbx_B_iso_mean_solvent          ? 
_refine_hist.pdbx_number_atoms_protein        1076 
_refine_hist.pdbx_number_atoms_nucleic_acid   0 
_refine_hist.pdbx_number_atoms_ligand         38 
_refine_hist.pdbx_number_atoms_lipid          ? 
_refine_hist.pdbx_number_atoms_carb           ? 
_refine_hist.pdbx_pseudo_atom_details         ? 
# 
loop_
_refine_ls_restr.pdbx_refine_id 
_refine_ls_restr.criterion 
_refine_ls_restr.dev_ideal 
_refine_ls_restr.dev_ideal_target 
_refine_ls_restr.number 
_refine_ls_restr.rejects 
_refine_ls_restr.type 
_refine_ls_restr.weight 
_refine_ls_restr.pdbx_restraint_function 
'X-RAY DIFFRACTION' ? 0.011  0.012  1172 ? r_bond_refined_d               ? ? 
'X-RAY DIFFRACTION' ? 1.891  1.652  1592 ? r_angle_refined_deg            ? ? 
'X-RAY DIFFRACTION' ? 5.656  5.000  136  ? r_dihedral_angle_1_deg         ? ? 
'X-RAY DIFFRACTION' ? 36.165 25.000 58   ? r_dihedral_angle_2_deg         ? ? 
'X-RAY DIFFRACTION' ? 12.138 15.000 205  ? r_dihedral_angle_3_deg         ? ? 
'X-RAY DIFFRACTION' ? 23.753 15.000 3    ? r_dihedral_angle_4_deg         ? ? 
'X-RAY DIFFRACTION' ? 0.132  0.200  147  ? r_chiral_restr                 ? ? 
'X-RAY DIFFRACTION' ? 0.012  0.020  895  ? r_gen_planes_refined           ? ? 
'X-RAY DIFFRACTION' ? 0.234  0.200  559  ? r_nbd_refined                  ? ? 
'X-RAY DIFFRACTION' ? 0.325  0.200  805  ? r_nbtor_refined                ? ? 
'X-RAY DIFFRACTION' ? 0.194  0.200  94   ? r_xyhbond_nbd_refined          ? ? 
'X-RAY DIFFRACTION' ? 0.223  0.200  63   ? r_symmetry_nbd_refined         ? ? 
'X-RAY DIFFRACTION' ? 0.253  0.200  20   ? r_symmetry_xyhbond_nbd_refined ? ? 
'X-RAY DIFFRACTION' ? 1.263  1.125  532  ? r_mcbond_it                    ? ? 
'X-RAY DIFFRACTION' ? 1.789  1.692  669  ? r_mcangle_it                   ? ? 
'X-RAY DIFFRACTION' ? 2.699  1.445  640  ? r_scbond_it                    ? ? 
'X-RAY DIFFRACTION' ? 3.693  2.055  922  ? r_scangle_it                   ? ? 
'X-RAY DIFFRACTION' ? 5.130  17.511 1860 ? r_lrange_it                    ? ? 
# 
loop_
_refine_ls_shell.pdbx_refine_id 
_refine_ls_shell.d_res_high 
_refine_ls_shell.d_res_low 
_refine_ls_shell.number_reflns_all 
_refine_ls_shell.number_reflns_obs 
_refine_ls_shell.number_reflns_R_free 
_refine_ls_shell.number_reflns_R_work 
_refine_ls_shell.percent_reflns_obs 
_refine_ls_shell.percent_reflns_R_free 
_refine_ls_shell.R_factor_all 
_refine_ls_shell.R_factor_obs 
_refine_ls_shell.R_factor_R_free 
_refine_ls_shell.R_factor_R_free_error 
_refine_ls_shell.R_factor_R_work 
_refine_ls_shell.redundancy_reflns_all 
_refine_ls_shell.redundancy_reflns_obs 
_refine_ls_shell.wR_factor_all 
_refine_ls_shell.wR_factor_obs 
_refine_ls_shell.wR_factor_R_free 
_refine_ls_shell.wR_factor_R_work 
_refine_ls_shell.pdbx_R_complete 
_refine_ls_shell.pdbx_total_number_of_bins_used 
_refine_ls_shell.pdbx_phase_error 
_refine_ls_shell.pdbx_fsc_work 
_refine_ls_shell.pdbx_fsc_free 
'X-RAY DIFFRACTION' 1.050 1.077 . . 117 1972 46.6191  . . . 0.330 . 0.344 . . . . . . . . . . . 
'X-RAY DIFFRACTION' 1.077 1.107 . . 113 2364 56.6171  . . . 0.310 . 0.309 . . . . . . . . . . . 
'X-RAY DIFFRACTION' 1.107 1.139 . . 137 2769 67.9289  . . . 0.292 . 0.274 . . . . . . . . . . . 
'X-RAY DIFFRACTION' 1.139 1.174 . . 143 3076 77.1387  . . . 0.284 . 0.253 . . . . . . . . . . . 
'X-RAY DIFFRACTION' 1.174 1.212 . . 181 3347 88.0679  . . . 0.237 . 0.238 . . . . . . . . . . . 
'X-RAY DIFFRACTION' 1.212 1.255 . . 205 3595 96.9388  . . . 0.238 . 0.226 . . . . . . . . . . . 
'X-RAY DIFFRACTION' 1.255 1.302 . . 168 3481 97.1254  . . . 0.221 . 0.214 . . . . . . . . . . . 
'X-RAY DIFFRACTION' 1.302 1.355 . . 183 3341 96.7335  . . . 0.228 . 0.196 . . . . . . . . . . . 
'X-RAY DIFFRACTION' 1.355 1.416 . . 171 3262 98.6778  . . . 0.228 . 0.192 . . . . . . . . . . . 
'X-RAY DIFFRACTION' 1.416 1.485 . . 156 3132 98.4136  . . . 0.235 . 0.187 . . . . . . . . . . . 
'X-RAY DIFFRACTION' 1.485 1.565 . . 131 2987 98.2666  . . . 0.214 . 0.179 . . . . . . . . . . . 
'X-RAY DIFFRACTION' 1.565 1.660 . . 161 2847 99.1430  . . . 0.226 . 0.176 . . . . . . . . . . . 
'X-RAY DIFFRACTION' 1.660 1.775 . . 128 2680 99.1175  . . . 0.189 . 0.182 . . . . . . . . . . . 
'X-RAY DIFFRACTION' 1.775 1.917 . . 136 2511 99.1386  . . . 0.233 . 0.186 . . . . . . . . . . . 
'X-RAY DIFFRACTION' 1.917 2.099 . . 111 2337 99.5527  . . . 0.216 . 0.193 . . . . . . . . . . . 
'X-RAY DIFFRACTION' 2.099 2.347 . . 110 2109 99.8650  . . . 0.193 . 0.190 . . . . . . . . . . . 
'X-RAY DIFFRACTION' 2.347 2.710 . . 100 1897 99.9500  . . . 0.203 . 0.208 . . . . . . . . . . . 
'X-RAY DIFFRACTION' 2.710 3.318 . . 89  1596 99.6452  . . . 0.175 . 0.209 . . . . . . . . . . . 
'X-RAY DIFFRACTION' 3.318 4.688 . . 74  1274 100.0000 . . . 0.252 . 0.187 . . . . . . . . . . . 
'X-RAY DIFFRACTION' 4.688 39.65 . . 47  749  99.7494  . . . 0.274 . 0.285 . . . . . . . . . . . 
# 
_struct.entry_id                     7ZA9 
_struct.title                        'BRD4 in complex with FragLite7' 
_struct.pdbx_model_details           ? 
_struct.pdbx_formula_weight          ? 
_struct.pdbx_formula_weight_method   ? 
_struct.pdbx_model_type_details      ? 
_struct.pdbx_CASP_flag               N 
# 
_struct_keywords.entry_id        7ZA9 
_struct_keywords.text            'BRD4, INHIBITOR, FRAGMENT, BROMODOMAIN, FRAGLITE, TRANSCRIPTION' 
_struct_keywords.pdbx_keywords   TRANSCRIPTION 
# 
loop_
_struct_asym.id 
_struct_asym.pdbx_blank_PDB_chainid_flag 
_struct_asym.pdbx_modified 
_struct_asym.entity_id 
_struct_asym.details 
A N N 1 ? 
B N N 2 ? 
C N N 2 ? 
D N N 2 ? 
E N N 2 ? 
F N N 2 ? 
G N N 3 ? 
H N N 4 ? 
# 
_struct_ref.id                         1 
_struct_ref.db_name                    UNP 
_struct_ref.db_code                    BRD4-2_HUMAN 
_struct_ref.pdbx_db_accession          O60885-2 
_struct_ref.pdbx_db_isoform            ? 
_struct_ref.entity_id                  1 
_struct_ref.pdbx_seq_one_letter_code   
;NPPPPETSNPNKPKRQTNQLQYLLRVVLKTLWKHQFAWPFQQPVDAVKLNLPDYYKIIKTPMDMGTIKKRLENNYYWNAQ
ECIQDFNTMFTNCYIYNKPGDDIVLMAEALEKLFLQKINELPTEE
;
_struct_ref.pdbx_align_begin           44 
# 
_struct_ref_seq.align_id                      1 
_struct_ref_seq.ref_id                        1 
_struct_ref_seq.pdbx_PDB_id_code              7ZA9 
_struct_ref_seq.pdbx_strand_id                AAA 
_struct_ref_seq.seq_align_beg                 5 
_struct_ref_seq.pdbx_seq_align_beg_ins_code   ? 
_struct_ref_seq.seq_align_end                 129 
_struct_ref_seq.pdbx_seq_align_end_ins_code   ? 
_struct_ref_seq.pdbx_db_accession             O60885-2 
_struct_ref_seq.db_align_beg                  44 
_struct_ref_seq.pdbx_db_align_beg_ins_code    ? 
_struct_ref_seq.db_align_end                  168 
_struct_ref_seq.pdbx_db_align_end_ins_code    ? 
_struct_ref_seq.pdbx_auth_seq_align_beg       44 
_struct_ref_seq.pdbx_auth_seq_align_end       168 
# 
loop_
_struct_ref_seq_dif.align_id 
_struct_ref_seq_dif.pdbx_pdb_id_code 
_struct_ref_seq_dif.mon_id 
_struct_ref_seq_dif.pdbx_pdb_strand_id 
_struct_ref_seq_dif.seq_num 
_struct_ref_seq_dif.pdbx_pdb_ins_code 
_struct_ref_seq_dif.pdbx_seq_db_name 
_struct_ref_seq_dif.pdbx_seq_db_accession_code 
_struct_ref_seq_dif.db_mon_id 
_struct_ref_seq_dif.pdbx_seq_db_seq_num 
_struct_ref_seq_dif.details 
_struct_ref_seq_dif.pdbx_auth_seq_num 
_struct_ref_seq_dif.pdbx_ordinal 
1 7ZA9 GLY AAA 1 ? UNP O60885-2 ? ? 'expression tag' 40 1 
1 7ZA9 SER AAA 2 ? UNP O60885-2 ? ? 'expression tag' 41 2 
1 7ZA9 HIS AAA 3 ? UNP O60885-2 ? ? 'expression tag' 42 3 
1 7ZA9 MET AAA 4 ? UNP O60885-2 ? ? 'expression tag' 43 4 
# 
_pdbx_struct_assembly.id                   1 
_pdbx_struct_assembly.details              author_defined_assembly 
_pdbx_struct_assembly.method_details       ? 
_pdbx_struct_assembly.oligomeric_details   monomeric 
_pdbx_struct_assembly.oligomeric_count     1 
# 
_pdbx_struct_assembly_gen.assembly_id       1 
_pdbx_struct_assembly_gen.oper_expression   1 
_pdbx_struct_assembly_gen.asym_id_list      A,B,C,D,E,F,G,H 
# 
_pdbx_struct_assembly_auth_evidence.id                     1 
_pdbx_struct_assembly_auth_evidence.assembly_id            1 
_pdbx_struct_assembly_auth_evidence.experimental_support   'gel filtration' 
_pdbx_struct_assembly_auth_evidence.details                ? 
# 
_pdbx_struct_oper_list.id                   1 
_pdbx_struct_oper_list.type                 'identity operation' 
_pdbx_struct_oper_list.name                 1_555 
_pdbx_struct_oper_list.symmetry_operation   x,y,z 
_pdbx_struct_oper_list.matrix[1][1]         1.0000000000 
_pdbx_struct_oper_list.matrix[1][2]         0.0000000000 
_pdbx_struct_oper_list.matrix[1][3]         0.0000000000 
_pdbx_struct_oper_list.vector[1]            0.0000000000 
_pdbx_struct_oper_list.matrix[2][1]         0.0000000000 
_pdbx_struct_oper_list.matrix[2][2]         1.0000000000 
_pdbx_struct_oper_list.matrix[2][3]         0.0000000000 
_pdbx_struct_oper_list.vector[2]            0.0000000000 
_pdbx_struct_oper_list.matrix[3][1]         0.0000000000 
_pdbx_struct_oper_list.matrix[3][2]         0.0000000000 
_pdbx_struct_oper_list.matrix[3][3]         1.0000000000 
_pdbx_struct_oper_list.vector[3]            0.0000000000 
# 
loop_
_struct_conf.conf_type_id 
_struct_conf.id 
_struct_conf.pdbx_PDB_helix_id 
_struct_conf.beg_label_comp_id 
_struct_conf.beg_label_asym_id 
_struct_conf.beg_label_seq_id 
_struct_conf.pdbx_beg_PDB_ins_code 
_struct_conf.end_label_comp_id 
_struct_conf.end_label_asym_id 
_struct_conf.end_label_seq_id 
_struct_conf.pdbx_end_PDB_ins_code 
_struct_conf.beg_auth_comp_id 
_struct_conf.beg_auth_asym_id 
_struct_conf.beg_auth_seq_id 
_struct_conf.end_auth_comp_id 
_struct_conf.end_auth_asym_id 
_struct_conf.end_auth_seq_id 
_struct_conf.pdbx_PDB_helix_class 
_struct_conf.details 
_struct_conf.pdbx_PDB_helix_length 
HELX_P HELX_P1 AA1 THR A 21  ? VAL A 30  ? THR AAA 60  VAL AAA 69  1 ? 10 
HELX_P HELX_P2 AA2 VAL A 30  ? LYS A 37  ? VAL AAA 69  LYS AAA 76  1 ? 8  
HELX_P HELX_P3 AA3 ALA A 41  ? GLN A 45  ? ALA AAA 80  GLN AAA 84  5 ? 5  
HELX_P HELX_P4 AA4 ASP A 57  ? ILE A 62  ? ASP AAA 96  ILE AAA 101 1 ? 6  
HELX_P HELX_P5 AA5 ASP A 67  ? ASN A 77  ? ASP AAA 106 ASN AAA 116 1 ? 11 
HELX_P HELX_P6 AA6 ASN A 82  ? ASN A 101 ? ASN AAA 121 ASN AAA 140 1 ? 20 
HELX_P HELX_P7 AA7 ASP A 105 ? GLU A 124 ? ASP AAA 144 GLU AAA 163 1 ? 20 
# 
_struct_conf_type.id          HELX_P 
_struct_conf_type.criteria    ? 
_struct_conf_type.reference   ? 
# 
loop_
_pdbx_validate_close_contact.id 
_pdbx_validate_close_contact.PDB_model_num 
_pdbx_validate_close_contact.auth_atom_id_1 
_pdbx_validate_close_contact.auth_asym_id_1 
_pdbx_validate_close_contact.auth_comp_id_1 
_pdbx_validate_close_contact.auth_seq_id_1 
_pdbx_validate_close_contact.PDB_ins_code_1 
_pdbx_validate_close_contact.label_alt_id_1 
_pdbx_validate_close_contact.auth_atom_id_2 
_pdbx_validate_close_contact.auth_asym_id_2 
_pdbx_validate_close_contact.auth_comp_id_2 
_pdbx_validate_close_contact.auth_seq_id_2 
_pdbx_validate_close_contact.PDB_ins_code_2 
_pdbx_validate_close_contact.label_alt_id_2 
_pdbx_validate_close_contact.dist 
1 1 O2  AAA GOL 202 ? ? O AAA HOH 301 ? ? 1.77 
2 1 O   AAA HOH 307 ? ? O AAA HOH 358 ? ? 1.78 
3 1 OE2 AAA GLU 167 ? ? O AAA HOH 302 ? ? 2.16 
# 
_pdbx_validate_torsion.id              1 
_pdbx_validate_torsion.PDB_model_num   1 
_pdbx_validate_torsion.auth_comp_id    ASN 
_pdbx_validate_torsion.auth_asym_id    AAA 
_pdbx_validate_torsion.auth_seq_id     52 
_pdbx_validate_torsion.PDB_ins_code    ? 
_pdbx_validate_torsion.label_alt_id    ? 
_pdbx_validate_torsion.phi             -168.20 
_pdbx_validate_torsion.psi             106.77 
# 
_pdbx_entry_details.entry_id                 7ZA9 
_pdbx_entry_details.has_ligand_of_interest   Y 
_pdbx_entry_details.compound_details         ? 
_pdbx_entry_details.source_details           ? 
_pdbx_entry_details.nonpolymer_details       ? 
_pdbx_entry_details.sequence_details         ? 
# 
loop_
_chem_comp_atom.comp_id 
_chem_comp_atom.atom_id 
_chem_comp_atom.type_symbol 
_chem_comp_atom.pdbx_aromatic_flag 
_chem_comp_atom.pdbx_stereo_config 
_chem_comp_atom.pdbx_ordinal 
ALA N    N N N 1   
ALA CA   C N S 2   
ALA C    C N N 3   
ALA O    O N N 4   
ALA CB   C N N 5   
ALA OXT  O N N 6   
ALA H    H N N 7   
ALA H2   H N N 8   
ALA HA   H N N 9   
ALA HB1  H N N 10  
ALA HB2  H N N 11  
ALA HB3  H N N 12  
ALA HXT  H N N 13  
ARG N    N N N 14  
ARG CA   C N S 15  
ARG C    C N N 16  
ARG O    O N N 17  
ARG CB   C N N 18  
ARG CG   C N N 19  
ARG CD   C N N 20  
ARG NE   N N N 21  
ARG CZ   C N N 22  
ARG NH1  N N N 23  
ARG NH2  N N N 24  
ARG OXT  O N N 25  
ARG H    H N N 26  
ARG H2   H N N 27  
ARG HA   H N N 28  
ARG HB2  H N N 29  
ARG HB3  H N N 30  
ARG HG2  H N N 31  
ARG HG3  H N N 32  
ARG HD2  H N N 33  
ARG HD3  H N N 34  
ARG HE   H N N 35  
ARG HH11 H N N 36  
ARG HH12 H N N 37  
ARG HH21 H N N 38  
ARG HH22 H N N 39  
ARG HXT  H N N 40  
ASN N    N N N 41  
ASN CA   C N S 42  
ASN C    C N N 43  
ASN O    O N N 44  
ASN CB   C N N 45  
ASN CG   C N N 46  
ASN OD1  O N N 47  
ASN ND2  N N N 48  
ASN OXT  O N N 49  
ASN H    H N N 50  
ASN H2   H N N 51  
ASN HA   H N N 52  
ASN HB2  H N N 53  
ASN HB3  H N N 54  
ASN HD21 H N N 55  
ASN HD22 H N N 56  
ASN HXT  H N N 57  
ASP N    N N N 58  
ASP CA   C N S 59  
ASP C    C N N 60  
ASP O    O N N 61  
ASP CB   C N N 62  
ASP CG   C N N 63  
ASP OD1  O N N 64  
ASP OD2  O N N 65  
ASP OXT  O N N 66  
ASP H    H N N 67  
ASP H2   H N N 68  
ASP HA   H N N 69  
ASP HB2  H N N 70  
ASP HB3  H N N 71  
ASP HD2  H N N 72  
ASP HXT  H N N 73  
CYS N    N N N 74  
CYS CA   C N R 75  
CYS C    C N N 76  
CYS O    O N N 77  
CYS CB   C N N 78  
CYS SG   S N N 79  
CYS OXT  O N N 80  
CYS H    H N N 81  
CYS H2   H N N 82  
CYS HA   H N N 83  
CYS HB2  H N N 84  
CYS HB3  H N N 85  
CYS HG   H N N 86  
CYS HXT  H N N 87  
GLN N    N N N 88  
GLN CA   C N S 89  
GLN C    C N N 90  
GLN O    O N N 91  
GLN CB   C N N 92  
GLN CG   C N N 93  
GLN CD   C N N 94  
GLN OE1  O N N 95  
GLN NE2  N N N 96  
GLN OXT  O N N 97  
GLN H    H N N 98  
GLN H2   H N N 99  
GLN HA   H N N 100 
GLN HB2  H N N 101 
GLN HB3  H N N 102 
GLN HG2  H N N 103 
GLN HG3  H N N 104 
GLN HE21 H N N 105 
GLN HE22 H N N 106 
GLN HXT  H N N 107 
GLU N    N N N 108 
GLU CA   C N S 109 
GLU C    C N N 110 
GLU O    O N N 111 
GLU CB   C N N 112 
GLU CG   C N N 113 
GLU CD   C N N 114 
GLU OE1  O N N 115 
GLU OE2  O N N 116 
GLU OXT  O N N 117 
GLU H    H N N 118 
GLU H2   H N N 119 
GLU HA   H N N 120 
GLU HB2  H N N 121 
GLU HB3  H N N 122 
GLU HG2  H N N 123 
GLU HG3  H N N 124 
GLU HE2  H N N 125 
GLU HXT  H N N 126 
GLY N    N N N 127 
GLY CA   C N N 128 
GLY C    C N N 129 
GLY O    O N N 130 
GLY OXT  O N N 131 
GLY H    H N N 132 
GLY H2   H N N 133 
GLY HA2  H N N 134 
GLY HA3  H N N 135 
GLY HXT  H N N 136 
GOL C1   C N N 137 
GOL O1   O N N 138 
GOL C2   C N N 139 
GOL O2   O N N 140 
GOL C3   C N N 141 
GOL O3   O N N 142 
GOL H11  H N N 143 
GOL H12  H N N 144 
GOL HO1  H N N 145 
GOL H2   H N N 146 
GOL HO2  H N N 147 
GOL H31  H N N 148 
GOL H32  H N N 149 
GOL HO3  H N N 150 
HHQ C4   C N N 151 
HHQ C5   C N N 152 
HHQ N1   N N N 153 
HHQ C3   C N N 154 
HHQ O1   O N N 155 
HHQ C1   C N N 156 
HHQ C2   C N N 157 
HHQ I1   I N N 158 
HHQ H1   H N N 159 
HHQ H2   H N N 160 
HHQ H3   H N N 161 
HHQ H4   H N N 162 
HIS N    N N N 163 
HIS CA   C N S 164 
HIS C    C N N 165 
HIS O    O N N 166 
HIS CB   C N N 167 
HIS CG   C Y N 168 
HIS ND1  N Y N 169 
HIS CD2  C Y N 170 
HIS CE1  C Y N 171 
HIS NE2  N Y N 172 
HIS OXT  O N N 173 
HIS H    H N N 174 
HIS H2   H N N 175 
HIS HA   H N N 176 
HIS HB2  H N N 177 
HIS HB3  H N N 178 
HIS HD1  H N N 179 
HIS HD2  H N N 180 
HIS HE1  H N N 181 
HIS HE2  H N N 182 
HIS HXT  H N N 183 
HOH O    O N N 184 
HOH H1   H N N 185 
HOH H2   H N N 186 
ILE N    N N N 187 
ILE CA   C N S 188 
ILE C    C N N 189 
ILE O    O N N 190 
ILE CB   C N S 191 
ILE CG1  C N N 192 
ILE CG2  C N N 193 
ILE CD1  C N N 194 
ILE OXT  O N N 195 
ILE H    H N N 196 
ILE H2   H N N 197 
ILE HA   H N N 198 
ILE HB   H N N 199 
ILE HG12 H N N 200 
ILE HG13 H N N 201 
ILE HG21 H N N 202 
ILE HG22 H N N 203 
ILE HG23 H N N 204 
ILE HD11 H N N 205 
ILE HD12 H N N 206 
ILE HD13 H N N 207 
ILE HXT  H N N 208 
LEU N    N N N 209 
LEU CA   C N S 210 
LEU C    C N N 211 
LEU O    O N N 212 
LEU CB   C N N 213 
LEU CG   C N N 214 
LEU CD1  C N N 215 
LEU CD2  C N N 216 
LEU OXT  O N N 217 
LEU H    H N N 218 
LEU H2   H N N 219 
LEU HA   H N N 220 
LEU HB2  H N N 221 
LEU HB3  H N N 222 
LEU HG   H N N 223 
LEU HD11 H N N 224 
LEU HD12 H N N 225 
LEU HD13 H N N 226 
LEU HD21 H N N 227 
LEU HD22 H N N 228 
LEU HD23 H N N 229 
LEU HXT  H N N 230 
LYS N    N N N 231 
LYS CA   C N S 232 
LYS C    C N N 233 
LYS O    O N N 234 
LYS CB   C N N 235 
LYS CG   C N N 236 
LYS CD   C N N 237 
LYS CE   C N N 238 
LYS NZ   N N N 239 
LYS OXT  O N N 240 
LYS H    H N N 241 
LYS H2   H N N 242 
LYS HA   H N N 243 
LYS HB2  H N N 244 
LYS HB3  H N N 245 
LYS HG2  H N N 246 
LYS HG3  H N N 247 
LYS HD2  H N N 248 
LYS HD3  H N N 249 
LYS HE2  H N N 250 
LYS HE3  H N N 251 
LYS HZ1  H N N 252 
LYS HZ2  H N N 253 
LYS HZ3  H N N 254 
LYS HXT  H N N 255 
MET N    N N N 256 
MET CA   C N S 257 
MET C    C N N 258 
MET O    O N N 259 
MET CB   C N N 260 
MET CG   C N N 261 
MET SD   S N N 262 
MET CE   C N N 263 
MET OXT  O N N 264 
MET H    H N N 265 
MET H2   H N N 266 
MET HA   H N N 267 
MET HB2  H N N 268 
MET HB3  H N N 269 
MET HG2  H N N 270 
MET HG3  H N N 271 
MET HE1  H N N 272 
MET HE2  H N N 273 
MET HE3  H N N 274 
MET HXT  H N N 275 
PHE N    N N N 276 
PHE CA   C N S 277 
PHE C    C N N 278 
PHE O    O N N 279 
PHE CB   C N N 280 
PHE CG   C Y N 281 
PHE CD1  C Y N 282 
PHE CD2  C Y N 283 
PHE CE1  C Y N 284 
PHE CE2  C Y N 285 
PHE CZ   C Y N 286 
PHE OXT  O N N 287 
PHE H    H N N 288 
PHE H2   H N N 289 
PHE HA   H N N 290 
PHE HB2  H N N 291 
PHE HB3  H N N 292 
PHE HD1  H N N 293 
PHE HD2  H N N 294 
PHE HE1  H N N 295 
PHE HE2  H N N 296 
PHE HZ   H N N 297 
PHE HXT  H N N 298 
PRO N    N N N 299 
PRO CA   C N S 300 
PRO C    C N N 301 
PRO O    O N N 302 
PRO CB   C N N 303 
PRO CG   C N N 304 
PRO CD   C N N 305 
PRO OXT  O N N 306 
PRO H    H N N 307 
PRO HA   H N N 308 
PRO HB2  H N N 309 
PRO HB3  H N N 310 
PRO HG2  H N N 311 
PRO HG3  H N N 312 
PRO HD2  H N N 313 
PRO HD3  H N N 314 
PRO HXT  H N N 315 
SER N    N N N 316 
SER CA   C N S 317 
SER C    C N N 318 
SER O    O N N 319 
SER CB   C N N 320 
SER OG   O N N 321 
SER OXT  O N N 322 
SER H    H N N 323 
SER H2   H N N 324 
SER HA   H N N 325 
SER HB2  H N N 326 
SER HB3  H N N 327 
SER HG   H N N 328 
SER HXT  H N N 329 
THR N    N N N 330 
THR CA   C N S 331 
THR C    C N N 332 
THR O    O N N 333 
THR CB   C N R 334 
THR OG1  O N N 335 
THR CG2  C N N 336 
THR OXT  O N N 337 
THR H    H N N 338 
THR H2   H N N 339 
THR HA   H N N 340 
THR HB   H N N 341 
THR HG1  H N N 342 
THR HG21 H N N 343 
THR HG22 H N N 344 
THR HG23 H N N 345 
THR HXT  H N N 346 
TRP N    N N N 347 
TRP CA   C N S 348 
TRP C    C N N 349 
TRP O    O N N 350 
TRP CB   C N N 351 
TRP CG   C Y N 352 
TRP CD1  C Y N 353 
TRP CD2  C Y N 354 
TRP NE1  N Y N 355 
TRP CE2  C Y N 356 
TRP CE3  C Y N 357 
TRP CZ2  C Y N 358 
TRP CZ3  C Y N 359 
TRP CH2  C Y N 360 
TRP OXT  O N N 361 
TRP H    H N N 362 
TRP H2   H N N 363 
TRP HA   H N N 364 
TRP HB2  H N N 365 
TRP HB3  H N N 366 
TRP HD1  H N N 367 
TRP HE1  H N N 368 
TRP HE3  H N N 369 
TRP HZ2  H N N 370 
TRP HZ3  H N N 371 
TRP HH2  H N N 372 
TRP HXT  H N N 373 
TYR N    N N N 374 
TYR CA   C N S 375 
TYR C    C N N 376 
TYR O    O N N 377 
TYR CB   C N N 378 
TYR CG   C Y N 379 
TYR CD1  C Y N 380 
TYR CD2  C Y N 381 
TYR CE1  C Y N 382 
TYR CE2  C Y N 383 
TYR CZ   C Y N 384 
TYR OH   O N N 385 
TYR OXT  O N N 386 
TYR H    H N N 387 
TYR H2   H N N 388 
TYR HA   H N N 389 
TYR HB2  H N N 390 
TYR HB3  H N N 391 
TYR HD1  H N N 392 
TYR HD2  H N N 393 
TYR HE1  H N N 394 
TYR HE2  H N N 395 
TYR HH   H N N 396 
TYR HXT  H N N 397 
VAL N    N N N 398 
VAL CA   C N S 399 
VAL C    C N N 400 
VAL O    O N N 401 
VAL CB   C N N 402 
VAL CG1  C N N 403 
VAL CG2  C N N 404 
VAL OXT  O N N 405 
VAL H    H N N 406 
VAL H2   H N N 407 
VAL HA   H N N 408 
VAL HB   H N N 409 
VAL HG11 H N N 410 
VAL HG12 H N N 411 
VAL HG13 H N N 412 
VAL HG21 H N N 413 
VAL HG22 H N N 414 
VAL HG23 H N N 415 
VAL HXT  H N N 416 
# 
loop_
_chem_comp_bond.comp_id 
_chem_comp_bond.atom_id_1 
_chem_comp_bond.atom_id_2 
_chem_comp_bond.value_order 
_chem_comp_bond.pdbx_aromatic_flag 
_chem_comp_bond.pdbx_stereo_config 
_chem_comp_bond.pdbx_ordinal 
ALA N   CA   sing N N 1   
ALA N   H    sing N N 2   
ALA N   H2   sing N N 3   
ALA CA  C    sing N N 4   
ALA CA  CB   sing N N 5   
ALA CA  HA   sing N N 6   
ALA C   O    doub N N 7   
ALA C   OXT  sing N N 8   
ALA CB  HB1  sing N N 9   
ALA CB  HB2  sing N N 10  
ALA CB  HB3  sing N N 11  
ALA OXT HXT  sing N N 12  
ARG N   CA   sing N N 13  
ARG N   H    sing N N 14  
ARG N   H2   sing N N 15  
ARG CA  C    sing N N 16  
ARG CA  CB   sing N N 17  
ARG CA  HA   sing N N 18  
ARG C   O    doub N N 19  
ARG C   OXT  sing N N 20  
ARG CB  CG   sing N N 21  
ARG CB  HB2  sing N N 22  
ARG CB  HB3  sing N N 23  
ARG CG  CD   sing N N 24  
ARG CG  HG2  sing N N 25  
ARG CG  HG3  sing N N 26  
ARG CD  NE   sing N N 27  
ARG CD  HD2  sing N N 28  
ARG CD  HD3  sing N N 29  
ARG NE  CZ   sing N N 30  
ARG NE  HE   sing N N 31  
ARG CZ  NH1  sing N N 32  
ARG CZ  NH2  doub N N 33  
ARG NH1 HH11 sing N N 34  
ARG NH1 HH12 sing N N 35  
ARG NH2 HH21 sing N N 36  
ARG NH2 HH22 sing N N 37  
ARG OXT HXT  sing N N 38  
ASN N   CA   sing N N 39  
ASN N   H    sing N N 40  
ASN N   H2   sing N N 41  
ASN CA  C    sing N N 42  
ASN CA  CB   sing N N 43  
ASN CA  HA   sing N N 44  
ASN C   O    doub N N 45  
ASN C   OXT  sing N N 46  
ASN CB  CG   sing N N 47  
ASN CB  HB2  sing N N 48  
ASN CB  HB3  sing N N 49  
ASN CG  OD1  doub N N 50  
ASN CG  ND2  sing N N 51  
ASN ND2 HD21 sing N N 52  
ASN ND2 HD22 sing N N 53  
ASN OXT HXT  sing N N 54  
ASP N   CA   sing N N 55  
ASP N   H    sing N N 56  
ASP N   H2   sing N N 57  
ASP CA  C    sing N N 58  
ASP CA  CB   sing N N 59  
ASP CA  HA   sing N N 60  
ASP C   O    doub N N 61  
ASP C   OXT  sing N N 62  
ASP CB  CG   sing N N 63  
ASP CB  HB2  sing N N 64  
ASP CB  HB3  sing N N 65  
ASP CG  OD1  doub N N 66  
ASP CG  OD2  sing N N 67  
ASP OD2 HD2  sing N N 68  
ASP OXT HXT  sing N N 69  
CYS N   CA   sing N N 70  
CYS N   H    sing N N 71  
CYS N   H2   sing N N 72  
CYS CA  C    sing N N 73  
CYS CA  CB   sing N N 74  
CYS CA  HA   sing N N 75  
CYS C   O    doub N N 76  
CYS C   OXT  sing N N 77  
CYS CB  SG   sing N N 78  
CYS CB  HB2  sing N N 79  
CYS CB  HB3  sing N N 80  
CYS SG  HG   sing N N 81  
CYS OXT HXT  sing N N 82  
GLN N   CA   sing N N 83  
GLN N   H    sing N N 84  
GLN N   H2   sing N N 85  
GLN CA  C    sing N N 86  
GLN CA  CB   sing N N 87  
GLN CA  HA   sing N N 88  
GLN C   O    doub N N 89  
GLN C   OXT  sing N N 90  
GLN CB  CG   sing N N 91  
GLN CB  HB2  sing N N 92  
GLN CB  HB3  sing N N 93  
GLN CG  CD   sing N N 94  
GLN CG  HG2  sing N N 95  
GLN CG  HG3  sing N N 96  
GLN CD  OE1  doub N N 97  
GLN CD  NE2  sing N N 98  
GLN NE2 HE21 sing N N 99  
GLN NE2 HE22 sing N N 100 
GLN OXT HXT  sing N N 101 
GLU N   CA   sing N N 102 
GLU N   H    sing N N 103 
GLU N   H2   sing N N 104 
GLU CA  C    sing N N 105 
GLU CA  CB   sing N N 106 
GLU CA  HA   sing N N 107 
GLU C   O    doub N N 108 
GLU C   OXT  sing N N 109 
GLU CB  CG   sing N N 110 
GLU CB  HB2  sing N N 111 
GLU CB  HB3  sing N N 112 
GLU CG  CD   sing N N 113 
GLU CG  HG2  sing N N 114 
GLU CG  HG3  sing N N 115 
GLU CD  OE1  doub N N 116 
GLU CD  OE2  sing N N 117 
GLU OE2 HE2  sing N N 118 
GLU OXT HXT  sing N N 119 
GLY N   CA   sing N N 120 
GLY N   H    sing N N 121 
GLY N   H2   sing N N 122 
GLY CA  C    sing N N 123 
GLY CA  HA2  sing N N 124 
GLY CA  HA3  sing N N 125 
GLY C   O    doub N N 126 
GLY C   OXT  sing N N 127 
GLY OXT HXT  sing N N 128 
GOL C1  O1   sing N N 129 
GOL C1  C2   sing N N 130 
GOL C1  H11  sing N N 131 
GOL C1  H12  sing N N 132 
GOL O1  HO1  sing N N 133 
GOL C2  O2   sing N N 134 
GOL C2  C3   sing N N 135 
GOL C2  H2   sing N N 136 
GOL O2  HO2  sing N N 137 
GOL C3  O3   sing N N 138 
GOL C3  H31  sing N N 139 
GOL C3  H32  sing N N 140 
GOL O3  HO3  sing N N 141 
HHQ N1  C5   doub N N 142 
HHQ N1  C1   sing N N 143 
HHQ O1  C1   doub N N 144 
HHQ C5  C4   sing N N 145 
HHQ C1  C2   sing N N 146 
HHQ C4  C3   doub N N 147 
HHQ C2  C3   sing N N 148 
HHQ C3  I1   sing N N 149 
HHQ C4  H1   sing N N 150 
HHQ C5  H2   sing N N 151 
HHQ C2  H3   sing N N 152 
HHQ C2  H4   sing N N 153 
HIS N   CA   sing N N 154 
HIS N   H    sing N N 155 
HIS N   H2   sing N N 156 
HIS CA  C    sing N N 157 
HIS CA  CB   sing N N 158 
HIS CA  HA   sing N N 159 
HIS C   O    doub N N 160 
HIS C   OXT  sing N N 161 
HIS CB  CG   sing N N 162 
HIS CB  HB2  sing N N 163 
HIS CB  HB3  sing N N 164 
HIS CG  ND1  sing Y N 165 
HIS CG  CD2  doub Y N 166 
HIS ND1 CE1  doub Y N 167 
HIS ND1 HD1  sing N N 168 
HIS CD2 NE2  sing Y N 169 
HIS CD2 HD2  sing N N 170 
HIS CE1 NE2  sing Y N 171 
HIS CE1 HE1  sing N N 172 
HIS NE2 HE2  sing N N 173 
HIS OXT HXT  sing N N 174 
HOH O   H1   sing N N 175 
HOH O   H2   sing N N 176 
ILE N   CA   sing N N 177 
ILE N   H    sing N N 178 
ILE N   H2   sing N N 179 
ILE CA  C    sing N N 180 
ILE CA  CB   sing N N 181 
ILE CA  HA   sing N N 182 
ILE C   O    doub N N 183 
ILE C   OXT  sing N N 184 
ILE CB  CG1  sing N N 185 
ILE CB  CG2  sing N N 186 
ILE CB  HB   sing N N 187 
ILE CG1 CD1  sing N N 188 
ILE CG1 HG12 sing N N 189 
ILE CG1 HG13 sing N N 190 
ILE CG2 HG21 sing N N 191 
ILE CG2 HG22 sing N N 192 
ILE CG2 HG23 sing N N 193 
ILE CD1 HD11 sing N N 194 
ILE CD1 HD12 sing N N 195 
ILE CD1 HD13 sing N N 196 
ILE OXT HXT  sing N N 197 
LEU N   CA   sing N N 198 
LEU N   H    sing N N 199 
LEU N   H2   sing N N 200 
LEU CA  C    sing N N 201 
LEU CA  CB   sing N N 202 
LEU CA  HA   sing N N 203 
LEU C   O    doub N N 204 
LEU C   OXT  sing N N 205 
LEU CB  CG   sing N N 206 
LEU CB  HB2  sing N N 207 
LEU CB  HB3  sing N N 208 
LEU CG  CD1  sing N N 209 
LEU CG  CD2  sing N N 210 
LEU CG  HG   sing N N 211 
LEU CD1 HD11 sing N N 212 
LEU CD1 HD12 sing N N 213 
LEU CD1 HD13 sing N N 214 
LEU CD2 HD21 sing N N 215 
LEU CD2 HD22 sing N N 216 
LEU CD2 HD23 sing N N 217 
LEU OXT HXT  sing N N 218 
LYS N   CA   sing N N 219 
LYS N   H    sing N N 220 
LYS N   H2   sing N N 221 
LYS CA  C    sing N N 222 
LYS CA  CB   sing N N 223 
LYS CA  HA   sing N N 224 
LYS C   O    doub N N 225 
LYS C   OXT  sing N N 226 
LYS CB  CG   sing N N 227 
LYS CB  HB2  sing N N 228 
LYS CB  HB3  sing N N 229 
LYS CG  CD   sing N N 230 
LYS CG  HG2  sing N N 231 
LYS CG  HG3  sing N N 232 
LYS CD  CE   sing N N 233 
LYS CD  HD2  sing N N 234 
LYS CD  HD3  sing N N 235 
LYS CE  NZ   sing N N 236 
LYS CE  HE2  sing N N 237 
LYS CE  HE3  sing N N 238 
LYS NZ  HZ1  sing N N 239 
LYS NZ  HZ2  sing N N 240 
LYS NZ  HZ3  sing N N 241 
LYS OXT HXT  sing N N 242 
MET N   CA   sing N N 243 
MET N   H    sing N N 244 
MET N   H2   sing N N 245 
MET CA  C    sing N N 246 
MET CA  CB   sing N N 247 
MET CA  HA   sing N N 248 
MET C   O    doub N N 249 
MET C   OXT  sing N N 250 
MET CB  CG   sing N N 251 
MET CB  HB2  sing N N 252 
MET CB  HB3  sing N N 253 
MET CG  SD   sing N N 254 
MET CG  HG2  sing N N 255 
MET CG  HG3  sing N N 256 
MET SD  CE   sing N N 257 
MET CE  HE1  sing N N 258 
MET CE  HE2  sing N N 259 
MET CE  HE3  sing N N 260 
MET OXT HXT  sing N N 261 
PHE N   CA   sing N N 262 
PHE N   H    sing N N 263 
PHE N   H2   sing N N 264 
PHE CA  C    sing N N 265 
PHE CA  CB   sing N N 266 
PHE CA  HA   sing N N 267 
PHE C   O    doub N N 268 
PHE C   OXT  sing N N 269 
PHE CB  CG   sing N N 270 
PHE CB  HB2  sing N N 271 
PHE CB  HB3  sing N N 272 
PHE CG  CD1  doub Y N 273 
PHE CG  CD2  sing Y N 274 
PHE CD1 CE1  sing Y N 275 
PHE CD1 HD1  sing N N 276 
PHE CD2 CE2  doub Y N 277 
PHE CD2 HD2  sing N N 278 
PHE CE1 CZ   doub Y N 279 
PHE CE1 HE1  sing N N 280 
PHE CE2 CZ   sing Y N 281 
PHE CE2 HE2  sing N N 282 
PHE CZ  HZ   sing N N 283 
PHE OXT HXT  sing N N 284 
PRO N   CA   sing N N 285 
PRO N   CD   sing N N 286 
PRO N   H    sing N N 287 
PRO CA  C    sing N N 288 
PRO CA  CB   sing N N 289 
PRO CA  HA   sing N N 290 
PRO C   O    doub N N 291 
PRO C   OXT  sing N N 292 
PRO CB  CG   sing N N 293 
PRO CB  HB2  sing N N 294 
PRO CB  HB3  sing N N 295 
PRO CG  CD   sing N N 296 
PRO CG  HG2  sing N N 297 
PRO CG  HG3  sing N N 298 
PRO CD  HD2  sing N N 299 
PRO CD  HD3  sing N N 300 
PRO OXT HXT  sing N N 301 
SER N   CA   sing N N 302 
SER N   H    sing N N 303 
SER N   H2   sing N N 304 
SER CA  C    sing N N 305 
SER CA  CB   sing N N 306 
SER CA  HA   sing N N 307 
SER C   O    doub N N 308 
SER C   OXT  sing N N 309 
SER CB  OG   sing N N 310 
SER CB  HB2  sing N N 311 
SER CB  HB3  sing N N 312 
SER OG  HG   sing N N 313 
SER OXT HXT  sing N N 314 
THR N   CA   sing N N 315 
THR N   H    sing N N 316 
THR N   H2   sing N N 317 
THR CA  C    sing N N 318 
THR CA  CB   sing N N 319 
THR CA  HA   sing N N 320 
THR C   O    doub N N 321 
THR C   OXT  sing N N 322 
THR CB  OG1  sing N N 323 
THR CB  CG2  sing N N 324 
THR CB  HB   sing N N 325 
THR OG1 HG1  sing N N 326 
THR CG2 HG21 sing N N 327 
THR CG2 HG22 sing N N 328 
THR CG2 HG23 sing N N 329 
THR OXT HXT  sing N N 330 
TRP N   CA   sing N N 331 
TRP N   H    sing N N 332 
TRP N   H2   sing N N 333 
TRP CA  C    sing N N 334 
TRP CA  CB   sing N N 335 
TRP CA  HA   sing N N 336 
TRP C   O    doub N N 337 
TRP C   OXT  sing N N 338 
TRP CB  CG   sing N N 339 
TRP CB  HB2  sing N N 340 
TRP CB  HB3  sing N N 341 
TRP CG  CD1  doub Y N 342 
TRP CG  CD2  sing Y N 343 
TRP CD1 NE1  sing Y N 344 
TRP CD1 HD1  sing N N 345 
TRP CD2 CE2  doub Y N 346 
TRP CD2 CE3  sing Y N 347 
TRP NE1 CE2  sing Y N 348 
TRP NE1 HE1  sing N N 349 
TRP CE2 CZ2  sing Y N 350 
TRP CE3 CZ3  doub Y N 351 
TRP CE3 HE3  sing N N 352 
TRP CZ2 CH2  doub Y N 353 
TRP CZ2 HZ2  sing N N 354 
TRP CZ3 CH2  sing Y N 355 
TRP CZ3 HZ3  sing N N 356 
TRP CH2 HH2  sing N N 357 
TRP OXT HXT  sing N N 358 
TYR N   CA   sing N N 359 
TYR N   H    sing N N 360 
TYR N   H2   sing N N 361 
TYR CA  C    sing N N 362 
TYR CA  CB   sing N N 363 
TYR CA  HA   sing N N 364 
TYR C   O    doub N N 365 
TYR C   OXT  sing N N 366 
TYR CB  CG   sing N N 367 
TYR CB  HB2  sing N N 368 
TYR CB  HB3  sing N N 369 
TYR CG  CD1  doub Y N 370 
TYR CG  CD2  sing Y N 371 
TYR CD1 CE1  sing Y N 372 
TYR CD1 HD1  sing N N 373 
TYR CD2 CE2  doub Y N 374 
TYR CD2 HD2  sing N N 375 
TYR CE1 CZ   doub Y N 376 
TYR CE1 HE1  sing N N 377 
TYR CE2 CZ   sing Y N 378 
TYR CE2 HE2  sing N N 379 
TYR CZ  OH   sing N N 380 
TYR OH  HH   sing N N 381 
TYR OXT HXT  sing N N 382 
VAL N   CA   sing N N 383 
VAL N   H    sing N N 384 
VAL N   H2   sing N N 385 
VAL CA  C    sing N N 386 
VAL CA  CB   sing N N 387 
VAL CA  HA   sing N N 388 
VAL C   O    doub N N 389 
VAL C   OXT  sing N N 390 
VAL CB  CG1  sing N N 391 
VAL CB  CG2  sing N N 392 
VAL CB  HB   sing N N 393 
VAL CG1 HG11 sing N N 394 
VAL CG1 HG12 sing N N 395 
VAL CG1 HG13 sing N N 396 
VAL CG2 HG21 sing N N 397 
VAL CG2 HG22 sing N N 398 
VAL CG2 HG23 sing N N 399 
VAL OXT HXT  sing N N 400 
# 
loop_
_pdbx_audit_support.funding_organization 
_pdbx_audit_support.country 
_pdbx_audit_support.grant_number 
_pdbx_audit_support.ordinal 
'Cancer Research UK' 'United Kingdom' C57659/A27310 1 
'Cancer Research UK' 'United Kingdom' C1362/A20263  2 
'Cancer Research UK' 'United Kingdom' C2215/A21421  3 
# 
_pdbx_entity_instance_feature.ordinal        1 
_pdbx_entity_instance_feature.comp_id        HHQ 
_pdbx_entity_instance_feature.asym_id        ? 
_pdbx_entity_instance_feature.seq_num        ? 
_pdbx_entity_instance_feature.auth_comp_id   HHQ 
_pdbx_entity_instance_feature.auth_asym_id   ? 
_pdbx_entity_instance_feature.auth_seq_num   ? 
_pdbx_entity_instance_feature.feature_type   'SUBJECT OF INVESTIGATION' 
_pdbx_entity_instance_feature.details        ? 
# 
_pdbx_initial_refinement_model.id               1 
_pdbx_initial_refinement_model.entity_id_list   ? 
_pdbx_initial_refinement_model.type             'experimental model' 
_pdbx_initial_refinement_model.source_name      PDB 
_pdbx_initial_refinement_model.accession_code   5LRQ 
_pdbx_initial_refinement_model.details          ? 
# 
_atom_sites.entry_id                    7ZA9 
_atom_sites.Cartn_transf_matrix[1][1]   ? 
_atom_sites.Cartn_transf_matrix[1][2]   ? 
_atom_sites.Cartn_transf_matrix[1][3]   ? 
_atom_sites.Cartn_transf_matrix[2][1]   ? 
_atom_sites.Cartn_transf_matrix[2][2]   ? 
_atom_sites.Cartn_transf_matrix[2][3]   ? 
_atom_sites.Cartn_transf_matrix[3][1]   ? 
_atom_sites.Cartn_transf_matrix[3][2]   ? 
_atom_sites.Cartn_transf_matrix[3][3]   ? 
_atom_sites.Cartn_transf_vector[1]      ? 
_atom_sites.Cartn_transf_vector[2]      ? 
_atom_sites.Cartn_transf_vector[3]      ? 
_atom_sites.fract_transf_matrix[1][1]   -0.02091314 
_atom_sites.fract_transf_matrix[1][2]   -0.00964874 
_atom_sites.fract_transf_matrix[1][3]   -0.01297301 
_atom_sites.fract_transf_matrix[2][1]   -0.00787916 
_atom_sites.fract_transf_matrix[2][2]   0.02142430 
_atom_sites.fract_transf_matrix[2][3]   -0.00323283 
_atom_sites.fract_transf_matrix[3][1]   0.00639630 
_atom_sites.fract_transf_matrix[3][2]   0.00071608 
_atom_sites.fract_transf_matrix[3][3]   -0.01084374 
_atom_sites.fract_transf_vector[1]      -0.319651 
_atom_sites.fract_transf_vector[2]      0.068595 
_atom_sites.fract_transf_vector[3]      -0.115407 
_atom_sites.solution_primary            ? 
_atom_sites.solution_secondary          ? 
_atom_sites.solution_hydrogens          ? 
_atom_sites.special_details             ? 
# 
loop_
_atom_type.symbol 
_atom_type.pdbx_scat_Z 
_atom_type.pdbx_N_electrons 
_atom_type.scat_Cromer_Mann_a1 
_atom_type.scat_Cromer_Mann_b1 
_atom_type.scat_Cromer_Mann_a2 
_atom_type.scat_Cromer_Mann_b2 
_atom_type.scat_Cromer_Mann_a3 
_atom_type.scat_Cromer_Mann_b3 
_atom_type.scat_Cromer_Mann_a4 
_atom_type.scat_Cromer_Mann_b4 
_atom_type.scat_Cromer_Mann_c 
C 6  6  2.310  20.844 1.020  10.208 1.589 0.569  0.865 51.651 0.216   
I 53 53 20.147 4.347  18.995 0.381  7.514 27.766 2.273 66.878 3.721   
N 7  7  12.222 0.006  3.135  9.893  2.014 28.997 1.167 0.583  -11.538 
O 8  8  3.049  13.277 2.287  5.701  1.546 0.324  0.867 32.909 0.251   
S 16 16 6.905  1.468  5.203  22.215 1.438 0.254  1.586 56.172 1.042   
# 
loop_
_atom_site.group_PDB 
_atom_site.id 
_atom_site.type_symbol 
_atom_site.label_atom_id 
_atom_site.label_alt_id 
_atom_site.label_comp_id 
_atom_site.label_asym_id 
_atom_site.label_entity_id 
_atom_site.label_seq_id 
_atom_site.pdbx_PDB_ins_code 
_atom_site.Cartn_x 
_atom_site.Cartn_y 
_atom_site.Cartn_z 
_atom_site.occupancy 
_atom_site.B_iso_or_equiv 
_atom_site.pdbx_formal_charge 
_atom_site.auth_seq_id 
_atom_site.auth_comp_id 
_atom_site.auth_asym_id 
_atom_site.auth_atom_id 
_atom_site.pdbx_PDB_model_num 
_atom_site.calc_flag 
ATOM   1    N N   . GLY A 1 1   ? 1.593   -20.143 2.741   1.000 28.258 ? 40  GLY AAA N   1 ? 
ATOM   2    C CA  . GLY A 1 1   ? 1.854   -19.316 3.925   1.000 22.491 ? 40  GLY AAA CA  1 ? 
ATOM   3    C C   . GLY A 1 1   ? 3.152   -19.794 4.572   1.000 18.620 ? 40  GLY AAA C   1 ? 
ATOM   4    O O   . GLY A 1 1   ? 3.144   -20.228 5.718   1.000 20.255 ? 40  GLY AAA O   1 ? 
ATOM   5    N N   . SER A 1 2   ? 4.231   -19.677 3.806   1.000 16.863 ? 41  SER AAA N   1 ? 
ATOM   6    C CA  . SER A 1 2   ? 5.543   -20.154 4.248   1.000 14.170 ? 41  SER AAA CA  1 ? 
ATOM   7    C C   . SER A 1 2   ? 6.018   -19.425 5.508   1.000 12.712 ? 41  SER AAA C   1 ? 
ATOM   8    O O   . SER A 1 2   ? 5.963   -18.177 5.571   1.000 12.683 ? 41  SER AAA O   1 ? 
ATOM   9    C CB  . SER A 1 2   ? 6.545   -19.975 3.144   1.000 13.721 ? 41  SER AAA CB  1 ? 
ATOM   10   O OG  . SER A 1 2   ? 7.849   -20.277 3.654   1.000 12.466 ? 41  SER AAA OG  1 ? 
ATOM   11   N N   . HIS A 1 3   ? 6.660   -20.170 6.411   1.000 11.358 ? 42  HIS AAA N   1 ? 
ATOM   12   C CA  . HIS A 1 3   ? 7.399   -19.642 7.538   1.000 11.954 ? 42  HIS AAA CA  1 ? 
ATOM   13   C C   . HIS A 1 3   ? 8.535   -18.709 7.136   1.000 11.931 ? 42  HIS AAA C   1 ? 
ATOM   14   O O   . HIS A 1 3   ? 9.058   -17.940 7.961   1.000 14.102 ? 42  HIS AAA O   1 ? 
ATOM   15   C CB  . HIS A 1 3   ? 7.921   -20.786 8.438   1.000 13.899 ? 42  HIS AAA CB  1 ? 
ATOM   16   C CG  . HIS A 1 3   ? 9.145   -21.465 7.897   1.000 13.503 ? 42  HIS AAA CG  1 ? 
ATOM   17   N ND1 . HIS A 1 3   ? 9.118   -22.289 6.785   1.000 14.730 ? 42  HIS AAA ND1 1 ? 
ATOM   18   C CD2 . HIS A 1 3   ? 10.430  -21.483 8.317   1.000 16.578 ? 42  HIS AAA CD2 1 ? 
ATOM   19   C CE1 . HIS A 1 3   ? 10.337  -22.766 6.538   1.000 14.955 ? 42  HIS AAA CE1 1 ? 
ATOM   20   N NE2 . HIS A 1 3   ? 11.154  -22.277 7.462   1.000 16.504 ? 42  HIS AAA NE2 1 ? 
ATOM   21   N N   . MET A 1 4   ? 8.955   -18.750 5.878   1.000 10.628 ? 43  MET AAA N   1 ? 
ATOM   22   C CA  . MET A 1 4   ? 10.012  -17.869 5.432   1.000 11.610 ? 43  MET AAA CA  1 ? 
ATOM   23   C C   . MET A 1 4   ? 9.523   -16.485 5.031   1.000 11.833 ? 43  MET AAA C   1 ? 
ATOM   24   O O   . MET A 1 4   ? 10.367  -15.590 4.819   1.000 13.048 ? 43  MET AAA O   1 ? 
ATOM   25   C CB  . MET A 1 4   ? 10.821  -18.583 4.344   1.000 14.465 ? 43  MET AAA CB  1 ? 
ATOM   26   C CG  . MET A 1 4   ? 11.412  -19.915 4.887   1.000 15.373 ? 43  MET AAA CG  1 ? 
ATOM   27   S SD  . MET A 1 4   ? 12.616  -20.748 3.941   1.000 20.651 ? 43  MET AAA SD  1 ? 
ATOM   28   C CE  . MET A 1 4   ? 12.373  -19.909 2.459   1.000 11.453 ? 43  MET AAA CE  1 ? 
ATOM   29   N N   . ASN A 1 5   ? 8.202   -16.289 4.964   1.000 9.304  ? 44  ASN AAA N   1 ? 
ATOM   30   C CA  . ASN A 1 5   ? 7.695   -14.938 4.776   1.000 9.358  ? 44  ASN AAA CA  1 ? 
ATOM   31   C C   . ASN A 1 5   ? 7.335   -14.389 6.141   1.000 9.461  ? 44  ASN AAA C   1 ? 
ATOM   32   O O   . ASN A 1 5   ? 6.854   -15.118 7.008   1.000 10.676 ? 44  ASN AAA O   1 ? 
ATOM   33   C CB  . ASN A 1 5   ? 6.453   -14.934 3.889   1.000 10.317 ? 44  ASN AAA CB  1 ? 
ATOM   34   C CG  . ASN A 1 5   ? 6.775   -15.237 2.444   1.000 10.838 ? 44  ASN AAA CG  1 ? 
ATOM   35   O OD1 . ASN A 1 5   ? 7.683   -14.659 1.877   1.000 12.089 ? 44  ASN AAA OD1 1 ? 
ATOM   36   N ND2 . ASN A 1 5   ? 6.012   -16.127 1.853   1.000 11.742 ? 44  ASN AAA ND2 1 ? 
ATOM   37   N N   . PRO A 1 6   ? 7.465   -13.090 6.394   1.000 9.270  ? 45  PRO AAA N   1 ? 
ATOM   38   C CA  . PRO A 1 6   ? 7.088   -12.541 7.681   1.000 9.764  ? 45  PRO AAA CA  1 ? 
ATOM   39   C C   . PRO A 1 6   ? 5.585   -12.490 7.813   1.000 9.846  ? 45  PRO AAA C   1 ? 
ATOM   40   O O   . PRO A 1 6   ? 4.813   -12.501 6.840   1.000 10.818 ? 45  PRO AAA O   1 ? 
ATOM   41   C CB  . PRO A 1 6   ? 7.627   -11.103 7.627   1.000 10.624 ? 45  PRO AAA CB  1 ? 
ATOM   42   C CG  . PRO A 1 6   ? 7.657   -10.765 6.160   1.000 12.176 ? 45  PRO AAA CG  1 ? 
ATOM   43   C CD  . PRO A 1 6   ? 7.943   -12.070 5.438   1.000 9.983  ? 45  PRO AAA CD  1 ? 
ATOM   44   N N   . PRO A 1 7   ? 5.106   -12.393 9.066   1.000 10.601 ? 46  PRO AAA N   1 ? 
ATOM   45   C CA  . PRO A 1 7   ? 3.685   -12.134 9.245   1.000 11.804 ? 46  PRO AAA CA  1 ? 
ATOM   46   C C   . PRO A 1 7   ? 3.300   -10.820 8.573   1.000 11.440 ? 46  PRO AAA C   1 ? 
ATOM   47   O O   . PRO A 1 7   ? 4.086   -9.884  8.579   1.000 11.936 ? 46  PRO AAA O   1 ? 
ATOM   48   C CB  . PRO A 1 7   ? 3.509   -11.966 10.755  1.000 13.878 ? 46  PRO AAA CB  1 ? 
ATOM   49   C CG  . PRO A 1 7   ? 4.845   -12.194 11.368  1.000 16.743 ? 46  PRO AAA CG  1 ? 
ATOM   50   C CD  . PRO A 1 7   ? 5.913   -12.309 10.291  1.000 12.990 ? 46  PRO AAA CD  1 ? 
ATOM   51   N N   . PRO A 1 8   ? 2.118   -10.740 7.964   1.000 12.009 ? 47  PRO AAA N   1 ? 
ATOM   52   C CA  . PRO A 1 8   ? 1.756   -9.515  7.248   1.000 13.915 ? 47  PRO AAA CA  1 ? 
ATOM   53   C C   . PRO A 1 8   ? 1.503   -8.370  8.227   1.000 11.781 ? 47  PRO AAA C   1 ? 
ATOM   54   O O   . PRO A 1 8   ? 1.356   -8.602  9.438   1.000 13.629 ? 47  PRO AAA O   1 ? 
ATOM   55   C CB  . PRO A 1 8   ? 0.526   -9.991  6.458   1.000 16.408 ? 47  PRO AAA CB  1 ? 
ATOM   56   C CG  . PRO A 1 8   ? -0.100  -11.028 7.338   1.000 19.035 ? 47  PRO AAA CG  1 ? 
ATOM   57   C CD  . PRO A 1 8   ? 1.078   -11.779 7.917   1.000 17.216 ? 47  PRO AAA CD  1 ? 
ATOM   58   N N   . PRO A 1 9   ? 1.445   -7.113  7.771   1.000 11.345 ? 48  PRO AAA N   1 ? 
ATOM   59   C CA  . PRO A 1 9   ? 1.169   -6.022  8.700   1.000 11.349 ? 48  PRO AAA CA  1 ? 
ATOM   60   C C   . PRO A 1 9   ? -0.217  -6.201  9.328   1.000 10.941 ? 48  PRO AAA C   1 ? 
ATOM   61   O O   . PRO A 1 9   ? -1.111  -6.697  8.717   1.000 12.597 ? 48  PRO AAA O   1 ? 
ATOM   62   C CB  . PRO A 1 9   ? 1.226   -4.766  7.817   1.000 11.013 ? 48  PRO AAA CB  1 ? 
ATOM   63   C CG  . PRO A 1 9   ? 2.046   -5.200  6.620   1.000 11.545 ? 48  PRO AAA CG  1 ? 
ATOM   64   C CD  . PRO A 1 9   ? 1.686   -6.649  6.381   1.000 11.295 ? 48  PRO AAA CD  1 ? 
ATOM   65   N N   . GLU A 1 10  ? -0.321  -5.687  10.554  1.000 13.026 ? 49  GLU AAA N   1 ? 
ATOM   66   C CA  . GLU A 1 10  ? -1.530  -5.665  11.376  1.000 15.105 ? 49  GLU AAA CA  1 ? 
ATOM   67   C C   . GLU A 1 10  ? -2.692  -5.035  10.588  1.000 12.719 ? 49  GLU AAA C   1 ? 
ATOM   68   O O   . GLU A 1 10  ? -2.506  -3.957  10.010  1.000 11.922 ? 49  GLU AAA O   1 ? 
ATOM   69   C CB  . GLU A 1 10  ? -1.249  -4.778  12.618  1.000 15.412 ? 49  GLU AAA CB  1 ? 
ATOM   70   C CG  . GLU A 1 10  ? -2.293  -4.930  13.686  1.000 17.124 ? 49  GLU AAA CG  1 ? 
ATOM   71   C CD  . GLU A 1 10  ? -1.892  -4.170  14.897  1.000 17.288 ? 49  GLU AAA CD  1 ? 
ATOM   72   O OE1 . GLU A 1 10  ? -1.559  -4.834  15.901  1.000 20.653 ? 49  GLU AAA OE1 1 ? 
ATOM   73   O OE2 . GLU A 1 10  ? -1.985  -2.958  14.874  1.000 16.064 ? 49  GLU AAA OE2 1 ? 
ATOM   74   N N   . THR A 1 11  ? -3.878  -5.645  10.542  1.000 12.428 ? 50  THR AAA N   1 ? 
ATOM   75   C CA  . THR A 1 11  ? -5.039  -4.931  10.030  1.000 13.231 ? 50  THR AAA CA  1 ? 
ATOM   76   C C   . THR A 1 11  ? -6.193  -4.838  11.034  1.000 12.613 ? 50  THR AAA C   1 ? 
ATOM   77   O O   . THR A 1 11  ? -7.220  -4.263  10.687  1.000 13.193 ? 50  THR AAA O   1 ? 
ATOM   78   C CB  . THR A 1 11  ? -5.545  -5.629  8.775   1.000 13.005 ? 50  THR AAA CB  1 ? 
ATOM   79   O OG1 . THR A 1 11  ? -5.885  -6.987  9.091   1.000 17.971 ? 50  THR AAA OG1 1 ? 
ATOM   80   C CG2 . THR A 1 11  ? -4.511  -5.631  7.665   1.000 14.444 ? 50  THR AAA CG2 1 ? 
ATOM   81   N N   . SER A 1 12  ? -5.980  -5.399  12.218  1.000 12.042 ? 51  SER AAA N   1 ? 
ATOM   82   C CA  . SER A 1 12  ? -7.001  -5.462  13.263  1.000 12.690 ? 51  SER AAA CA  1 ? 
ATOM   83   C C   . SER A 1 12  ? -6.250  -5.321  14.566  1.000 13.307 ? 51  SER AAA C   1 ? 
ATOM   84   O O   . SER A 1 12  ? -5.265  -6.012  14.799  1.000 14.802 ? 51  SER AAA O   1 ? 
ATOM   85   C CB  . SER A 1 12  ? -7.699  -6.840  13.151  1.000 16.329 ? 51  SER AAA CB  1 ? 
ATOM   86   O OG  . SER A 1 12  ? -8.582  -7.038  14.242  1.000 20.277 ? 51  SER AAA OG  1 ? 
ATOM   87   N N   . ASN A 1 13  ? -6.771  -4.490  15.469  1.000 11.435 ? 52  ASN AAA N   1 ? 
ATOM   88   C CA  . ASN A 1 13  ? -6.250  -4.428  16.825  1.000 11.788 ? 52  ASN AAA CA  1 ? 
ATOM   89   C C   . ASN A 1 13  ? -7.247  -3.616  17.645  1.000 10.457 ? 52  ASN AAA C   1 ? 
ATOM   90   O O   . ASN A 1 13  ? -7.283  -2.376  17.525  1.000 10.101 ? 52  ASN AAA O   1 ? 
ATOM   91   C CB  . ASN A 1 13  ? -4.879  -3.743  16.933  1.000 13.621 ? 52  ASN AAA CB  1 ? 
ATOM   92   C CG  . ASN A 1 13  ? -4.358  -3.818  18.360  1.000 13.731 ? 52  ASN AAA CG  1 ? 
ATOM   93   O OD1 . ASN A 1 13  ? -5.089  -4.049  19.318  1.000 14.043 ? 52  ASN AAA OD1 1 ? 
ATOM   94   N ND2 . ASN A 1 13  ? -3.071  -3.571  18.546  1.000 18.616 ? 52  ASN AAA ND2 1 ? 
ATOM   95   N N   . PRO A 1 14  ? -8.038  -4.249  18.530  1.000 10.225 ? 53  PRO AAA N   1 ? 
ATOM   96   C CA  . PRO A 1 14  ? -9.006  -3.488  19.310  1.000 10.559 ? 53  PRO AAA CA  1 ? 
ATOM   97   C C   . PRO A 1 14  ? -8.413  -2.416  20.197  1.000 11.043 ? 53  PRO AAA C   1 ? 
ATOM   98   O O   . PRO A 1 14  ? -9.152  -1.536  20.627  1.000 13.237 ? 53  PRO AAA O   1 ? 
ATOM   99   C CB  . PRO A 1 14  ? -9.641  -4.547  20.221  1.000 11.997 ? 53  PRO AAA CB  1 ? 
ATOM   100  C CG  . PRO A 1 14  ? -9.591  -5.730  19.372  1.000 12.811 ? 53  PRO AAA CG  1 ? 
ATOM   101  C CD  . PRO A 1 14  ? -8.187  -5.699  18.757  1.000 11.424 ? 53  PRO AAA CD  1 ? 
ATOM   102  N N   . ASN A 1 15  ? -7.141  -2.509  20.541  1.000 10.094 ? 54  ASN AAA N   1 ? 
ATOM   103  C CA  . ASN A 1 15  ? -6.557  -1.502  21.414  1.000 10.923 ? 54  ASN AAA CA  1 ? 
ATOM   104  C C   . ASN A 1 15  ? -6.257  -0.196  20.695  1.000 11.049 ? 54  ASN AAA C   1 ? 
ATOM   105  O O   . ASN A 1 15  ? -5.942  0.805   21.361  1.000 12.773 ? 54  ASN AAA O   1 ? 
ATOM   106  C CB  . ASN A 1 15  ? -5.290  -2.022  22.040  1.000 11.131 ? 54  ASN AAA CB  1 ? 
ATOM   107  C CG  . ASN A 1 15  ? -5.579  -3.184  22.957  1.000 11.152 ? 54  ASN AAA CG  1 ? 
ATOM   108  O OD1 . ASN A 1 15  ? -6.527  -3.156  23.761  1.000 12.499 ? 54  ASN AAA OD1 1 ? 
ATOM   109  N ND2 . ASN A 1 15  ? -4.742  -4.204  22.907  1.000 11.998 ? 54  ASN AAA ND2 1 ? 
ATOM   110  N N   . LYS A 1 16  ? -6.169  -0.210  19.364  1.000 10.234 ? 55  LYS AAA N   1 ? 
ATOM   111  C CA  . LYS A 1 16  ? -5.812  0.980   18.601  1.000 10.781 ? 55  LYS AAA CA  1 ? 
ATOM   112  C C   . LYS A 1 16  ? -7.067  1.805   18.392  1.000 10.243 ? 55  LYS AAA C   1 ? 
ATOM   113  O O   . LYS A 1 16  ? -8.071  1.331   17.856  1.000 11.510 ? 55  LYS AAA O   1 ? 
ATOM   114  C CB  . LYS A 1 16  ? -5.236  0.577   17.253  1.000 10.436 ? 55  LYS AAA CB  1 ? 
ATOM   115  C CG  . LYS A 1 16  ? -4.780  1.715   16.371  1.000 10.520 ? 55  LYS AAA CG  1 ? 
ATOM   116  C CD  . LYS A 1 16  ? -4.298  1.279   15.013  1.000 10.503 ? 55  LYS AAA CD  1 ? 
ATOM   117  C CE  . LYS A 1 16  ? -3.672  2.350   14.146  1.000 11.834 ? 55  LYS AAA CE  1 ? 
ATOM   118  N NZ  . LYS A 1 16  ? -4.590  3.446   13.844  1.000 10.184 ? 55  LYS AAA NZ  1 ? 
ATOM   119  N N   . PRO A 1 17  ? -7.063  3.112   18.756  1.000 11.827 ? 56  PRO AAA N   1 ? 
ATOM   120  C CA  . PRO A 1 17  ? -8.255  3.940   18.537  1.000 13.034 ? 56  PRO AAA CA  1 ? 
ATOM   121  C C   . PRO A 1 17  ? -8.494  4.193   17.043  1.000 10.886 ? 56  PRO AAA C   1 ? 
ATOM   122  O O   . PRO A 1 17  ? -7.550  4.326   16.302  1.000 12.123 ? 56  PRO AAA O   1 ? 
ATOM   123  C CB  . PRO A 1 17  ? -7.999  5.203   19.370  1.000 15.182 ? 56  PRO AAA CB  1 ? 
ATOM   124  C CG  . PRO A 1 17  ? -6.537  5.257   19.499  1.000 19.120 ? 56  PRO AAA CG  1 ? 
ATOM   125  C CD  . PRO A 1 17  ? -6.033  3.811   19.517  1.000 13.280 ? 56  PRO AAA CD  1 ? 
ATOM   126  N N   . LYS A 1 18  ? -9.757  4.213   16.663  1.000 12.468 ? 57  LYS AAA N   1 ? 
ATOM   127  C CA  . LYS A 1 18  ? -10.165 4.174   15.249  1.000 13.111 ? 57  LYS AAA CA  1 ? 
ATOM   128  C C   . LYS A 1 18  ? -11.083 5.335   14.993  1.000 11.727 ? 57  LYS AAA C   1 ? 
ATOM   129  O O   . LYS A 1 18  ? -11.865 5.675   15.866  1.000 12.808 ? 57  LYS AAA O   1 ? 
ATOM   130  C CB  . LYS A 1 18  ? -11.116 2.988   14.949  1.000 14.428 ? 57  LYS AAA CB  1 ? 
ATOM   131  C CG  . LYS A 1 18  ? -10.549 1.679   15.391  1.000 13.760 ? 57  LYS AAA CG  1 ? 
ATOM   132  C CD  . LYS A 1 18  ? -9.158  1.418   14.842  1.000 14.111 ? 57  LYS AAA CD  1 ? 
ATOM   133  C CE  . LYS A 1 18  ? -8.811  -0.066  14.865  1.000 14.291 ? 57  LYS AAA CE  1 ? 
ATOM   134  N NZ  . LYS A 1 18  ? -8.979  -0.658  16.235  1.000 11.162 ? 57  LYS AAA NZ  1 ? 
ATOM   135  N N   . ARG A 1 19  ? -11.161 5.788   13.754  1.000 11.655 ? 58  ARG AAA N   1 ? 
ATOM   136  C CA  . ARG A 1 19  ? -12.164 6.784   13.435  1.000 13.279 ? 58  ARG AAA CA  1 ? 
ATOM   137  C C   . ARG A 1 19  ? -12.474 6.645   11.956  1.000 13.673 ? 58  ARG AAA C   1 ? 
ATOM   138  O O   . ARG A 1 19  ? -11.647 6.196   11.187  1.000 17.734 ? 58  ARG AAA O   1 ? 
ATOM   139  C CB  . ARG A 1 19  ? -11.446 8.129   13.692  1.000 18.686 ? 58  ARG AAA CB  1 ? 
ATOM   140  C CG  . ARG A 1 19  ? -12.279 9.387   13.729  1.000 18.801 ? 58  ARG AAA CG  1 ? 
ATOM   141  C CD  . ARG A 1 19  ? -11.273 10.403  14.245  1.000 12.989 ? 58  ARG AAA CD  1 ? 
ATOM   142  N NE  . ARG A 1 19  ? -10.084 10.795  13.510  1.000 11.087 ? 58  ARG AAA NE  1 ? 
ATOM   143  C CZ  . ARG A 1 19  ? -9.624  12.020  13.472  1.000 10.994 ? 58  ARG AAA CZ  1 ? 
ATOM   144  N NH1 . ARG A 1 19  ? -10.217 12.993  14.160  1.000 12.650 ? 58  ARG AAA NH1 1 ? 
ATOM   145  N NH2 . ARG A 1 19  ? -8.577  12.287  12.693  1.000 12.951 ? 58  ARG AAA NH2 1 ? 
ATOM   146  N N   . GLN A 1 20  ? -13.682 7.076   11.602  1.000 14.660 ? 59  GLN AAA N   1 ? 
ATOM   147  C CA  . GLN A 1 20  ? -14.039 7.312   10.215  1.000 17.620 ? 59  GLN AAA CA  1 ? 
ATOM   148  C C   . GLN A 1 20  ? -13.984 8.830   10.014  1.000 17.461 ? 59  GLN AAA C   1 ? 
ATOM   149  O O   . GLN A 1 20  ? -14.468 9.636   10.836  1.000 20.760 ? 59  GLN AAA O   1 ? 
ATOM   150  C CB  . GLN A 1 20  ? -15.438 6.763   9.916   1.000 22.397 ? 59  GLN AAA CB  1 ? 
ATOM   151  C CG  . GLN A 1 20  ? -15.539 5.247   9.926   1.000 27.183 ? 59  GLN AAA CG  1 ? 
ATOM   152  C CD  . GLN A 1 20  ? -16.960 4.742   10.084  1.000 36.693 ? 59  GLN AAA CD  1 ? 
ATOM   153  O OE1 . GLN A 1 20  ? -17.738 5.242   10.898  1.000 43.062 ? 59  GLN AAA OE1 1 ? 
ATOM   154  N NE2 . GLN A 1 20  ? -17.319 3.725   9.315   1.000 38.565 ? 59  GLN AAA NE2 1 ? 
ATOM   155  N N   . THR A 1 21  ? -13.268 9.262   8.969   1.000 15.151 ? 60  THR AAA N   1 ? 
ATOM   156  C CA  . THR A 1 21  ? -13.253 10.655  8.585   1.000 13.248 ? 60  THR AAA CA  1 ? 
ATOM   157  C C   . THR A 1 21  ? -13.649 10.702  7.121   1.000 12.415 ? 60  THR AAA C   1 ? 
ATOM   158  O O   . THR A 1 21  ? -13.522 9.709   6.391   1.000 11.754 ? 60  THR AAA O   1 ? 
ATOM   159  C CB  . THR A 1 21  ? -11.935 11.380  8.846   1.000 12.912 ? 60  THR AAA CB  1 ? 
ATOM   160  O OG1 . THR A 1 21  ? -10.999 10.952  7.858   1.000 13.225 ? 60  THR AAA OG1 1 ? 
ATOM   161  C CG2 . THR A 1 21  ? -11.361 11.187  10.234  1.000 13.761 ? 60  THR AAA CG2 1 ? 
ATOM   162  N N   . ASN A 1 22  ? -14.122 11.867  6.678   1.000 11.884 ? 61  ASN AAA N   1 ? 
ATOM   163  C CA  . ASN A 1 22  ? -14.409 12.079  5.268   1.000 11.174 ? 61  ASN AAA CA  1 ? 
ATOM   164  C C   . ASN A 1 22  ? -13.173 11.852  4.398   1.000 10.212 ? 61  ASN AAA C   1 ? 
ATOM   165  O O   . ASN A 1 22  ? -13.293 11.349  3.279   1.000 11.571 ? 61  ASN AAA O   1 ? 
ATOM   166  C CB  . ASN A 1 22  ? -15.045 13.443  4.965   1.000 12.941 ? 61  ASN AAA CB  1 ? 
ATOM   167  C CG  . ASN A 1 22  ? -14.103 14.602  5.190   1.000 12.618 ? 61  ASN AAA CG  1 ? 
ATOM   168  O OD1 . ASN A 1 22  ? -13.452 14.714  6.224   1.000 15.771 ? 61  ASN AAA OD1 1 ? 
ATOM   169  N ND2 . ASN A 1 22  ? -14.001 15.479  4.212   1.000 14.261 ? 61  ASN AAA ND2 1 ? 
ATOM   170  N N   . GLN A 1 23  ? -11.989 12.193  4.925   1.000 10.042 ? 62  GLN AAA N   1 ? 
ATOM   171  C CA  . GLN A 1 23  ? -10.756 11.960  4.166   1.000 9.626  ? 62  GLN AAA CA  1 ? 
ATOM   172  C C   . GLN A 1 23  ? -10.467 10.462  4.004   1.000 8.912  ? 62  GLN AAA C   1 ? 
ATOM   173  O O   . GLN A 1 23  ? -10.037 10.040  2.932   1.000 9.810  ? 62  GLN AAA O   1 ? 
ATOM   174  C CB  . GLN A 1 23  ? -9.566  12.639  4.811   1.000 10.441 ? 62  GLN AAA CB  1 ? 
ATOM   175  C CG  . GLN A 1 23  ? -9.714  14.171  4.832   1.000 11.933 ? 62  GLN AAA CG  1 ? 
ATOM   176  C CD  . GLN A 1 23  ? -8.487  14.818  5.423   1.000 12.896 ? 62  GLN AAA CD  1 ? 
ATOM   177  O OE1 . GLN A 1 23  ? -7.837  14.258  6.305   1.000 14.321 ? 62  GLN AAA OE1 1 ? 
ATOM   178  N NE2 . GLN A 1 23  ? -8.170  15.986  4.922   1.000 14.051 ? 62  GLN AAA NE2 1 ? 
ATOM   179  N N   . LEU A 1 24  ? -10.698 9.697   5.074   1.000 9.949  ? 63  LEU AAA N   1 ? 
ATOM   180  C CA  . LEU A 1 24  ? -10.516 8.256   4.993   1.000 9.836  ? 63  LEU AAA CA  1 ? 
ATOM   181  C C   . LEU A 1 24  ? -11.531 7.617   4.059   1.000 9.760  ? 63  LEU AAA C   1 ? 
ATOM   182  O O   . LEU A 1 24  ? -11.220 6.681   3.319   1.000 10.268 ? 63  LEU AAA O   1 ? 
ATOM   183  C CB  . LEU A 1 24  ? -10.549 7.628   6.392   1.000 10.433 ? 63  LEU AAA CB  1 ? 
ATOM   184  C CG  . LEU A 1 24  ? -9.222  7.819   7.150   1.000 11.039 ? 63  LEU AAA CG  1 ? 
ATOM   185  C CD1 . LEU A 1 24  ? -9.392  7.603   8.652   1.000 12.579 ? 63  LEU AAA CD1 1 ? 
ATOM   186  C CD2 . LEU A 1 24  ? -8.095  6.922   6.620   1.000 11.750 ? 63  LEU AAA CD2 1 ? 
ATOM   187  N N   . GLN A 1 25  ? -12.776 8.115   4.080   1.000 10.133 ? 64  GLN AAA N   1 ? 
ATOM   188  C CA  . GLN A 1 25  ? -13.777 7.591   3.153   1.000 11.180 ? 64  GLN AAA CA  1 ? 
ATOM   189  C C   . GLN A 1 25  ? -13.337 7.866   1.710   1.000 10.885 ? 64  GLN AAA C   1 ? 
ATOM   190  O O   . GLN A 1 25  ? -13.468 6.967   0.873   1.000 12.093 ? 64  GLN AAA O   1 ? 
ATOM   191  C CB  . GLN A 1 25  ? -15.131 8.258   3.416   1.000 12.609 ? 64  GLN AAA CB  1 ? 
ATOM   192  C CG  . GLN A 1 25  ? -15.805 7.800   4.704   1.000 17.765 ? 64  GLN AAA CG  1 ? 
ATOM   193  C CD  . GLN A 1 25  ? -17.005 8.649   5.067   0.500 18.364 ? 64  GLN AAA CD  1 ? 
ATOM   194  O OE1 . GLN A 1 25  ? -17.137 9.797   4.643   0.500 20.599 ? 64  GLN AAA OE1 1 ? 
ATOM   195  N NE2 . GLN A 1 25  ? -17.879 8.101   5.895   0.500 22.809 ? 64  GLN AAA NE2 1 ? 
ATOM   196  N N   . TYR A 1 26  ? -12.766 9.051   1.441   1.000 10.318 ? 65  TYR AAA N   1 ? 
ATOM   197  C CA  . TYR A 1 26  ? -12.253 9.378   0.132   1.000 10.737 ? 65  TYR AAA CA  1 ? 
ATOM   198  C C   . TYR A 1 26  ? -11.107 8.435   -0.258  1.000 10.028 ? 65  TYR AAA C   1 ? 
ATOM   199  O O   . TYR A 1 26  ? -10.993 7.955   -1.398  1.000 10.851 ? 65  TYR AAA O   1 ? 
ATOM   200  C CB  . TYR A 1 26  ? -11.877 10.869  0.122   1.000 10.828 ? 65  TYR AAA CB  1 ? 
ATOM   201  C CG  . TYR A 1 26  ? -11.178 11.310  -1.142  1.000 10.333 ? 65  TYR AAA CG  1 ? 
ATOM   202  C CD1 . TYR A 1 26  ? -9.806  11.256  -1.235  1.000 10.862 ? 65  TYR AAA CD1 1 ? 
ATOM   203  C CD2 . TYR A 1 26  ? -11.874 11.875  -2.202  1.000 10.941 ? 65  TYR AAA CD2 1 ? 
ATOM   204  C CE1 . TYR A 1 26  ? -9.133  11.706  -2.348  1.000 10.992 ? 65  TYR AAA CE1 1 ? 
ATOM   205  C CE2 . TYR A 1 26  ? -11.222 12.322  -3.338  1.000 11.454 ? 65  TYR AAA CE2 1 ? 
ATOM   206  C CZ  . TYR A 1 26  ? -9.836  12.260  -3.403  1.000 11.364 ? 65  TYR AAA CZ  1 ? 
ATOM   207  O OH  . TYR A 1 26  ? -9.193  12.690  -4.528  1.000 13.200 ? 65  TYR AAA OH  1 ? 
ATOM   208  N N   . LEU A 1 27  ? -10.216 8.177   0.693   1.000 9.248  ? 66  LEU AAA N   1 ? 
ATOM   209  C CA  . LEU A 1 27  ? -9.129  7.234   0.428   1.000 9.900  ? 66  LEU AAA CA  1 ? 
ATOM   210  C C   . LEU A 1 27  ? -9.624  5.852   0.042   1.000 10.226 ? 66  LEU AAA C   1 ? 
ATOM   211  O O   . LEU A 1 27  ? -8.992  5.193   -0.805  1.000 11.803 ? 66  LEU AAA O   1 ? 
ATOM   212  C CB  . LEU A 1 27  ? -8.206  7.185   1.644   1.000 9.985  ? 66  LEU AAA CB  1 ? 
ATOM   213  C CG  . LEU A 1 27  ? -7.265  8.385   1.703   1.000 10.685 ? 66  LEU AAA CG  1 ? 
ATOM   214  C CD1 . LEU A 1 27  ? -6.729  8.566   3.119   1.000 12.632 ? 66  LEU AAA CD1 1 ? 
ATOM   215  C CD2 . LEU A 1 27  ? -6.076  8.222   0.765   1.000 14.700 ? 66  LEU AAA CD2 1 ? 
ATOM   216  N N   . LEU A 1 28  ? -10.709 5.389   0.615   1.000 9.941  ? 67  LEU AAA N   1 ? 
ATOM   217  C CA  . LEU A 1 28  ? -11.231 4.090   0.208   1.000 10.827 ? 67  LEU AAA CA  1 ? 
ATOM   218  C C   . LEU A 1 28  ? -12.012 4.173   -1.104  1.000 11.691 ? 67  LEU AAA C   1 ? 
ATOM   219  O O   . LEU A 1 28  ? -11.757 3.417   -2.048  1.000 12.871 ? 67  LEU AAA O   1 ? 
ATOM   220  C CB  . LEU A 1 28  ? -12.098 3.509   1.309   1.000 12.859 ? 67  LEU AAA CB  1 ? 
ATOM   221  C CG  . LEU A 1 28  ? -12.846 2.209   0.983   1.000 14.432 ? 67  LEU AAA CG  1 ? 
ATOM   222  C CD1 . LEU A 1 28  ? -11.891 1.084   0.608   1.000 15.004 ? 67  LEU AAA CD1 1 ? 
ATOM   223  C CD2 . LEU A 1 28  ? -13.674 1.810   2.206   1.000 17.327 ? 67  LEU AAA CD2 1 ? 
ATOM   224  N N   . ARG A 1 29  ? -12.943 5.130   -1.174  1.000 12.034 ? 68  ARG AAA N   1 ? 
ATOM   225  C CA  . ARG A 1 29  ? -13.943 5.142   -2.238  1.000 13.825 ? 68  ARG AAA CA  1 ? 
ATOM   226  C C   . ARG A 1 29  ? -13.372 5.703   -3.528  1.000 13.120 ? 68  ARG AAA C   1 ? 
ATOM   227  O O   . ARG A 1 29  ? -13.943 5.406   -4.609  1.000 15.862 ? 68  ARG AAA O   1 ? 
ATOM   228  C CB  . ARG A 1 29  ? -15.192 5.926   -1.824  1.000 15.829 ? 68  ARG AAA CB  1 ? 
ATOM   229  C CG  . ARG A 1 29  ? -15.929 5.369   -0.616  1.000 20.262 ? 68  ARG AAA CG  1 ? 
ATOM   230  C CD  . ARG A 1 29  ? -17.101 6.269   -0.246  1.000 25.705 ? 68  ARG AAA CD  1 ? 
ATOM   231  N NE  . ARG A 1 29  ? -17.860 5.749   0.882   0.500 27.853 ? 68  ARG AAA NE  1 ? 
ATOM   232  C CZ  . ARG A 1 29  ? -18.910 4.943   0.785   0.500 28.576 ? 68  ARG AAA CZ  1 ? 
ATOM   233  N NH1 . ARG A 1 29  ? -19.350 4.555   -0.402  0.500 28.341 ? 68  ARG AAA NH1 1 ? 
ATOM   234  N NH2 . ARG A 1 29  ? -19.519 4.522   1.878   0.500 29.538 ? 68  ARG AAA NH2 1 ? 
ATOM   235  N N   . VAL A 1 30  ? -12.366 6.573   -3.455  1.000 12.359 ? 69  VAL AAA N   1 ? 
ATOM   236  C CA  . VAL A 1 30  ? -11.781 7.199   -4.634  1.000 11.958 ? 69  VAL AAA CA  1 ? 
ATOM   237  C C   . VAL A 1 30  ? -10.351 6.695   -4.853  1.000 12.216 ? 69  VAL AAA C   1 ? 
ATOM   238  O O   . VAL A 1 30  ? -10.015 6.218   -5.948  1.000 13.902 ? 69  VAL AAA O   1 ? 
ATOM   239  C CB  . VAL A 1 30  ? -11.829 8.738   -4.533  1.000 12.684 ? 69  VAL AAA CB  1 ? 
ATOM   240  C CG1 . VAL A 1 30  ? -11.166 9.363   -5.746  1.000 13.649 ? 69  VAL AAA CG1 1 ? 
ATOM   241  C CG2 . VAL A 1 30  ? -13.262 9.218   -4.446  1.000 13.728 ? 69  VAL AAA CG2 1 ? 
ATOM   242  N N   . VAL A 1 31  ? -9.456  6.853   -3.883  1.000 11.779 ? 70  VAL AAA N   1 ? 
ATOM   243  C CA  . VAL A 1 31  ? -8.050  6.584   -4.091  1.000 12.498 ? 70  VAL AAA CA  1 ? 
ATOM   244  C C   . VAL A 1 31  ? -7.799  5.090   -4.297  1.000 11.440 ? 70  VAL AAA C   1 ? 
ATOM   245  O O   . VAL A 1 31  ? -7.214  4.680   -5.305  1.000 12.429 ? 70  VAL AAA O   1 ? 
ATOM   246  C CB  . VAL A 1 31  ? -7.174  7.204   -2.988  1.000 11.583 ? 70  VAL AAA CB  1 ? 
ATOM   247  C CG1 . VAL A 1 31  ? -5.683  6.973   -3.330  1.000 13.114 ? 70  VAL AAA CG1 1 ? 
ATOM   248  C CG2 . VAL A 1 31  ? -7.486  8.690   -2.824  1.000 13.651 ? 70  VAL AAA CG2 1 ? 
ATOM   249  N N   . LEU A 1 32  ? -8.141  4.292   -3.292  1.000 11.709 ? 71  LEU AAA N   1 ? 
ATOM   250  C CA  . LEU A 1 32  ? -7.860  2.877   -3.346  1.000 12.886 ? 71  LEU AAA CA  1 ? 
ATOM   251  C C   . LEU A 1 32  ? -8.621  2.301   -4.527  1.000 12.825 ? 71  LEU AAA C   1 ? 
ATOM   252  O O   . LEU A 1 32  ? -8.073  1.489   -5.285  1.000 13.609 ? 71  LEU AAA O   1 ? 
ATOM   253  C CB  . LEU A 1 32  ? -8.290  2.201   -2.052  1.000 13.411 ? 71  LEU AAA CB  1 ? 
ATOM   254  C CG  . LEU A 1 32  ? -8.082  0.675   -2.085  1.000 15.327 ? 71  LEU AAA CG  1 ? 
ATOM   255  C CD1 . LEU A 1 32  ? -6.622  0.267   -2.190  1.000 16.075 ? 71  LEU AAA CD1 1 ? 
ATOM   256  C CD2 . LEU A 1 32  ? -8.776  0.000   -0.939  1.000 20.195 ? 71  LEU AAA CD2 1 ? 
ATOM   257  N N   . LYS A 1 33  ? -9.893  2.680   -4.696  1.000 15.491 ? 72  LYS AAA N   1 ? 
ATOM   258  C CA  . LYS A 1 33  ? -10.666 2.152   -5.819  1.000 18.214 ? 72  LYS AAA CA  1 ? 
ATOM   259  C C   . LYS A 1 33  ? -9.953  2.382   -7.153  1.000 17.500 ? 72  LYS AAA C   1 ? 
ATOM   260  O O   . LYS A 1 33  ? -9.900  1.466   -7.996  1.000 19.931 ? 72  LYS AAA O   1 ? 
ATOM   261  C CB  . LYS A 1 33  ? -12.049 2.800   -5.864  1.000 20.768 ? 72  LYS AAA CB  1 ? 
ATOM   262  C CG  . LYS A 1 33  ? -12.989 2.166   -6.878  0.500 19.684 ? 72  LYS AAA CG  1 ? 
ATOM   263  C CD  . LYS A 1 33  ? -14.351 2.755   -6.832  0.500 21.185 ? 72  LYS AAA CD  1 ? 
ATOM   264  C CE  . LYS A 1 33  ? -15.303 1.970   -7.705  0.500 21.354 ? 72  LYS AAA CE  1 ? 
ATOM   265  N NZ  . LYS A 1 33  ? -16.546 2.725   -7.950  0.500 23.906 ? 72  LYS AAA NZ  1 ? 
ATOM   266  N N   . THR A 1 34  ? -9.428  3.586   -7.392  1.000 15.980 ? 73  THR AAA N   1 ? 
ATOM   267  C CA  . THR A 1 34  ? -8.748  3.972   -8.628  1.000 16.958 ? 73  THR AAA CA  1 ? 
ATOM   268  C C   . THR A 1 34  ? -7.509  3.102   -8.861  1.000 14.645 ? 73  THR AAA C   1 ? 
ATOM   269  O O   . THR A 1 34  ? -7.216  2.628   -9.964  1.000 17.144 ? 73  THR AAA O   1 ? 
ATOM   270  C CB  . THR A 1 34  ? -8.348  5.457   -8.617  1.000 17.378 ? 73  THR AAA CB  1 ? 
ATOM   271  O OG1 . THR A 1 34  ? -9.520  6.280   -8.643  1.000 19.400 ? 73  THR AAA OG1 1 ? 
ATOM   272  C CG2 . THR A 1 34  ? -7.485  5.884   -9.796  1.000 20.849 ? 73  THR AAA CG2 1 ? 
ATOM   273  N N   A LEU A 1 35  ? -6.638  3.020   -7.845  0.500 12.349 ? 74  LEU AAA N   1 ? 
ATOM   274  N N   B LEU A 1 35  ? -6.778  2.859   -7.783  0.500 13.119 ? 74  LEU AAA N   1 ? 
ATOM   275  C CA  A LEU A 1 35  ? -5.427  2.217   -7.977  0.500 12.055 ? 74  LEU AAA CA  1 ? 
ATOM   276  C CA  B LEU A 1 35  ? -5.519  2.155   -7.946  0.500 12.546 ? 74  LEU AAA CA  1 ? 
ATOM   277  C C   A LEU A 1 35  ? -5.722  0.711   -8.052  0.500 11.795 ? 74  LEU AAA C   1 ? 
ATOM   278  C C   B LEU A 1 35  ? -5.746  0.656   -8.054  0.500 11.891 ? 74  LEU AAA C   1 ? 
ATOM   279  O O   A LEU A 1 35  ? -5.024  0.050   -8.822  0.500 12.774 ? 74  LEU AAA O   1 ? 
ATOM   280  O O   B LEU A 1 35  ? -5.059  -0.043  -8.795  0.500 12.720 ? 74  LEU AAA O   1 ? 
ATOM   281  C CB  A LEU A 1 35  ? -4.402  2.542   -6.873  0.500 10.943 ? 74  LEU AAA CB  1 ? 
ATOM   282  C CB  B LEU A 1 35  ? -4.660  2.475   -6.726  0.500 11.826 ? 74  LEU AAA CB  1 ? 
ATOM   283  C CG  A LEU A 1 35  ? -3.494  3.762   -7.076  0.500 10.412 ? 74  LEU AAA CG  1 ? 
ATOM   284  C CG  B LEU A 1 35  ? -4.261  3.946   -6.673  0.500 11.271 ? 74  LEU AAA CG  1 ? 
ATOM   285  C CD1 A LEU A 1 35  ? -4.266  5.069   -7.237  0.500 12.039 ? 74  LEU AAA CD1 1 ? 
ATOM   286  C CD1 B LEU A 1 35  ? -3.423  4.201   -5.427  0.500 12.405 ? 74  LEU AAA CD1 1 ? 
ATOM   287  C CD2 A LEU A 1 35  ? -2.482  3.887   -5.935  0.500 10.356 ? 74  LEU AAA CD2 1 ? 
ATOM   288  C CD2 B LEU A 1 35  ? -3.514  4.366   -7.934  0.500 12.510 ? 74  LEU AAA CD2 1 ? 
ATOM   289  N N   . TRP A 1 36  ? -6.703  0.174   -7.307  1.000 12.210 ? 75  TRP AAA N   1 ? 
ATOM   290  C CA  . TRP A 1 36  ? -6.938  -1.266  -7.160  1.000 12.569 ? 75  TRP AAA CA  1 ? 
ATOM   291  C C   . TRP A 1 36  ? -7.344  -1.872  -8.498  1.000 12.204 ? 75  TRP AAA C   1 ? 
ATOM   292  O O   . TRP A 1 36  ? -6.951  -2.995  -8.826  1.000 13.519 ? 75  TRP AAA O   1 ? 
ATOM   293  C CB  . TRP A 1 36  ? -8.016  -1.514  -6.113  1.000 13.366 ? 75  TRP AAA CB  1 ? 
ATOM   294  C CG  . TRP A 1 36  ? -8.214  -2.976  -5.850  1.000 13.208 ? 75  TRP AAA CG  1 ? 
ATOM   295  C CD1 . TRP A 1 36  ? -9.152  -3.813  -6.391  1.000 14.644 ? 75  TRP AAA CD1 1 ? 
ATOM   296  C CD2 . TRP A 1 36  ? -7.447  -3.778  -4.935  1.000 11.799 ? 75  TRP AAA CD2 1 ? 
ATOM   297  N NE1 . TRP A 1 36  ? -9.014  -5.073  -5.888  1.000 16.414 ? 75  TRP AAA NE1 1 ? 
ATOM   298  C CE2 . TRP A 1 36  ? -7.988  -5.076  -4.967  1.000 12.691 ? 75  TRP AAA CE2 1 ? 
ATOM   299  C CE3 . TRP A 1 36  ? -6.400  -3.508  -4.036  1.000 11.831 ? 75  TRP AAA CE3 1 ? 
ATOM   300  C CZ2 . TRP A 1 36  ? -7.472  -6.123  -4.201  1.000 13.499 ? 75  TRP AAA CZ2 1 ? 
ATOM   301  C CZ3 . TRP A 1 36  ? -5.904  -4.539  -3.279  1.000 12.017 ? 75  TRP AAA CZ3 1 ? 
ATOM   302  C CH2 . TRP A 1 36  ? -6.433  -5.823  -3.343  1.000 13.210 ? 75  TRP AAA CH2 1 ? 
ATOM   303  N N   . LYS A 1 37  ? -8.084  -1.103  -9.314  1.000 13.140 ? 76  LYS AAA N   1 ? 
ATOM   304  C CA  . LYS A 1 37  ? -8.649  -1.601  -10.582 1.000 13.523 ? 76  LYS AAA CA  1 ? 
ATOM   305  C C   . LYS A 1 37  ? -7.713  -1.395  -11.768 1.000 14.516 ? 76  LYS AAA C   1 ? 
ATOM   306  O O   . LYS A 1 37  ? -8.019  -1.824  -12.890 1.000 14.761 ? 76  LYS AAA O   1 ? 
ATOM   307  C CB  . LYS A 1 37  ? -10.053 -1.010  -10.819 1.000 18.382 ? 76  LYS AAA CB  1 ? 
ATOM   308  C CG  . LYS A 1 37  ? -10.067 0.460   -11.176 1.000 22.999 ? 76  LYS AAA CG  1 ? 
ATOM   309  C CD  . LYS A 1 37  ? -11.515 0.976   -11.165 1.000 28.706 ? 76  LYS AAA CD  1 ? 
ATOM   310  C CE  . LYS A 1 37  ? -11.637 2.486   -11.156 1.000 34.302 ? 76  LYS AAA CE  1 ? 
ATOM   311  N NZ  . LYS A 1 37  ? -11.137 3.102   -12.409 1.000 38.292 ? 76  LYS AAA NZ  1 ? 
ATOM   312  N N   . HIS A 1 38  ? -6.589  -0.708  -11.562 1.000 12.527 ? 77  HIS AAA N   1 ? 
ATOM   313  C CA  . HIS A 1 38  ? -5.686  -0.396  -12.639 1.000 11.174 ? 77  HIS AAA CA  1 ? 
ATOM   314  C C   . HIS A 1 38  ? -5.045  -1.669  -13.200 1.000 10.113 ? 77  HIS AAA C   1 ? 
ATOM   315  O O   . HIS A 1 38  ? -4.791  -2.622  -12.492 1.000 10.683 ? 77  HIS AAA O   1 ? 
ATOM   316  C CB  . HIS A 1 38  ? -4.628  0.556   -12.087 1.000 12.328 ? 77  HIS AAA CB  1 ? 
ATOM   317  C CG  . HIS A 1 38  ? -3.805  1.234   -13.092 1.000 12.288 ? 77  HIS AAA CG  1 ? 
ATOM   318  N ND1 . HIS A 1 38  ? -2.729  0.640   -13.700 1.000 12.240 ? 77  HIS AAA ND1 1 ? 
ATOM   319  C CD2 . HIS A 1 38  ? -3.895  2.488   -13.590 1.000 14.314 ? 77  HIS AAA CD2 1 ? 
ATOM   320  C CE1 . HIS A 1 38  ? -2.204  1.458   -14.567 1.000 14.262 ? 77  HIS AAA CE1 1 ? 
ATOM   321  N NE2 . HIS A 1 38  ? -2.918  2.627   -14.506 1.000 14.337 ? 77  HIS AAA NE2 1 ? 
ATOM   322  N N   . GLN A 1 39  ? -4.718  -1.624  -14.505 1.000 10.422 ? 78  GLN AAA N   1 ? 
ATOM   323  C CA  . GLN A 1 39  ? -4.045  -2.730  -15.180 1.000 9.949  ? 78  GLN AAA CA  1 ? 
ATOM   324  C C   . GLN A 1 39  ? -2.770  -3.152  -14.460 1.000 9.246  ? 78  GLN AAA C   1 ? 
ATOM   325  O O   . GLN A 1 39  ? -2.406  -4.319  -14.484 1.000 10.528 ? 78  GLN AAA O   1 ? 
ATOM   326  C CB  . GLN A 1 39  ? -3.692  -2.289  -16.613 1.000 10.604 ? 78  GLN AAA CB  1 ? 
ATOM   327  C CG  . GLN A 1 39  ? -3.195  -3.412  -17.489 1.000 10.833 ? 78  GLN AAA CG  1 ? 
ATOM   328  C CD  . GLN A 1 39  ? -2.912  -2.986  -18.901 1.000 12.211 ? 78  GLN AAA CD  1 ? 
ATOM   329  O OE1 . GLN A 1 39  ? -3.439  -3.590  -19.866 1.000 14.941 ? 78  GLN AAA OE1 1 ? 
ATOM   330  N NE2 . GLN A 1 39  ? -2.135  -1.943  -19.033 1.000 11.880 ? 78  GLN AAA NE2 1 ? 
ATOM   331  N N   . PHE A 1 40  ? -2.102  -2.199  -13.812 1.000 9.784  ? 79  PHE AAA N   1 ? 
ATOM   332  C CA  . PHE A 1 40  ? -0.818  -2.471  -13.174 1.000 9.536  ? 79  PHE AAA CA  1 ? 
ATOM   333  C C   . PHE A 1 40  ? -0.910  -2.738  -11.677 1.000 8.914  ? 79  PHE AAA C   1 ? 
ATOM   334  O O   . PHE A 1 40  ? 0.131   -2.825  -11.015 1.000 9.998  ? 79  PHE AAA O   1 ? 
ATOM   335  C CB  . PHE A 1 40  ? 0.103   -1.269  -13.395 1.000 10.261 ? 79  PHE AAA CB  1 ? 
ATOM   336  C CG  . PHE A 1 40  ? 0.582   -1.042  -14.802 1.000 11.747 ? 79  PHE AAA CG  1 ? 
ATOM   337  C CD1 . PHE A 1 40  ? 0.489   -1.996  -15.816 1.000 11.140 ? 79  PHE AAA CD1 1 ? 
ATOM   338  C CD2 . PHE A 1 40  ? 1.158   0.190   -15.113 1.000 11.797 ? 79  PHE AAA CD2 1 ? 
ATOM   339  C CE1 . PHE A 1 40  ? 1.009   -1.725  -17.079 1.000 12.550 ? 79  PHE AAA CE1 1 ? 
ATOM   340  C CE2 . PHE A 1 40  ? 1.696   0.442   -16.366 1.000 13.332 ? 79  PHE AAA CE2 1 ? 
ATOM   341  C CZ  . PHE A 1 40  ? 1.640   -0.524  -17.342 1.000 13.956 ? 79  PHE AAA CZ  1 ? 
ATOM   342  N N   . ALA A 1 41  ? -2.100  -2.913  -11.153 1.000 9.723  ? 80  ALA AAA N   1 ? 
ATOM   343  C CA  . ALA A 1 41  ? -2.249  -3.088  -9.711  1.000 9.570  ? 80  ALA AAA CA  1 ? 
ATOM   344  C C   . ALA A 1 41  ? -1.767  -4.427  -9.204  1.000 9.006  ? 80  ALA AAA C   1 ? 
ATOM   345  O O   . ALA A 1 41  ? -1.383  -4.522  -8.033  1.000 9.119  ? 80  ALA AAA O   1 ? 
ATOM   346  C CB  . ALA A 1 41  ? -3.691  -2.955  -9.282  1.000 11.841 ? 80  ALA AAA CB  1 ? 
ATOM   347  N N   . TRP A 1 42  ? -1.816  -5.484  -10.037 1.000 9.120  ? 81  TRP AAA N   1 ? 
ATOM   348  C CA  . TRP A 1 42  ? -1.707  -6.843  -9.521  1.000 9.225  ? 81  TRP AAA CA  1 ? 
ATOM   349  C C   . TRP A 1 42  ? -0.450  -7.102  -8.685  1.000 8.991  ? 81  TRP AAA C   1 ? 
ATOM   350  O O   . TRP A 1 42  ? -0.581  -7.852  -7.694  1.000 9.995  ? 81  TRP AAA O   1 ? 
ATOM   351  C CB  . TRP A 1 42  ? -1.910  -7.918  -10.602 1.000 9.685  ? 81  TRP AAA CB  1 ? 
ATOM   352  C CG  . TRP A 1 42  ? -0.930  -7.823  -11.723 1.000 9.682  ? 81  TRP AAA CG  1 ? 
ATOM   353  C CD1 . TRP A 1 42  ? -1.046  -7.084  -12.865 1.000 9.621  ? 81  TRP AAA CD1 1 ? 
ATOM   354  C CD2 . TRP A 1 42  ? 0.347   -8.489  -11.813 1.000 10.275 ? 81  TRP AAA CD2 1 ? 
ATOM   355  N NE1 . TRP A 1 42  ? 0.060   -7.258  -13.652 1.000 10.708 ? 81  TRP AAA NE1 1 ? 
ATOM   356  C CE2 . TRP A 1 42  ? 0.939   -8.107  -13.044 1.000 10.118 ? 81  TRP AAA CE2 1 ? 
ATOM   357  C CE3 . TRP A 1 42  ? 1.050   -9.387  -10.979 1.000 11.050 ? 81  TRP AAA CE3 1 ? 
ATOM   358  C CZ2 . TRP A 1 42  ? 2.199   -8.582  -13.453 1.000 12.412 ? 81  TRP AAA CZ2 1 ? 
ATOM   359  C CZ3 . TRP A 1 42  ? 2.291   -9.848  -11.402 1.000 12.380 ? 81  TRP AAA CZ3 1 ? 
ATOM   360  C CH2 . TRP A 1 42  ? 2.855   -9.454  -12.617 1.000 12.357 ? 81  TRP AAA CH2 1 ? 
ATOM   361  N N   . PRO A 1 43  ? 0.748   -6.595  -8.974  1.000 8.960  ? 82  PRO AAA N   1 ? 
ATOM   362  C CA  . PRO A 1 43  ? 1.891   -6.915  -8.120  1.000 9.313  ? 82  PRO AAA CA  1 ? 
ATOM   363  C C   . PRO A 1 43  ? 1.759   -6.335  -6.716  1.000 9.338  ? 82  PRO AAA C   1 ? 
ATOM   364  O O   . PRO A 1 43  ? 2.518   -6.755  -5.837  1.000 10.086 ? 82  PRO AAA O   1 ? 
ATOM   365  C CB  . PRO A 1 43  ? 3.090   -6.260  -8.830  1.000 9.878  ? 82  PRO AAA CB  1 ? 
ATOM   366  C CG  . PRO A 1 43  ? 2.622   -6.071  -10.280 1.000 9.997  ? 82  PRO AAA CG  1 ? 
ATOM   367  C CD  . PRO A 1 43  ? 1.163   -5.762  -10.117 1.000 9.066  ? 82  PRO AAA CD  1 ? 
ATOM   368  N N   . PHE A 1 44  ? 0.831   -5.388  -6.536  1.000 8.676  ? 83  PHE AAA N   1 ? 
ATOM   369  C CA  . PHE A 1 44  ? 0.722   -4.631  -5.291  1.000 8.525  ? 83  PHE AAA CA  1 ? 
ATOM   370  C C   . PHE A 1 44  ? -0.487  -5.037  -4.480  1.000 9.741  ? 83  PHE AAA C   1 ? 
ATOM   371  O O   . PHE A 1 44  ? -0.741  -4.456  -3.420  1.000 9.936  ? 83  PHE AAA O   1 ? 
ATOM   372  C CB  . PHE A 1 44  ? 0.659   -3.130  -5.627  1.000 9.294  ? 83  PHE AAA CB  1 ? 
ATOM   373  C CG  . PHE A 1 44  ? 1.811   -2.695  -6.487  1.000 9.102  ? 83  PHE AAA CG  1 ? 
ATOM   374  C CD1 . PHE A 1 44  ? 3.078   -2.510  -5.934  1.000 10.899 ? 83  PHE AAA CD1 1 ? 
ATOM   375  C CD2 . PHE A 1 44  ? 1.649   -2.534  -7.853  1.000 9.568  ? 83  PHE AAA CD2 1 ? 
ATOM   376  C CE1 . PHE A 1 44  ? 4.150   -2.180  -6.760  1.000 12.863 ? 83  PHE AAA CE1 1 ? 
ATOM   377  C CE2 . PHE A 1 44  ? 2.718   -2.201  -8.680  1.000 10.854 ? 83  PHE AAA CE2 1 ? 
ATOM   378  C CZ  . PHE A 1 44  ? 3.961   -2.026  -8.109  1.000 11.631 ? 83  PHE AAA CZ  1 ? 
ATOM   379  N N   . GLN A 1 45  ? -1.266  -6.009  -4.943  1.000 8.693  ? 84  GLN AAA N   1 ? 
ATOM   380  C CA  . GLN A 1 45  ? -2.536  -6.323  -4.306  1.000 9.285  ? 84  GLN AAA CA  1 ? 
ATOM   381  C C   . GLN A 1 45  ? -2.439  -7.282  -3.125  1.000 9.375  ? 84  GLN AAA C   1 ? 
ATOM   382  O O   . GLN A 1 45  ? -3.450  -7.554  -2.497  1.000 10.827 ? 84  GLN AAA O   1 ? 
ATOM   383  C CB  . GLN A 1 45  ? -3.546  -6.866  -5.316  1.000 9.227  ? 84  GLN AAA CB  1 ? 
ATOM   384  C CG  . GLN A 1 45  ? -4.062  -5.791  -6.264  1.000 10.893 ? 84  GLN AAA CG  1 ? 
ATOM   385  C CD  . GLN A 1 45  ? -4.932  -6.398  -7.363  1.000 12.009 ? 84  GLN AAA CD  1 ? 
ATOM   386  O OE1 . GLN A 1 45  ? -4.751  -7.541  -7.788  1.000 13.901 ? 84  GLN AAA OE1 1 ? 
ATOM   387  N NE2 . GLN A 1 45  ? -5.902  -5.640  -7.846  1.000 13.852 ? 84  GLN AAA NE2 1 ? 
ATOM   388  N N   . GLN A 1 46  ? -1.236  -7.733  -2.811  1.000 9.763  ? 85  GLN AAA N   1 ? 
ATOM   389  C CA  . GLN A 1 46  ? -1.008  -8.656  -1.710  1.000 9.643  ? 85  GLN AAA CA  1 ? 
ATOM   390  C C   . GLN A 1 46  ? 0.433   -8.519  -1.268  1.000 9.281  ? 85  GLN AAA C   1 ? 
ATOM   391  O O   . GLN A 1 46  ? 1.267   -8.023  -2.035  1.000 9.092  ? 85  GLN AAA O   1 ? 
ATOM   392  C CB  . GLN A 1 46  ? -1.317  -10.095 -2.102  1.000 11.251 ? 85  GLN AAA CB  1 ? 
ATOM   393  C CG  . GLN A 1 46  ? -0.473  -10.594 -3.279  1.000 11.268 ? 85  GLN AAA CG  1 ? 
ATOM   394  C CD  . GLN A 1 46  ? -0.845  -10.008 -4.628  1.000 12.146 ? 85  GLN AAA CD  1 ? 
ATOM   395  O OE1 . GLN A 1 46  ? -2.017  -10.063 -4.996  1.000 15.059 ? 85  GLN AAA OE1 1 ? 
ATOM   396  N NE2 . GLN A 1 46  ? 0.094   -9.376  -5.335  1.000 12.108 ? 85  GLN AAA NE2 1 ? 
ATOM   397  N N   . PRO A 1 47  ? 0.770   -9.014  -0.068  1.000 9.459  ? 86  PRO AAA N   1 ? 
ATOM   398  C CA  . PRO A 1 47  ? 2.163   -8.992  0.352   1.000 10.320 ? 86  PRO AAA CA  1 ? 
ATOM   399  C C   . PRO A 1 47  ? 3.067   -9.739  -0.633  1.000 10.145 ? 86  PRO AAA C   1 ? 
ATOM   400  O O   . PRO A 1 47  ? 2.662   -10.718 -1.258  1.000 11.147 ? 86  PRO AAA O   1 ? 
ATOM   401  C CB  . PRO A 1 47  ? 2.142   -9.712  1.704   1.000 12.378 ? 86  PRO AAA CB  1 ? 
ATOM   402  C CG  . PRO A 1 47  ? 0.769   -9.394  2.237   1.000 12.487 ? 86  PRO AAA CG  1 ? 
ATOM   403  C CD  . PRO A 1 47  ? -0.119  -9.482  1.016   1.000 11.798 ? 86  PRO AAA CD  1 ? 
ATOM   404  N N   . VAL A 1 48  ? 4.311   -9.298  -0.738  1.000 10.457 ? 87  VAL AAA N   1 ? 
ATOM   405  C CA  . VAL A 1 48  ? 5.281   -10.016 -1.526  1.000 10.874 ? 87  VAL AAA CA  1 ? 
ATOM   406  C C   . VAL A 1 48  ? 5.502   -11.405 -0.940  1.000 10.483 ? 87  VAL AAA C   1 ? 
ATOM   407  O O   . VAL A 1 48  ? 5.927   -11.524 0.209   1.000 10.536 ? 87  VAL AAA O   1 ? 
ATOM   408  C CB  . VAL A 1 48  ? 6.575   -9.195  -1.627  1.000 11.396 ? 87  VAL AAA CB  1 ? 
ATOM   409  C CG1 . VAL A 1 48  ? 7.636   -10.020 -2.348  1.000 13.647 ? 87  VAL AAA CG1 1 ? 
ATOM   410  C CG2 . VAL A 1 48  ? 6.310   -7.905  -2.406  1.000 13.360 ? 87  VAL AAA CG2 1 ? 
ATOM   411  N N   . ASP A 1 49  ? 5.257   -12.450 -1.732  1.000 11.321 ? 88  ASP AAA N   1 ? 
ATOM   412  C CA  . ASP A 1 49  ? 5.586   -13.820 -1.366  1.000 11.615 ? 88  ASP AAA CA  1 ? 
ATOM   413  C C   . ASP A 1 49  ? 6.996   -14.097 -1.887  1.000 11.149 ? 88  ASP AAA C   1 ? 
ATOM   414  O O   . ASP A 1 49  ? 7.215   -14.454 -3.052  1.000 10.792 ? 88  ASP AAA O   1 ? 
ATOM   415  C CB  . ASP A 1 49  ? 4.549   -14.808 -1.894  1.000 13.401 ? 88  ASP AAA CB  1 ? 
ATOM   416  C CG  . ASP A 1 49  ? 4.809   -16.231 -1.452  1.000 13.652 ? 88  ASP AAA CG  1 ? 
ATOM   417  O OD1 . ASP A 1 49  ? 5.933   -16.579 -1.053  1.000 12.955 ? 88  ASP AAA OD1 1 ? 
ATOM   418  O OD2 . ASP A 1 49  ? 3.853   -17.034 -1.567  1.000 19.200 ? 88  ASP AAA OD2 1 ? 
ATOM   419  N N   . ALA A 1 50  ? 7.975   -13.903 -1.000  1.000 11.789 ? 89  ALA AAA N   1 ? 
ATOM   420  C CA  . ALA A 1 50  ? 9.375   -14.032 -1.370  1.000 13.222 ? 89  ALA AAA CA  1 ? 
ATOM   421  C C   . ALA A 1 50  ? 9.739   -15.472 -1.737  1.000 12.328 ? 89  ALA AAA C   1 ? 
ATOM   422  O O   . ALA A 1 50  ? 10.726  -15.698 -2.456  1.000 13.767 ? 89  ALA AAA O   1 ? 
ATOM   423  C CB  . ALA A 1 50  ? 10.214  -13.536 -0.222  1.000 14.627 ? 89  ALA AAA CB  1 ? 
ATOM   424  N N   . VAL A 1 51  ? 9.007   -16.445 -1.213  1.000 12.785 ? 90  VAL AAA N   1 ? 
ATOM   425  C CA  . VAL A 1 51  ? 9.299   -17.822 -1.536  1.000 14.131 ? 90  VAL AAA CA  1 ? 
ATOM   426  C C   . VAL A 1 51  ? 8.818   -18.117 -2.950  1.000 12.015 ? 90  VAL AAA C   1 ? 
ATOM   427  O O   . VAL A 1 51  ? 9.581   -18.632 -3.785  1.000 14.587 ? 90  VAL AAA O   1 ? 
ATOM   428  C CB  . VAL A 1 51  ? 8.665   -18.753 -0.481  1.000 13.659 ? 90  VAL AAA CB  1 ? 
ATOM   429  C CG1 . VAL A 1 51  ? 8.891   -20.207 -0.858  1.000 15.932 ? 90  VAL AAA CG1 1 ? 
ATOM   430  C CG2 . VAL A 1 51  ? 9.200   -18.464 0.915   1.000 16.199 ? 90  VAL AAA CG2 1 ? 
ATOM   431  N N   . LYS A 1 52  ? 7.565   -17.769 -3.255  1.000 12.470 ? 91  LYS AAA N   1 ? 
ATOM   432  C CA  . LYS A 1 52  ? 7.031   -18.043 -4.579  1.000 12.791 ? 91  LYS AAA CA  1 ? 
ATOM   433  C C   . LYS A 1 52  ? 7.818   -17.298 -5.663  1.000 12.033 ? 91  LYS AAA C   1 ? 
ATOM   434  O O   . LYS A 1 52  ? 7.997   -17.817 -6.774  1.000 13.659 ? 91  LYS AAA O   1 ? 
ATOM   435  C CB  . LYS A 1 52  ? 5.552   -17.697 -4.629  1.000 13.490 ? 91  LYS AAA CB  1 ? 
ATOM   436  C CG  . LYS A 1 52  ? 4.878   -18.249 -5.884  1.000 17.099 ? 91  LYS AAA CG  1 ? 
ATOM   437  C CD  . LYS A 1 52  ? 3.389   -18.330 -5.757  1.000 17.794 ? 91  LYS AAA CD  1 ? 
ATOM   438  C CE  . LYS A 1 52  ? 2.775   -19.163 -6.858  1.000 17.537 ? 91  LYS AAA CE  1 ? 
ATOM   439  N NZ  . LYS A 1 52  ? 1.312   -18.994 -6.844  1.000 20.016 ? 91  LYS AAA NZ  1 ? 
ATOM   440  N N   . LEU A 1 53  ? 8.328   -16.098 -5.356  1.000 11.115 ? 92  LEU AAA N   1 ? 
ATOM   441  C CA  . LEU A 1 53  ? 9.092   -15.303 -6.314  1.000 11.861 ? 92  LEU AAA CA  1 ? 
ATOM   442  C C   . LEU A 1 53  ? 10.584  -15.616 -6.333  1.000 12.165 ? 92  LEU AAA C   1 ? 
ATOM   443  O O   . LEU A 1 53  ? 11.317  -15.025 -7.139  1.000 13.508 ? 92  LEU AAA O   1 ? 
ATOM   444  C CB  . LEU A 1 53  ? 8.876   -13.804 -6.060  1.000 12.623 ? 92  LEU AAA CB  1 ? 
ATOM   445  C CG  . LEU A 1 53  ? 7.455   -13.311 -6.263  1.000 13.135 ? 92  LEU AAA CG  1 ? 
ATOM   446  C CD1 . LEU A 1 53  ? 7.349   -11.871 -5.865  1.000 15.805 ? 92  LEU AAA CD1 1 ? 
ATOM   447  C CD2 . LEU A 1 53  ? 6.942   -13.525 -7.682  1.000 17.532 ? 92  LEU AAA CD2 1 ? 
ATOM   448  N N   . ASN A 1 54  ? 11.038  -16.475 -5.428  1.000 11.057 ? 93  ASN AAA N   1 ? 
ATOM   449  C CA  . ASN A 1 54  ? 12.456  -16.806 -5.324  1.000 11.752 ? 93  ASN AAA CA  1 ? 
ATOM   450  C C   . ASN A 1 54  ? 13.302  -15.554 -5.076  1.000 12.588 ? 93  ASN AAA C   1 ? 
ATOM   451  O O   . ASN A 1 54  ? 14.284  -15.292 -5.780  1.000 14.369 ? 93  ASN AAA O   1 ? 
ATOM   452  C CB  . ASN A 1 54  ? 13.000  -17.536 -6.570  1.000 15.353 ? 93  ASN AAA CB  1 ? 
ATOM   453  C CG  . ASN A 1 54  ? 14.390  -18.058 -6.281  1.000 18.649 ? 93  ASN AAA CG  1 ? 
ATOM   454  O OD1 . ASN A 1 54  ? 14.683  -18.403 -5.140  1.000 21.997 ? 93  ASN AAA OD1 1 ? 
ATOM   455  N ND2 . ASN A 1 54  ? 15.256  -18.118 -7.287  1.000 22.992 ? 93  ASN AAA ND2 1 ? 
ATOM   456  N N   . LEU A 1 55  ? 12.925  -14.774 -4.057  1.000 10.614 ? 94  LEU AAA N   1 ? 
ATOM   457  C CA  . LEU A 1 55  ? 13.619  -13.552 -3.689  1.000 10.694 ? 94  LEU AAA CA  1 ? 
ATOM   458  C C   . LEU A 1 55  ? 14.029  -13.662 -2.244  1.000 10.628 ? 94  LEU AAA C   1 ? 
ATOM   459  O O   . LEU A 1 55  ? 13.435  -13.006 -1.385  1.000 9.715  ? 94  LEU AAA O   1 ? 
ATOM   460  C CB  . LEU A 1 55  ? 12.718  -12.334 -3.866  1.000 12.298 ? 94  LEU AAA CB  1 ? 
ATOM   461  C CG  . LEU A 1 55  ? 12.187  -12.096 -5.275  1.000 15.639 ? 94  LEU AAA CG  1 ? 
ATOM   462  C CD1 . LEU A 1 55  ? 11.236  -10.909 -5.258  1.000 17.508 ? 94  LEU AAA CD1 1 ? 
ATOM   463  C CD2 . LEU A 1 55  ? 13.323  -11.849 -6.227  1.000 19.183 ? 94  LEU AAA CD2 1 ? 
ATOM   464  N N   . PRO A 1 56  ? 15.003  -14.526 -1.915  1.000 10.601 ? 95  PRO AAA N   1 ? 
ATOM   465  C CA  . PRO A 1 56  ? 15.289  -14.777 -0.500  1.000 11.005 ? 95  PRO AAA CA  1 ? 
ATOM   466  C C   . PRO A 1 56  ? 15.800  -13.547 0.216   1.000 9.691  ? 95  PRO AAA C   1 ? 
ATOM   467  O O   . PRO A 1 56  ? 15.658  -13.482 1.440   1.000 11.552 ? 95  PRO AAA O   1 ? 
ATOM   468  C CB  . PRO A 1 56  ? 16.348  -15.873 -0.478  1.000 13.119 ? 95  PRO AAA CB  1 ? 
ATOM   469  C CG  . PRO A 1 56  ? 16.935  -15.782 -1.842  1.000 13.155 ? 95  PRO AAA CG  1 ? 
ATOM   470  C CD  . PRO A 1 56  ? 15.800  -15.391 -2.797  1.000 12.534 ? 95  PRO AAA CD  1 ? 
ATOM   471  N N   . ASP A 1 57  ? 16.315  -12.552 -0.483  1.000 9.640  ? 96  ASP AAA N   1 ? 
ATOM   472  C CA  . ASP A 1 57  ? 16.779  -11.353 0.193   1.000 9.772  ? 96  ASP AAA CA  1 ? 
ATOM   473  C C   . ASP A 1 57  ? 15.698  -10.272 0.312   1.000 8.951  ? 96  ASP AAA C   1 ? 
ATOM   474  O O   . ASP A 1 57  ? 15.996  -9.217  0.840   1.000 10.305 ? 96  ASP AAA O   1 ? 
ATOM   475  C CB  . ASP A 1 57  ? 18.016  -10.749 -0.488  1.000 11.465 ? 96  ASP AAA CB  1 ? 
ATOM   476  C CG  . ASP A 1 57  ? 17.716  -10.161 -1.837  1.000 11.946 ? 96  ASP AAA CG  1 ? 
ATOM   477  O OD1 . ASP A 1 57  ? 16.664  -10.453 -2.427  1.000 12.711 ? 96  ASP AAA OD1 1 ? 
ATOM   478  O OD2 . ASP A 1 57  ? 18.630  -9.439  -2.361  1.000 16.895 ? 96  ASP AAA OD2 1 ? 
ATOM   479  N N   . TYR A 1 58  ? 14.464  -10.512 -0.149  1.000 8.757  ? 97  TYR AAA N   1 ? 
ATOM   480  C CA  . TYR A 1 58  ? 13.495  -9.407  -0.164  1.000 8.598  ? 97  TYR AAA CA  1 ? 
ATOM   481  C C   . TYR A 1 58  ? 13.273  -8.812  1.220   1.000 8.791  ? 97  TYR AAA C   1 ? 
ATOM   482  O O   . TYR A 1 58  ? 13.384  -7.605  1.389   1.000 8.629  ? 97  TYR AAA O   1 ? 
ATOM   483  C CB  . TYR A 1 58  ? 12.166  -9.861  -0.792  1.000 9.588  ? 97  TYR AAA CB  1 ? 
ATOM   484  C CG  . TYR A 1 58  ? 11.193  -8.719  -0.936  1.000 9.158  ? 97  TYR AAA CG  1 ? 
ATOM   485  C CD1 . TYR A 1 58  ? 11.319  -7.827  -1.999  1.000 9.764  ? 97  TYR AAA CD1 1 ? 
ATOM   486  C CD2 . TYR A 1 58  ? 10.264  -8.449  0.045   1.000 9.255  ? 97  TYR AAA CD2 1 ? 
ATOM   487  C CE1 . TYR A 1 58  ? 10.481  -6.731  -2.114  1.000 10.248 ? 97  TYR AAA CE1 1 ? 
ATOM   488  C CE2 . TYR A 1 58  ? 9.423   -7.353  -0.071  1.000 9.251  ? 97  TYR AAA CE2 1 ? 
ATOM   489  C CZ  . TYR A 1 58  ? 9.531   -6.496  -1.146  1.000 10.024 ? 97  TYR AAA CZ  1 ? 
ATOM   490  O OH  . TYR A 1 58  ? 8.739   -5.379  -1.261  1.000 12.406 ? 97  TYR AAA OH  1 ? 
ATOM   491  N N   . TYR A 1 59  ? 13.038  -9.686  2.223   1.000 8.746  ? 98  TYR AAA N   1 ? 
ATOM   492  C CA  . TYR A 1 59  ? 12.753  -9.208  3.572   1.000 9.198  ? 98  TYR AAA CA  1 ? 
ATOM   493  C C   . TYR A 1 59  ? 14.033  -9.032  4.394   1.000 9.589  ? 98  TYR AAA C   1 ? 
ATOM   494  O O   . TYR A 1 59  ? 13.962  -8.574  5.536   1.000 11.191 ? 98  TYR AAA O   1 ? 
ATOM   495  C CB  . TYR A 1 59  ? 11.714  -10.114 4.268   1.000 8.708  ? 98  TYR AAA CB  1 ? 
ATOM   496  C CG  . TYR A 1 59  ? 10.353  -10.007 3.627   1.000 8.596  ? 98  TYR AAA CG  1 ? 
ATOM   497  C CD1 . TYR A 1 59  ? 9.615   -8.847  3.765   1.000 9.217  ? 98  TYR AAA CD1 1 ? 
ATOM   498  C CD2 . TYR A 1 59  ? 9.823   -11.042 2.872   1.000 8.820  ? 98  TYR AAA CD2 1 ? 
ATOM   499  C CE1 . TYR A 1 59  ? 8.355   -8.755  3.207   1.000 9.609  ? 98  TYR AAA CE1 1 ? 
ATOM   500  C CE2 . TYR A 1 59  ? 8.571   -10.938 2.272   1.000 8.851  ? 98  TYR AAA CE2 1 ? 
ATOM   501  C CZ  . TYR A 1 59  ? 7.829   -9.786  2.457   1.000 9.062  ? 98  TYR AAA CZ  1 ? 
ATOM   502  O OH  . TYR A 1 59  ? 6.578   -9.609  1.916   1.000 10.264 ? 98  TYR AAA OH  1 ? 
ATOM   503  N N   . LYS A 1 60  ? 15.191  -9.262  3.767   1.000 10.104 ? 99  LYS AAA N   1 ? 
ATOM   504  C CA  . LYS A 1 60  ? 16.459  -8.773  4.282   1.000 10.911 ? 99  LYS AAA CA  1 ? 
ATOM   505  C C   . LYS A 1 60  ? 16.584  -7.277  4.007   1.000 10.771 ? 99  LYS AAA C   1 ? 
ATOM   506  O O   . LYS A 1 60  ? 17.105  -6.548  4.848   1.000 13.492 ? 99  LYS AAA O   1 ? 
ATOM   507  C CB  . LYS A 1 60  ? 17.631  -9.570  3.699   1.000 12.321 ? 99  LYS AAA CB  1 ? 
ATOM   508  C CG  . LYS A 1 60  ? 19.002  -9.143  4.179   1.000 14.860 ? 99  LYS AAA CG  1 ? 
ATOM   509  C CD  . LYS A 1 60  ? 19.261  -9.472  5.621   1.000 21.661 ? 99  LYS AAA CD  1 ? 
ATOM   510  C CE  . LYS A 1 60  ? 20.698  -9.136  5.954   1.000 23.831 ? 99  LYS AAA CE  1 ? 
ATOM   511  N NZ  . LYS A 1 60  ? 20.926  -9.042  7.418   1.000 28.950 ? 99  LYS AAA NZ  1 ? 
ATOM   512  N N   A ILE A 1 61  ? 16.138  -6.857  2.808   0.500 10.014 ? 100 ILE AAA N   1 ? 
ATOM   513  N N   B ILE A 1 61  ? 16.082  -6.785  2.863   0.500 9.931  ? 100 ILE AAA N   1 ? 
ATOM   514  C CA  A ILE A 1 61  ? 16.229  -5.484  2.349   0.500 10.307 ? 100 ILE AAA CA  1 ? 
ATOM   515  C CA  B ILE A 1 61  ? 16.220  -5.403  2.417   0.500 10.183 ? 100 ILE AAA CA  1 ? 
ATOM   516  C C   A ILE A 1 61  ? 15.056  -4.663  2.871   0.500 9.501  ? 100 ILE AAA C   1 ? 
ATOM   517  C C   B ILE A 1 61  ? 15.004  -4.567  2.786   0.500 9.697  ? 100 ILE AAA C   1 ? 
ATOM   518  O O   A ILE A 1 61  ? 15.278  -3.597  3.436   0.500 10.467 ? 100 ILE AAA O   1 ? 
ATOM   519  O O   B ILE A 1 61  ? 15.120  -3.380  3.079   0.500 11.068 ? 100 ILE AAA O   1 ? 
ATOM   520  C CB  A ILE A 1 61  ? 16.394  -5.418  0.810   0.500 10.270 ? 100 ILE AAA CB  1 ? 
ATOM   521  C CB  B ILE A 1 61  ? 16.500  -5.445  0.901   0.500 10.214 ? 100 ILE AAA CB  1 ? 
ATOM   522  C CG1 A ILE A 1 61  ? 17.561  -6.282  0.293   0.500 11.269 ? 100 ILE AAA CG1 1 ? 
ATOM   523  C CG1 B ILE A 1 61  ? 17.902  -6.004  0.647   0.500 11.057 ? 100 ILE AAA CG1 1 ? 
ATOM   524  C CG2 A ILE A 1 61  ? 16.554  -3.963  0.384   0.500 11.097 ? 100 ILE AAA CG2 1 ? 
ATOM   525  C CG2 B ILE A 1 61  ? 16.291  -4.120  0.170   0.500 11.263 ? 100 ILE AAA CG2 1 ? 
ATOM   526  C CD1 A ILE A 1 61  ? 18.867  -5.971  0.975   0.500 12.507 ? 100 ILE AAA CD1 1 ? 
ATOM   527  C CD1 B ILE A 1 61  ? 18.077  -6.488  -0.739  0.500 11.409 ? 100 ILE AAA CD1 1 ? 
ATOM   528  N N   . ILE A 1 62  ? 13.843  -5.181  2.667   1.000 8.865  ? 101 ILE AAA N   1 ? 
ATOM   529  C CA  . ILE A 1 62  ? 12.621  -4.440  2.951   1.000 8.997  ? 101 ILE AAA CA  1 ? 
ATOM   530  C C   . ILE A 1 62  ? 12.149  -4.814  4.362   1.000 8.919  ? 101 ILE AAA C   1 ? 
ATOM   531  O O   . ILE A 1 62  ? 11.611  -5.898  4.589   1.000 9.632  ? 101 ILE AAA O   1 ? 
ATOM   532  C CB  . ILE A 1 62  ? 11.566  -4.731  1.887   1.000 8.904  ? 101 ILE AAA CB  1 ? 
ATOM   533  C CG1 . ILE A 1 62  ? 12.044  -4.309  0.490   1.000 9.509  ? 101 ILE AAA CG1 1 ? 
ATOM   534  C CG2 . ILE A 1 62  ? 10.224  -4.093  2.254   1.000 9.736  ? 101 ILE AAA CG2 1 ? 
ATOM   535  C CD1 . ILE A 1 62  ? 12.456  -2.875  0.343   1.000 10.257 ? 101 ILE AAA CD1 1 ? 
ATOM   536  N N   . LYS A 1 63  ? 12.352  -3.881  5.275   1.000 8.988  ? 102 LYS AAA N   1 ? 
ATOM   537  C CA  . LYS A 1 63  ? 11.993  -4.096  6.672   1.000 10.393 ? 102 LYS AAA CA  1 ? 
ATOM   538  C C   . LYS A 1 63  ? 10.682  -3.430  7.041   1.000 10.781 ? 102 LYS AAA C   1 ? 
ATOM   539  O O   . LYS A 1 63  ? 10.204  -3.631  8.178   1.000 12.247 ? 102 LYS AAA O   1 ? 
ATOM   540  C CB  . LYS A 1 63  ? 13.087  -3.614  7.619   1.000 12.266 ? 102 LYS AAA CB  1 ? 
ATOM   541  C CG  . LYS A 1 63  ? 14.433  -4.298  7.435   1.000 12.752 ? 102 LYS AAA CG  1 ? 
ATOM   542  C CD  . LYS A 1 63  ? 14.271  -5.801  7.651   1.000 13.898 ? 102 LYS AAA CD  1 ? 
ATOM   543  C CE  . LYS A 1 63  ? 15.596  -6.498  7.824   1.000 15.867 ? 102 LYS AAA CE  1 ? 
ATOM   544  N NZ  . LYS A 1 63  ? 15.380  -7.942  7.864   1.000 13.498 ? 102 LYS AAA NZ  1 ? 
ATOM   545  N N   . THR A 1 64  ? 10.083  -2.679  6.122   1.000 10.675 ? 103 THR AAA N   1 ? 
ATOM   546  C CA  . THR A 1 64  ? 8.832   -1.992  6.361   1.000 12.163 ? 103 THR AAA CA  1 ? 
ATOM   547  C C   . THR A 1 64  ? 7.873   -2.369  5.240   1.000 10.141 ? 103 THR AAA C   1 ? 
ATOM   548  O O   . THR A 1 64  ? 7.460   -1.517  4.446   1.000 12.213 ? 103 THR AAA O   1 ? 
ATOM   549  C CB  . THR A 1 64  ? 9.000   -0.466  6.471   1.000 15.522 ? 103 THR AAA CB  1 ? 
ATOM   550  O OG1 . THR A 1 64  ? 9.463   0.017   5.209   1.000 24.455 ? 103 THR AAA OG1 1 ? 
ATOM   551  C CG2 . THR A 1 64  ? 9.920   -0.122  7.625   1.000 16.791 ? 103 THR AAA CG2 1 ? 
ATOM   552  N N   . PRO A 1 65  ? 7.491   -3.623  5.064   1.000 10.274 ? 104 PRO AAA N   1 ? 
ATOM   553  C CA  . PRO A 1 65  ? 6.675   -3.940  3.902   1.000 10.441 ? 104 PRO AAA CA  1 ? 
ATOM   554  C C   . PRO A 1 65  ? 5.256   -3.397  4.010   1.000 9.220  ? 104 PRO AAA C   1 ? 
ATOM   555  O O   . PRO A 1 65  ? 4.669   -3.239  5.092   1.000 10.082 ? 104 PRO AAA O   1 ? 
ATOM   556  C CB  . PRO A 1 65  ? 6.631   -5.461  3.906   1.000 12.025 ? 104 PRO AAA CB  1 ? 
ATOM   557  C CG  . PRO A 1 65  ? 7.038   -5.875  5.303   1.000 12.076 ? 104 PRO AAA CG  1 ? 
ATOM   558  C CD  . PRO A 1 65  ? 7.833   -4.779  5.914   1.000 11.442 ? 104 PRO AAA CD  1 ? 
ATOM   559  N N   . MET A 1 66  ? 4.674   -3.093  2.849   1.000 9.090  ? 105 MET AAA N   1 ? 
ATOM   560  C CA  . MET A 1 66  ? 3.287   -2.659  2.811   1.000 7.986  ? 105 MET AAA CA  1 ? 
ATOM   561  C C   . MET A 1 66  ? 2.809   -2.979  1.411   1.000 8.629  ? 105 MET AAA C   1 ? 
ATOM   562  O O   . MET A 1 66  ? 3.594   -2.939  0.440   1.000 11.000 ? 105 MET AAA O   1 ? 
ATOM   563  C CB  . MET A 1 66  ? 3.222   -1.152  3.057   1.000 9.100  ? 105 MET AAA CB  1 ? 
ATOM   564  C CG  . MET A 1 66  ? 1.791   -0.582  3.189   1.000 9.901  ? 105 MET AAA CG  1 ? 
ATOM   565  S SD  . MET A 1 66  ? 0.667   -1.507  4.257   1.000 9.365  ? 105 MET AAA SD  1 ? 
ATOM   566  C CE  . MET A 1 66  ? 1.559   -1.450  5.838   1.000 10.374 ? 105 MET AAA CE  1 ? 
ATOM   567  N N   . ASP A 1 67  ? 1.537   -3.220  1.277   1.000 9.108  ? 106 ASP AAA N   1 ? 
ATOM   568  C CA  . ASP A 1 67  ? 0.920   -3.575  0.009   1.000 8.630  ? 106 ASP AAA CA  1 ? 
ATOM   569  C C   . ASP A 1 67  ? -0.499  -3.048  0.009   1.000 8.339  ? 106 ASP AAA C   1 ? 
ATOM   570  O O   . ASP A 1 67  ? -1.076  -2.766  1.084   1.000 8.105  ? 106 ASP AAA O   1 ? 
ATOM   571  C CB  . ASP A 1 67  ? 0.942   -5.100  -0.181  1.000 9.542  ? 106 ASP AAA CB  1 ? 
ATOM   572  C CG  . ASP A 1 67  ? 0.053   -5.796  0.823   1.000 9.512  ? 106 ASP AAA CG  1 ? 
ATOM   573  O OD1 . ASP A 1 67  ? 0.570   -5.981  1.986   1.000 9.828  ? 106 ASP AAA OD1 1 ? 
ATOM   574  O OD2 . ASP A 1 67  ? -1.093  -6.094  0.512   1.000 9.441  ? 106 ASP AAA OD2 1 ? 
ATOM   575  N N   . MET A 1 68  ? -1.128  -2.979  -1.175  1.000 9.290  ? 107 MET AAA N   1 ? 
ATOM   576  C CA  . MET A 1 68  ? -2.470  -2.452  -1.251  1.000 9.300  ? 107 MET AAA CA  1 ? 
ATOM   577  C C   . MET A 1 68  ? -3.513  -3.396  -0.698  1.000 9.190  ? 107 MET AAA C   1 ? 
ATOM   578  O O   . MET A 1 68  ? -4.595  -2.928  -0.342  1.000 10.483 ? 107 MET AAA O   1 ? 
ATOM   579  C CB  . MET A 1 68  ? -2.885  -2.119  -2.688  1.000 11.146 ? 107 MET AAA CB  1 ? 
ATOM   580  C CG  . MET A 1 68  ? -2.240  -0.905  -3.224  1.000 13.561 ? 107 MET AAA CG  1 ? 
ATOM   581  S SD  . MET A 1 68  ? -3.135  -0.147  -4.594  1.000 13.867 ? 107 MET AAA SD  1 ? 
ATOM   582  C CE  . MET A 1 68  ? -3.147  -1.469  -5.799  1.000 13.165 ? 107 MET AAA CE  1 ? 
ATOM   583  N N   . GLY A 1 69  ? -3.255  -4.713  -0.664  1.000 9.499  ? 108 GLY AAA N   1 ? 
ATOM   584  C CA  . GLY A 1 69  ? -4.216  -5.578  -0.004  1.000 11.032 ? 108 GLY AAA CA  1 ? 
ATOM   585  C C   . GLY A 1 69  ? -4.358  -5.298  1.494   1.000 9.442  ? 108 GLY AAA C   1 ? 
ATOM   586  O O   . GLY A 1 69  ? -5.467  -5.222  2.048   1.000 10.330 ? 108 GLY AAA O   1 ? 
ATOM   587  N N   . THR A 1 70  ? -3.217  -5.025  2.121   1.000 9.404  ? 109 THR AAA N   1 ? 
ATOM   588  C CA  . THR A 1 70  ? -3.208  -4.605  3.516   1.000 9.080  ? 109 THR AAA CA  1 ? 
ATOM   589  C C   . THR A 1 70  ? -3.891  -3.255  3.684   1.000 8.092  ? 109 THR AAA C   1 ? 
ATOM   590  O O   . THR A 1 70  ? -4.708  -3.084  4.607   1.000 8.471  ? 109 THR AAA O   1 ? 
ATOM   591  C CB  . THR A 1 70  ? -1.773  -4.536  4.018   1.000 9.149  ? 109 THR AAA CB  1 ? 
ATOM   592  O OG1 . THR A 1 70  ? -1.177  -5.829  3.969   1.000 10.315 ? 109 THR AAA OG1 1 ? 
ATOM   593  C CG2 . THR A 1 70  ? -1.658  -3.995  5.437   1.000 10.452 ? 109 THR AAA CG2 1 ? 
ATOM   594  N N   . ILE A 1 71  ? -3.614  -2.298  2.797   1.000 8.185  ? 110 ILE AAA N   1 ? 
ATOM   595  C CA  . ILE A 1 71  ? -4.264  -1.004  2.888   1.000 8.847  ? 110 ILE AAA CA  1 ? 
ATOM   596  C C   . ILE A 1 71  ? -5.773  -1.158  2.721   1.000 9.227  ? 110 ILE AAA C   1 ? 
ATOM   597  O O   . ILE A 1 71  ? -6.536  -0.538  3.461   1.000 9.452  ? 110 ILE AAA O   1 ? 
ATOM   598  C CB  . ILE A 1 71  ? -3.654  -0.036  1.861   1.000 8.421  ? 110 ILE AAA CB  1 ? 
ATOM   599  C CG1 . ILE A 1 71  ? -2.192  0.247   2.200   1.000 8.824  ? 110 ILE AAA CG1 1 ? 
ATOM   600  C CG2 . ILE A 1 71  ? -4.506  1.256   1.799   1.000 9.252  ? 110 ILE AAA CG2 1 ? 
ATOM   601  C CD1 . ILE A 1 71  ? -1.453  0.965   1.074   1.000 9.156  ? 110 ILE AAA CD1 1 ? 
ATOM   602  N N   . LYS A 1 72  ? -6.213  -1.960  1.761   1.000 9.563  ? 111 LYS AAA N   1 ? 
ATOM   603  C CA  . LYS A 1 72  ? -7.627  -2.209  1.525   1.000 10.915 ? 111 LYS AAA CA  1 ? 
ATOM   604  C C   . LYS A 1 72  ? -8.281  -2.743  2.793   1.000 11.407 ? 111 LYS AAA C   1 ? 
ATOM   605  O O   . LYS A 1 72  ? -9.350  -2.256  3.188   1.000 12.297 ? 111 LYS AAA O   1 ? 
ATOM   606  C CB  . LYS A 1 72  ? -7.782  -3.139  0.336   1.000 11.790 ? 111 LYS AAA CB  1 ? 
ATOM   607  C CG  . LYS A 1 72  ? -9.239  -3.376  -0.033  1.000 13.934 ? 111 LYS AAA CG  1 ? 
ATOM   608  C CD  . LYS A 1 72  ? -9.300  -4.200  -1.313  1.000 15.591 ? 111 LYS AAA CD  1 ? 
ATOM   609  C CE  . LYS A 1 72  ? -10.700 -4.578  -1.771  1.000 20.481 ? 111 LYS AAA CE  1 ? 
ATOM   610  N NZ  . LYS A 1 72  ? -11.274 -5.622  -0.901  1.000 21.945 ? 111 LYS AAA NZ  1 ? 
ATOM   611  N N   . LYS A 1 73  ? -7.650  -3.735  3.403   1.000 11.185 ? 112 LYS AAA N   1 ? 
ATOM   612  C CA  . LYS A 1 73  ? -8.200  -4.310  4.622   1.000 12.307 ? 112 LYS AAA CA  1 ? 
ATOM   613  C C   . LYS A 1 73  ? -8.197  -3.292  5.767   1.000 10.677 ? 112 LYS AAA C   1 ? 
ATOM   614  O O   . LYS A 1 73  ? -9.195  -3.204  6.527   1.000 12.081 ? 112 LYS AAA O   1 ? 
ATOM   615  C CB  . LYS A 1 73  ? -7.391  -5.548  5.031   1.000 14.315 ? 112 LYS AAA CB  1 ? 
ATOM   616  C CG  . LYS A 1 73  ? -7.640  -6.803  4.204   1.000 21.233 ? 112 LYS AAA CG  1 ? 
ATOM   617  C CD  . LYS A 1 73  ? -6.853  -7.986  4.716   1.000 24.979 ? 112 LYS AAA CD  1 ? 
ATOM   618  C CE  . LYS A 1 73  ? -7.059  -9.242  3.895   1.000 29.812 ? 112 LYS AAA CE  1 ? 
ATOM   619  N NZ  . LYS A 1 73  ? -5.868  -9.521  3.047   1.000 35.234 ? 112 LYS AAA NZ  1 ? 
ATOM   620  N N   . ARG A 1 74  ? -7.144  -2.478  5.881   1.000 9.557  ? 113 ARG AAA N   1 ? 
ATOM   621  C CA  . ARG A 1 74  ? -7.121  -1.468  6.912   1.000 9.669  ? 113 ARG AAA CA  1 ? 
ATOM   622  C C   . ARG A 1 74  ? -8.280  -0.496  6.699   1.000 10.385 ? 113 ARG AAA C   1 ? 
ATOM   623  O O   . ARG A 1 74  ? -8.973  -0.100  7.669   1.000 11.353 ? 113 ARG AAA O   1 ? 
ATOM   624  C CB  . ARG A 1 74  ? -5.776  -0.734  6.914   1.000 9.120  ? 113 ARG AAA CB  1 ? 
ATOM   625  C CG  . ARG A 1 74  ? -4.676  -1.569  7.557   1.000 9.180  ? 113 ARG AAA CG  1 ? 
ATOM   626  C CD  . ARG A 1 74  ? -3.333  -0.857  7.547   1.000 9.194  ? 113 ARG AAA CD  1 ? 
ATOM   627  N NE  . ARG A 1 74  ? -2.389  -1.650  8.317   1.000 8.862  ? 113 ARG AAA NE  1 ? 
ATOM   628  C CZ  . ARG A 1 74  ? -1.226  -1.225  8.742   1.000 9.048  ? 113 ARG AAA CZ  1 ? 
ATOM   629  N NH1 . ARG A 1 74  ? -0.763  -0.036  8.405   1.000 11.069 ? 113 ARG AAA NH1 1 ? 
ATOM   630  N NH2 . ARG A 1 74  ? -0.518  -2.011  9.554   1.000 11.161 ? 113 ARG AAA NH2 1 ? 
ATOM   631  N N   . LEU A 1 75  ? -8.510  -0.025  5.467   1.000 9.675  ? 114 LEU AAA N   1 ? 
ATOM   632  C CA  . LEU A 1 75  ? -9.595  0.901   5.217   1.000 10.821 ? 114 LEU AAA CA  1 ? 
ATOM   633  C C   . LEU A 1 75  ? -10.943 0.230   5.477   1.000 12.032 ? 114 LEU AAA C   1 ? 
ATOM   634  O O   . LEU A 1 75  ? -11.833 0.860   6.106   1.000 13.758 ? 114 LEU AAA O   1 ? 
ATOM   635  C CB  . LEU A 1 75  ? -9.543  1.430   3.787   1.000 10.733 ? 114 LEU AAA CB  1 ? 
ATOM   636  C CG  . LEU A 1 75  ? -8.408  2.421   3.546   1.000 10.140 ? 114 LEU AAA CG  1 ? 
ATOM   637  C CD1 . LEU A 1 75  ? -8.148  2.589   2.049   1.000 10.251 ? 114 LEU AAA CD1 1 ? 
ATOM   638  C CD2 . LEU A 1 75  ? -8.719  3.754   4.182   1.000 11.091 ? 114 LEU AAA CD2 1 ? 
ATOM   639  N N   . GLU A 1 76  ? -11.137 -0.996  4.997   1.000 12.425 ? 115 GLU AAA N   1 ? 
ATOM   640  C CA  . GLU A 1 76  ? -12.405 -1.712  5.158   1.000 14.641 ? 115 GLU AAA CA  1 ? 
ATOM   641  C C   . GLU A 1 76  ? -12.683 -1.968  6.634   1.000 15.491 ? 115 GLU AAA C   1 ? 
ATOM   642  O O   . GLU A 1 76  ? -13.860 -1.954  7.038   1.000 19.792 ? 115 GLU AAA O   1 ? 
ATOM   643  C CB  . GLU A 1 76  ? -12.427 -3.027  4.394   1.000 16.682 ? 115 GLU AAA CB  1 ? 
ATOM   644  C CG  . GLU A 1 76  ? -12.455 -2.794  2.893   1.000 19.722 ? 115 GLU AAA CG  1 ? 
ATOM   645  C CD  . GLU A 1 76  ? -12.250 -4.070  2.093   1.000 21.115 ? 115 GLU AAA CD  1 ? 
ATOM   646  O OE1 . GLU A 1 76  ? -11.767 -5.069  2.657   1.000 27.022 ? 115 GLU AAA OE1 1 ? 
ATOM   647  O OE2 . GLU A 1 76  ? -12.534 -4.036  0.910   1.000 27.194 ? 115 GLU AAA OE2 1 ? 
ATOM   648  N N   . ASN A 1 77  ? -11.651 -2.187  7.436   1.000 15.330 ? 116 ASN AAA N   1 ? 
ATOM   649  C CA  . ASN A 1 77  ? -11.829 -2.501  8.835   1.000 15.698 ? 116 ASN AAA CA  1 ? 
ATOM   650  C C   . ASN A 1 77  ? -11.726 -1.252  9.694   1.000 14.653 ? 116 ASN AAA C   1 ? 
ATOM   651  O O   . ASN A 1 77  ? -11.638 -1.355  10.935  1.000 18.522 ? 116 ASN AAA O   1 ? 
ATOM   652  C CB  . ASN A 1 77  ? -10.636 -3.293  9.359   1.000 19.530 ? 116 ASN AAA CB  1 ? 
ATOM   653  C CG  . ASN A 1 77  ? -10.571 -4.717  8.905   1.000 24.816 ? 116 ASN AAA CG  1 ? 
ATOM   654  O OD1 . ASN A 1 77  ? -9.549  -5.368  9.143   1.000 24.828 ? 116 ASN AAA OD1 1 ? 
ATOM   655  N ND2 . ASN A 1 77  ? -11.606 -5.168  8.211   1.000 23.169 ? 116 ASN AAA ND2 1 ? 
ATOM   656  N N   . ASN A 1 78  ? -11.720 -0.070  9.101   1.000 14.926 ? 117 ASN AAA N   1 ? 
ATOM   657  C CA  . ASN A 1 78  ? -11.578 1.199   9.815   1.000 13.518 ? 117 ASN AAA CA  1 ? 
ATOM   658  C C   . ASN A 1 78  ? -10.446 1.143   10.835  1.000 15.101 ? 117 ASN AAA C   1 ? 
ATOM   659  O O   . ASN A 1 78  ? -10.604 1.465   12.019  1.000 19.207 ? 117 ASN AAA O   1 ? 
ATOM   660  C CB  . ASN A 1 78  ? -12.864 1.616   10.553  1.000 17.552 ? 117 ASN AAA CB  1 ? 
ATOM   661  C CG  . ASN A 1 78  ? -14.048 1.701   9.629   1.000 20.400 ? 117 ASN AAA CG  1 ? 
ATOM   662  O OD1 . ASN A 1 78  ? -14.084 2.567   8.741   1.000 23.799 ? 117 ASN AAA OD1 1 ? 
ATOM   663  N ND2 . ASN A 1 78  ? -14.992 0.786   9.802   1.000 26.358 ? 117 ASN AAA ND2 1 ? 
ATOM   664  N N   . TYR A 1 79  ? -9.265  0.749   10.372  1.000 12.092 ? 118 TYR AAA N   1 ? 
ATOM   665  C CA  . TYR A 1 79  ? -8.110  0.582   11.226  1.000 11.680 ? 118 TYR AAA CA  1 ? 
ATOM   666  C C   . TYR A 1 79  ? -7.474  1.921   11.586  1.000 9.966  ? 118 TYR AAA C   1 ? 
ATOM   667  O O   . TYR A 1 79  ? -6.733  2.012   12.565  1.000 10.230 ? 118 TYR AAA O   1 ? 
ATOM   668  C CB  . TYR A 1 79  ? -7.115  -0.309  10.490  1.000 10.813 ? 118 TYR AAA CB  1 ? 
ATOM   669  C CG  . TYR A 1 79  ? -5.792  -0.525  11.167  1.000 10.559 ? 118 TYR AAA CG  1 ? 
ATOM   670  C CD1 . TYR A 1 79  ? -5.663  -1.472  12.172  1.000 10.360 ? 118 TYR AAA CD1 1 ? 
ATOM   671  C CD2 . TYR A 1 79  ? -4.653  0.187   10.794  1.000 10.399 ? 118 TYR AAA CD2 1 ? 
ATOM   672  C CE1 . TYR A 1 79  ? -4.463  -1.693  12.811  1.000 11.047 ? 118 TYR AAA CE1 1 ? 
ATOM   673  C CE2 . TYR A 1 79  ? -3.443  -0.064  11.382  1.000 11.133 ? 118 TYR AAA CE2 1 ? 
ATOM   674  C CZ  . TYR A 1 79  ? -3.347  -0.998  12.385  1.000 10.878 ? 118 TYR AAA CZ  1 ? 
ATOM   675  O OH  . TYR A 1 79  ? -2.111  -1.196  12.944  1.000 12.958 ? 118 TYR AAA OH  1 ? 
ATOM   676  N N   . TYR A 1 80  ? -7.628  2.911   10.710  1.000 9.195  ? 119 TYR AAA N   1 ? 
ATOM   677  C CA  . TYR A 1 80  ? -6.891  4.148   10.847  1.000 9.960  ? 119 TYR AAA CA  1 ? 
ATOM   678  C C   . TYR A 1 80  ? -7.609  5.138   11.764  1.000 10.392 ? 119 TYR AAA C   1 ? 
ATOM   679  O O   . TYR A 1 80  ? -8.836  5.108   11.881  1.000 12.204 ? 119 TYR AAA O   1 ? 
ATOM   680  C CB  . TYR A 1 80  ? -6.756  4.781   9.469   1.000 9.617  ? 119 TYR AAA CB  1 ? 
ATOM   681  C CG  . TYR A 1 80  ? -5.965  3.976   8.466   1.000 9.063  ? 119 TYR AAA CG  1 ? 
ATOM   682  C CD1 . TYR A 1 80  ? -4.620  3.738   8.647   1.000 8.936  ? 119 TYR AAA CD1 1 ? 
ATOM   683  C CD2 . TYR A 1 80  ? -6.581  3.418   7.351   1.000 9.209  ? 119 TYR AAA CD2 1 ? 
ATOM   684  C CE1 . TYR A 1 80  ? -3.854  3.056   7.700   1.000 9.264  ? 119 TYR AAA CE1 1 ? 
ATOM   685  C CE2 . TYR A 1 80  ? -5.833  2.742   6.399   1.000 9.783  ? 119 TYR AAA CE2 1 ? 
ATOM   686  C CZ  . TYR A 1 80  ? -4.476  2.593   6.555   1.000 8.981  ? 119 TYR AAA CZ  1 ? 
ATOM   687  O OH  . TYR A 1 80  ? -3.762  1.938   5.571   1.000 9.747  ? 119 TYR AAA OH  1 ? 
ATOM   688  N N   . TRP A 1 81  ? -6.818  6.076   12.290  1.000 9.992  ? 120 TRP AAA N   1 ? 
ATOM   689  C CA  . TRP A 1 81  ? -7.346  7.262   12.938  1.000 10.227 ? 120 TRP AAA CA  1 ? 
ATOM   690  C C   . TRP A 1 81  ? -7.423  8.422   11.964  1.000 9.886  ? 120 TRP AAA C   1 ? 
ATOM   691  O O   . TRP A 1 81  ? -8.326  9.266   12.026  1.000 11.342 ? 120 TRP AAA O   1 ? 
ATOM   692  C CB  . TRP A 1 81  ? -6.492  7.661   14.146  1.000 10.901 ? 120 TRP AAA CB  1 ? 
ATOM   693  C CG  . TRP A 1 81  ? -7.042  8.816   14.956  1.000 10.632 ? 120 TRP AAA CG  1 ? 
ATOM   694  C CD1 . TRP A 1 81  ? -6.660  10.139  14.876  1.000 10.754 ? 120 TRP AAA CD1 1 ? 
ATOM   695  C CD2 . TRP A 1 81  ? -8.076  8.740   15.936  1.000 9.104  ? 120 TRP AAA CD2 1 ? 
ATOM   696  N NE1 . TRP A 1 81  ? -7.391  10.859  15.774  1.000 10.513 ? 120 TRP AAA NE1 1 ? 
ATOM   697  C CE2 . TRP A 1 81  ? -8.266  10.048  16.437  1.000 9.593  ? 120 TRP AAA CE2 1 ? 
ATOM   698  C CE3 . TRP A 1 81  ? -8.858  7.688   16.449  1.000 9.137  ? 120 TRP AAA CE3 1 ? 
ATOM   699  C CZ2 . TRP A 1 81  ? -9.237  10.316  17.407  1.000 9.735  ? 120 TRP AAA CZ2 1 ? 
ATOM   700  C CZ3 . TRP A 1 81  ? -9.786  7.960   17.427  1.000 10.279 ? 120 TRP AAA CZ3 1 ? 
ATOM   701  C CH2 . TRP A 1 81  ? -9.958  9.270   17.904  1.000 10.559 ? 120 TRP AAA CH2 1 ? 
ATOM   702  N N   . ASN A 1 82  ? -6.471  8.550   11.060  1.000 11.082 ? 121 ASN AAA N   1 ? 
ATOM   703  C CA  . ASN A 1 82  ? -6.440  9.692   10.162  1.000 11.340 ? 121 ASN AAA CA  1 ? 
ATOM   704  C C   . ASN A 1 82  ? -5.908  9.327   8.784   1.000 10.556 ? 121 ASN AAA C   1 ? 
ATOM   705  O O   . ASN A 1 82  ? -5.353  8.232   8.545   1.000 11.096 ? 121 ASN AAA O   1 ? 
ATOM   706  C CB  . ASN A 1 82  ? -5.737  10.890  10.798  1.000 12.448 ? 121 ASN AAA CB  1 ? 
ATOM   707  C CG  . ASN A 1 82  ? -4.261  10.680  10.964  1.000 11.536 ? 121 ASN AAA CG  1 ? 
ATOM   708  O OD1 . ASN A 1 82  ? -3.609  10.004  10.151  1.000 13.519 ? 121 ASN AAA OD1 1 ? 
ATOM   709  N ND2 . ASN A 1 82  ? -3.635  11.279  11.966  1.000 13.796 ? 121 ASN AAA ND2 1 ? 
ATOM   710  N N   . ALA A 1 83  ? -6.111  10.236  7.847   1.000 10.844 ? 122 ALA AAA N   1 ? 
ATOM   711  C CA  . ALA A 1 83  ? -5.734  10.021  6.454   1.000 10.982 ? 122 ALA AAA CA  1 ? 
ATOM   712  C C   . ALA A 1 83  ? -4.223  9.915   6.344   1.000 10.050 ? 122 ALA AAA C   1 ? 
ATOM   713  O O   . ALA A 1 83  ? -3.760  9.169   5.461   1.000 9.948  ? 122 ALA AAA O   1 ? 
ATOM   714  C CB  . ALA A 1 83  ? -6.271  11.166  5.616   1.000 12.733 ? 122 ALA AAA CB  1 ? 
ATOM   715  N N   . GLN A 1 84  ? -3.456  10.635  7.139   1.000 10.449 ? 123 GLN AAA N   1 ? 
ATOM   716  C CA  . GLN A 1 84  ? -2.004  10.599  7.014   1.000 10.751 ? 123 GLN AAA CA  1 ? 
ATOM   717  C C   . GLN A 1 84  ? -1.451  9.188   7.258   1.000 8.800  ? 123 GLN AAA C   1 ? 
ATOM   718  O O   . GLN A 1 84  ? -0.499  8.806   6.580   1.000 9.707  ? 123 GLN AAA O   1 ? 
ATOM   719  C CB  . GLN A 1 84  ? -1.328  11.611  7.943   1.000 12.495 ? 123 GLN AAA CB  1 ? 
ATOM   720  C CG  . GLN A 1 84  ? 0.170   11.736  7.708   1.000 15.900 ? 123 GLN AAA CG  1 ? 
ATOM   721  C CD  . GLN A 1 84  ? 0.563   11.959  6.252   0.500 15.156 ? 123 GLN AAA CD  1 ? 
ATOM   722  O OE1 . GLN A 1 84  ? 1.554   11.407  5.749   0.500 20.941 ? 123 GLN AAA OE1 1 ? 
ATOM   723  N NE2 . GLN A 1 84  ? -0.255  12.697  5.520   0.500 16.009 ? 123 GLN AAA NE2 1 ? 
ATOM   724  N N   . GLU A 1 85  ? -2.044  8.440   8.175   1.000 9.230  ? 124 GLU AAA N   1 ? 
ATOM   725  C CA  . GLU A 1 85  ? -1.575  7.084   8.387   1.000 9.225  ? 124 GLU AAA CA  1 ? 
ATOM   726  C C   . GLU A 1 85  ? -1.703  6.262   7.100   1.000 8.559  ? 124 GLU AAA C   1 ? 
ATOM   727  O O   . GLU A 1 85  ? -0.827  5.451   6.781   1.000 9.568  ? 124 GLU AAA O   1 ? 
ATOM   728  C CB  . GLU A 1 85  ? -2.409  6.397   9.465   1.000 10.813 ? 124 GLU AAA CB  1 ? 
ATOM   729  C CG  . GLU A 1 85  ? -2.136  6.849   10.902  1.000 11.983 ? 124 GLU AAA CG  1 ? 
ATOM   730  C CD  . GLU A 1 85  ? -3.163  6.058   11.724  1.000 12.916 ? 124 GLU AAA CD  1 ? 
ATOM   731  O OE1 . GLU A 1 85  ? -2.870  4.894   12.162  1.000 16.742 ? 124 GLU AAA OE1 1 ? 
ATOM   732  O OE2 . GLU A 1 85  ? -4.254  6.523   11.869  1.000 17.416 ? 124 GLU AAA OE2 1 ? 
ATOM   733  N N   . CYS A 1 86  ? -2.810  6.424   6.401   1.000 8.334  ? 125 CYS AAA N   1 ? 
ATOM   734  C CA  . CYS A 1 86  ? -3.069  5.660   5.189   1.000 8.670  ? 125 CYS AAA CA  1 ? 
ATOM   735  C C   . CYS A 1 86  ? -2.172  6.140   4.052   1.000 8.539  ? 125 CYS AAA C   1 ? 
ATOM   736  O O   . CYS A 1 86  ? -1.589  5.326   3.326   1.000 8.294  ? 125 CYS AAA O   1 ? 
ATOM   737  C CB  . CYS A 1 86  ? -4.567  5.777   4.884   1.000 9.145  ? 125 CYS AAA CB  1 ? 
ATOM   738  S SG  . CYS A 1 86  ? -5.032  4.967   3.337   1.000 10.825 ? 125 CYS AAA SG  1 ? 
ATOM   739  N N   . ILE A 1 87  ? -2.055  7.458   3.889   1.000 8.152  ? 126 ILE AAA N   1 ? 
ATOM   740  C CA  . ILE A 1 87  ? -1.163  7.989   2.868   1.000 8.352  ? 126 ILE AAA CA  1 ? 
ATOM   741  C C   . ILE A 1 87  ? 0.239   7.453   3.101   1.000 8.499  ? 126 ILE AAA C   1 ? 
ATOM   742  O O   . ILE A 1 87  ? 0.960   7.131   2.134   1.000 8.874  ? 126 ILE AAA O   1 ? 
ATOM   743  C CB  . ILE A 1 87  ? -1.246  9.527   2.907   1.000 9.318  ? 126 ILE AAA CB  1 ? 
ATOM   744  C CG1 . ILE A 1 87  ? -2.627  9.968   2.408   1.000 10.307 ? 126 ILE AAA CG1 1 ? 
ATOM   745  C CG2 . ILE A 1 87  ? -0.119  10.145  2.079   1.000 10.374 ? 126 ILE AAA CG2 1 ? 
ATOM   746  C CD1 . ILE A 1 87  ? -2.968  11.447  2.708   1.000 13.035 ? 126 ILE AAA CD1 1 ? 
ATOM   747  N N   . GLN A 1 88  ? 0.673   7.426   4.366   1.000 9.126  ? 127 GLN AAA N   1 ? 
ATOM   748  C CA  . GLN A 1 88  ? 2.004   6.923   4.638   1.000 9.841  ? 127 GLN AAA CA  1 ? 
ATOM   749  C C   . GLN A 1 88  ? 2.129   5.454   4.222   1.000 8.141  ? 127 GLN AAA C   1 ? 
ATOM   750  O O   . GLN A 1 88  ? 3.191   5.078   3.710   1.000 8.868  ? 127 GLN AAA O   1 ? 
ATOM   751  C CB  . GLN A 1 88  ? 2.328   7.048   6.126   1.000 12.346 ? 127 GLN AAA CB  1 ? 
ATOM   752  C CG  . GLN A 1 88  ? 3.680   6.436   6.492   1.000 16.516 ? 127 GLN AAA CG  1 ? 
ATOM   753  C CD  . GLN A 1 88  ? 4.836   7.106   5.786   1.000 23.699 ? 127 GLN AAA CD  1 ? 
ATOM   754  O OE1 . GLN A 1 88  ? 5.540   6.536   4.938   1.000 28.311 ? 127 GLN AAA OE1 1 ? 
ATOM   755  N NE2 . GLN A 1 88  ? 5.015   8.376   6.090   1.000 26.604 ? 127 GLN AAA NE2 1 ? 
ATOM   756  N N   . ASP A 1 89  ? 1.090   4.653   4.401   1.000 7.567  ? 128 ASP AAA N   1 ? 
ATOM   757  C CA  . ASP A 1 89  ? 1.159   3.278   3.925   1.000 7.435  ? 128 ASP AAA CA  1 ? 
ATOM   758  C C   . ASP A 1 89  ? 1.342   3.211   2.418   1.000 7.297  ? 128 ASP AAA C   1 ? 
ATOM   759  O O   . ASP A 1 89  ? 2.156   2.426   1.938   1.000 8.016  ? 128 ASP AAA O   1 ? 
ATOM   760  C CB  . ASP A 1 89  ? -0.079  2.506   4.360   1.000 8.601  ? 128 ASP AAA CB  1 ? 
ATOM   761  C CG  . ASP A 1 89  ? -0.124  2.118   5.829   1.000 8.390  ? 128 ASP AAA CG  1 ? 
ATOM   762  O OD1 . ASP A 1 89  ? 0.927   2.206   6.499   1.000 10.453 ? 128 ASP AAA OD1 1 ? 
ATOM   763  O OD2 . ASP A 1 89  ? -1.237  1.738   6.286   1.000 9.661  ? 128 ASP AAA OD2 1 ? 
ATOM   764  N N   . PHE A 1 90  ? 0.597   4.029   1.659   1.000 7.617  ? 129 PHE AAA N   1 ? 
ATOM   765  C CA  . PHE A 1 90  ? 0.835   4.040   0.210   1.000 8.071  ? 129 PHE AAA CA  1 ? 
ATOM   766  C C   . PHE A 1 90  ? 2.268   4.450   -0.104  1.000 8.014  ? 129 PHE AAA C   1 ? 
ATOM   767  O O   . PHE A 1 90  ? 2.940   3.845   -0.950  1.000 8.231  ? 129 PHE AAA O   1 ? 
ATOM   768  C CB  . PHE A 1 90  ? -0.115  4.979   -0.524  1.000 8.773  ? 129 PHE AAA CB  1 ? 
ATOM   769  C CG  . PHE A 1 90  ? -1.485  4.428   -0.760  1.000 8.717  ? 129 PHE AAA CG  1 ? 
ATOM   770  C CD1 . PHE A 1 90  ? -1.710  3.585   -1.844  1.000 10.219 ? 129 PHE AAA CD1 1 ? 
ATOM   771  C CD2 . PHE A 1 90  ? -2.557  4.813   0.030   1.000 9.008  ? 129 PHE AAA CD2 1 ? 
ATOM   772  C CE1 . PHE A 1 90  ? -2.994  3.114   -2.111  1.000 11.425 ? 129 PHE AAA CE1 1 ? 
ATOM   773  C CE2 . PHE A 1 90  ? -3.833  4.329   -0.251  1.000 11.066 ? 129 PHE AAA CE2 1 ? 
ATOM   774  C CZ  . PHE A 1 90  ? -4.051  3.505   -1.326  1.000 11.518 ? 129 PHE AAA CZ  1 ? 
ATOM   775  N N   . ASN A 1 91  ? 2.766   5.500   0.531   1.000 8.558  ? 130 ASN AAA N   1 ? 
ATOM   776  C CA  . ASN A 1 91  ? 4.129   5.929   0.275   1.000 9.225  ? 130 ASN AAA CA  1 ? 
ATOM   777  C C   . ASN A 1 91  ? 5.175   4.871   0.624   1.000 8.847  ? 130 ASN AAA C   1 ? 
ATOM   778  O O   . ASN A 1 91  ? 6.165   4.736   -0.102  1.000 9.555  ? 130 ASN AAA O   1 ? 
ATOM   779  C CB  . ASN A 1 91  ? 4.417   7.221   1.012   1.000 11.032 ? 130 ASN AAA CB  1 ? 
ATOM   780  C CG  . ASN A 1 91  ? 3.744   8.404   0.334   1.000 16.747 ? 130 ASN AAA CG  1 ? 
ATOM   781  O OD1 . ASN A 1 91  ? 3.517   8.382   -0.868  1.000 22.416 ? 130 ASN AAA OD1 1 ? 
ATOM   782  N ND2 . ASN A 1 91  ? 3.399   9.406   1.105   1.000 21.817 ? 130 ASN AAA ND2 1 ? 
ATOM   783  N N   . THR A 1 92  ? 4.952   4.147   1.697   1.000 8.599  ? 131 THR AAA N   1 ? 
ATOM   784  C CA  . THR A 1 92  ? 5.851   3.061   2.051   1.000 9.063  ? 131 THR AAA CA  1 ? 
ATOM   785  C C   . THR A 1 92  ? 5.833   1.984   0.953   1.000 8.061  ? 131 THR AAA C   1 ? 
ATOM   786  O O   . THR A 1 92  ? 6.904   1.454   0.589   1.000 8.327  ? 131 THR AAA O   1 ? 
ATOM   787  C CB  . THR A 1 92  ? 5.398   2.451   3.371   1.000 9.259  ? 131 THR AAA CB  1 ? 
ATOM   788  O OG1 . THR A 1 92  ? 5.544   3.461   4.373   1.000 11.215 ? 131 THR AAA OG1 1 ? 
ATOM   789  C CG2 . THR A 1 92  ? 6.189   1.222   3.739   1.000 9.769  ? 131 THR AAA CG2 1 ? 
ATOM   790  N N   . MET A 1 93  ? 4.651   1.602   0.473   1.000 7.920  ? 132 MET AAA N   1 ? 
ATOM   791  C CA  . MET A 1 93  ? 4.557   0.620   -0.592  1.000 8.191  ? 132 MET AAA CA  1 ? 
ATOM   792  C C   . MET A 1 93  ? 5.359   1.059   -1.822  1.000 7.867  ? 132 MET AAA C   1 ? 
ATOM   793  O O   . MET A 1 93  ? 6.133   0.268   -2.397  1.000 8.105  ? 132 MET AAA O   1 ? 
ATOM   794  C CB  . MET A 1 93  ? 3.094   0.476   -0.982  1.000 8.345  ? 132 MET AAA CB  1 ? 
ATOM   795  C CG  . MET A 1 93  ? 2.884   -0.576  -2.092  1.000 10.316 ? 132 MET AAA CG  1 ? 
ATOM   796  S SD  . MET A 1 93  ? 1.165   -0.641  -2.593  1.000 10.876 ? 132 MET AAA SD  1 ? 
ATOM   797  C CE  . MET A 1 93  ? 1.076   0.851   -3.598  1.000 14.191 ? 132 MET AAA CE  1 ? 
ATOM   798  N N   . PHE A 1 94  ? 5.179   2.304   -2.264  1.000 7.347  ? 133 PHE AAA N   1 ? 
ATOM   799  C CA  . PHE A 1 94  ? 5.917   2.743   -3.436  1.000 8.751  ? 133 PHE AAA CA  1 ? 
ATOM   800  C C   . PHE A 1 94  ? 7.412   2.739   -3.138  1.000 8.584  ? 133 PHE AAA C   1 ? 
ATOM   801  O O   . PHE A 1 94  ? 8.218   2.305   -3.968  1.000 8.824  ? 133 PHE AAA O   1 ? 
ATOM   802  C CB  . PHE A 1 94  ? 5.480   4.156   -3.851  1.000 9.753  ? 133 PHE AAA CB  1 ? 
ATOM   803  C CG  . PHE A 1 94  ? 4.080   4.199   -4.392  1.000 9.154  ? 133 PHE AAA CG  1 ? 
ATOM   804  C CD1 . PHE A 1 94  ? 3.723   3.380   -5.430  1.000 11.803 ? 133 PHE AAA CD1 1 ? 
ATOM   805  C CD2 . PHE A 1 94  ? 3.119   5.047   -3.875  1.000 9.766  ? 133 PHE AAA CD2 1 ? 
ATOM   806  C CE1 . PHE A 1 94  ? 2.443   3.411   -5.979  1.000 14.153 ? 133 PHE AAA CE1 1 ? 
ATOM   807  C CE2 . PHE A 1 94  ? 1.837   5.074   -4.396  1.000 11.160 ? 133 PHE AAA CE2 1 ? 
ATOM   808  C CZ  . PHE A 1 94  ? 1.500   4.259   -5.446  1.000 12.747 ? 133 PHE AAA CZ  1 ? 
ATOM   809  N N   . THR A 1 95  ? 7.823   3.290   -1.997  1.000 9.102  ? 134 THR AAA N   1 ? 
ATOM   810  C CA  A THR A 1 95  ? 9.244   3.353   -1.703  0.500 11.122 ? 134 THR AAA CA  1 ? 
ATOM   811  C CA  B THR A 1 95  ? 9.222   3.337   -1.585  0.500 9.244  ? 134 THR AAA CA  1 ? 
ATOM   812  C C   . THR A 1 95  ? 9.852   1.954   -1.608  1.000 9.910  ? 134 THR AAA C   1 ? 
ATOM   813  O O   . THR A 1 95  ? 10.996  1.766   -2.083  1.000 10.520 ? 134 THR AAA O   1 ? 
ATOM   814  C CB  A THR A 1 95  ? 9.511   4.274   -0.510  0.500 12.903 ? 134 THR AAA CB  1 ? 
ATOM   815  C CB  B THR A 1 95  ? 9.379   3.929   -0.181  0.500 8.292  ? 134 THR AAA CB  1 ? 
ATOM   816  O OG1 A THR A 1 95  ? 8.762   3.724   0.567   0.500 19.988 ? 134 THR AAA OG1 1 ? 
ATOM   817  O OG1 B THR A 1 95  ? 8.894   5.272   -0.268  0.500 9.074  ? 134 THR AAA OG1 1 ? 
ATOM   818  C CG2 A THR A 1 95  ? 9.159   5.722   -0.770  0.500 12.602 ? 134 THR AAA CG2 1 ? 
ATOM   819  C CG2 B THR A 1 95  ? 10.831  4.009   0.243   0.500 7.999  ? 134 THR AAA CG2 1 ? 
ATOM   820  N N   . ASN A 1 96  ? 9.148   0.966   -1.081  1.000 8.998  ? 135 ASN AAA N   1 ? 
ATOM   821  C CA  . ASN A 1 96  ? 9.727   -0.351  -1.019  1.000 9.769  ? 135 ASN AAA CA  1 ? 
ATOM   822  C C   . ASN A 1 96  ? 10.042  -0.840  -2.430  1.000 9.157  ? 135 ASN AAA C   1 ? 
ATOM   823  O O   . ASN A 1 96  ? 11.072  -1.461  -2.678  1.000 9.117  ? 135 ASN AAA O   1 ? 
ATOM   824  C CB  . ASN A 1 96  ? 8.747   -1.351  -0.426  1.000 11.625 ? 135 ASN AAA CB  1 ? 
ATOM   825  C CG  . ASN A 1 96  ? 8.447   -1.160  1.059   1.000 11.991 ? 135 ASN AAA CG  1 ? 
ATOM   826  O OD1 . ASN A 1 96  ? 9.217   -0.532  1.736   1.000 14.487 ? 135 ASN AAA OD1 1 ? 
ATOM   827  N ND2 . ASN A 1 96  ? 7.361   -1.779  1.466   1.000 16.560 ? 135 ASN AAA ND2 1 ? 
ATOM   828  N N   . CYS A 1 97  ? 9.127   -0.594  -3.369  1.000 8.144  ? 136 CYS AAA N   1 ? 
ATOM   829  C CA  . CYS A 1 97  ? 9.322   -1.015  -4.746  1.000 8.566  ? 136 CYS AAA CA  1 ? 
ATOM   830  C C   . CYS A 1 97  ? 10.577  -0.369  -5.352  1.000 7.990  ? 136 CYS AAA C   1 ? 
ATOM   831  O O   . CYS A 1 97  ? 11.382  -1.025  -5.996  1.000 8.951  ? 136 CYS AAA O   1 ? 
ATOM   832  C CB  . CYS A 1 97  ? 8.074   -0.644  -5.546  1.000 8.989  ? 136 CYS AAA CB  1 ? 
ATOM   833  S SG  . CYS A 1 97  ? 8.131   -1.222  -7.237  1.000 11.071 ? 136 CYS AAA SG  1 ? 
ATOM   834  N N   . TYR A 1 98  ? 10.695  0.929   -5.120  1.000 8.153  ? 137 TYR AAA N   1 ? 
ATOM   835  C CA  . TYR A 1 98  ? 11.801  1.674   -5.670  1.000 9.373  ? 137 TYR AAA CA  1 ? 
ATOM   836  C C   . TYR A 1 98  ? 13.115  1.297   -5.011  1.000 9.289  ? 137 TYR AAA C   1 ? 
ATOM   837  O O   . TYR A 1 98  ? 14.157  1.365   -5.682  1.000 12.694 ? 137 TYR AAA O   1 ? 
ATOM   838  C CB  . TYR A 1 98  ? 11.545  3.174   -5.548  1.000 9.285  ? 137 TYR AAA CB  1 ? 
ATOM   839  C CG  . TYR A 1 98  ? 10.291  3.640   -6.230  1.000 9.676  ? 137 TYR AAA CG  1 ? 
ATOM   840  C CD1 . TYR A 1 98  ? 9.818   3.063   -7.400  1.000 9.909  ? 137 TYR AAA CD1 1 ? 
ATOM   841  C CD2 . TYR A 1 98  ? 9.561   4.670   -5.673  1.000 9.671  ? 137 TYR AAA CD2 1 ? 
ATOM   842  C CE1 . TYR A 1 98  ? 8.668   3.509   -8.017  1.000 11.298 ? 137 TYR AAA CE1 1 ? 
ATOM   843  C CE2 . TYR A 1 98  ? 8.421   5.155   -6.277  1.000 10.057 ? 137 TYR AAA CE2 1 ? 
ATOM   844  C CZ  . TYR A 1 98  ? 7.979   4.573   -7.454  1.000 11.075 ? 137 TYR AAA CZ  1 ? 
ATOM   845  O OH  . TYR A 1 98  ? 6.848   5.037   -8.083  1.000 12.905 ? 137 TYR AAA OH  1 ? 
ATOM   846  N N   . ILE A 1 99  ? 13.123  0.916   -3.749  1.000 9.574  ? 138 ILE AAA N   1 ? 
ATOM   847  C CA  . ILE A 1 99  ? 14.346  0.508   -3.068  1.000 10.344 ? 138 ILE AAA CA  1 ? 
ATOM   848  C C   . ILE A 1 99  ? 14.797  -0.858  -3.555  1.000 10.481 ? 138 ILE AAA C   1 ? 
ATOM   849  O O   . ILE A 1 99  ? 15.996  -1.092  -3.835  1.000 11.682 ? 138 ILE AAA O   1 ? 
ATOM   850  C CB  . ILE A 1 99  ? 14.136  0.490   -1.541  1.000 11.225 ? 138 ILE AAA CB  1 ? 
ATOM   851  C CG1 . ILE A 1 99  ? 14.055  1.930   -1.041  1.000 12.608 ? 138 ILE AAA CG1 1 ? 
ATOM   852  C CG2 . ILE A 1 99  ? 15.230  -0.291  -0.814  1.000 12.612 ? 138 ILE AAA CG2 1 ? 
ATOM   853  C CD1 . ILE A 1 99  ? 15.342  2.734   -1.194  1.000 17.952 ? 138 ILE AAA CD1 1 ? 
ATOM   854  N N   . TYR A 1 100 ? 13.884  -1.780  -3.699  1.000 9.934  ? 139 TYR AAA N   1 ? 
ATOM   855  C CA  . TYR A 1 100 ? 14.285  -3.145  -3.975  1.000 9.985  ? 139 TYR AAA CA  1 ? 
ATOM   856  C C   . TYR A 1 100 ? 14.667  -3.337  -5.439  1.000 9.785  ? 139 TYR AAA C   1 ? 
ATOM   857  O O   . TYR A 1 100 ? 15.525  -4.164  -5.767  1.000 11.508 ? 139 TYR AAA O   1 ? 
ATOM   858  C CB  . TYR A 1 100 ? 13.188  -4.156  -3.584  1.000 10.333 ? 139 TYR AAA CB  1 ? 
ATOM   859  C CG  . TYR A 1 100 ? 13.657  -5.579  -3.743  1.000 9.565  ? 139 TYR AAA CG  1 ? 
ATOM   860  C CD1 . TYR A 1 100 ? 14.515  -6.149  -2.801  1.000 9.861  ? 139 TYR AAA CD1 1 ? 
ATOM   861  C CD2 . TYR A 1 100 ? 13.279  -6.351  -4.817  1.000 9.849  ? 139 TYR AAA CD2 1 ? 
ATOM   862  C CE1 . TYR A 1 100 ? 15.063  -7.413  -2.976  1.000 10.463 ? 139 TYR AAA CE1 1 ? 
ATOM   863  C CE2 . TYR A 1 100 ? 13.805  -7.608  -4.993  1.000 10.531 ? 139 TYR AAA CE2 1 ? 
ATOM   864  C CZ  . TYR A 1 100 ? 14.696  -8.148  -4.081  1.000 10.449 ? 139 TYR AAA CZ  1 ? 
ATOM   865  O OH  . TYR A 1 100 ? 15.155  -9.413  -4.298  1.000 12.667 ? 139 TYR AAA OH  1 ? 
ATOM   866  N N   . ASN A 1 101 ? 13.979  -2.655  -6.346  1.000 9.973  ? 140 ASN AAA N   1 ? 
ATOM   867  C CA  . ASN A 1 101 ? 14.099  -2.931  -7.769  1.000 10.165 ? 140 ASN AAA CA  1 ? 
ATOM   868  C C   . ASN A 1 101 ? 14.928  -1.849  -8.462  1.000 11.385 ? 140 ASN AAA C   1 ? 
ATOM   869  O O   . ASN A 1 101 ? 15.141  -0.770  -7.926  1.000 17.261 ? 140 ASN AAA O   1 ? 
ATOM   870  C CB  . ASN A 1 101 ? 12.711  -2.980  -8.379  1.000 9.805  ? 140 ASN AAA CB  1 ? 
ATOM   871  C CG  . ASN A 1 101 ? 11.918  -4.098  -7.757  1.000 9.490  ? 140 ASN AAA CG  1 ? 
ATOM   872  O OD1 . ASN A 1 101 ? 12.093  -5.270  -8.107  1.000 10.539 ? 140 ASN AAA OD1 1 ? 
ATOM   873  N ND2 . ASN A 1 101 ? 11.025  -3.747  -6.849  1.000 9.300  ? 140 ASN AAA ND2 1 ? 
ATOM   874  N N   . LYS A 1 102 ? 15.376  -2.101  -9.687  1.000 13.967 ? 141 LYS AAA N   1 ? 
ATOM   875  C CA  . LYS A 1 102 ? 16.218  -1.174  -10.434 1.000 13.848 ? 141 LYS AAA CA  1 ? 
ATOM   876  C C   . LYS A 1 102 ? 15.328  -0.180  -11.167 1.000 14.042 ? 141 LYS AAA C   1 ? 
ATOM   877  O O   . LYS A 1 102 ? 14.256  -0.528  -11.631 1.000 12.479 ? 141 LYS AAA O   1 ? 
ATOM   878  C CB  . LYS A 1 102 ? 17.037  -1.948  -11.478 1.000 16.985 ? 141 LYS AAA CB  1 ? 
ATOM   879  C CG  . LYS A 1 102 ? 18.028  -2.988  -10.959 1.000 24.135 ? 141 LYS AAA CG  1 ? 
ATOM   880  C CD  . LYS A 1 102 ? 18.872  -3.566  -12.074 0.500 22.938 ? 141 LYS AAA CD  1 ? 
ATOM   881  C CE  . LYS A 1 102 ? 20.200  -4.117  -11.608 0.500 28.606 ? 141 LYS AAA CE  1 ? 
ATOM   882  N NZ  . LYS A 1 102 ? 19.998  -5.154  -10.572 1.000 35.004 ? 141 LYS AAA NZ  1 ? 
ATOM   883  N N   . PRO A 1 103 ? 15.789  1.076   -11.412 1.000 14.999 ? 142 PRO AAA N   1 ? 
ATOM   884  C CA  . PRO A 1 103 ? 15.028  2.012   -12.240 1.000 16.127 ? 142 PRO AAA CA  1 ? 
ATOM   885  C C   . PRO A 1 103 ? 14.737  1.354   -13.580 1.000 15.910 ? 142 PRO AAA C   1 ? 
ATOM   886  O O   . PRO A 1 103 ? 15.596  0.670   -14.138 1.000 17.133 ? 142 PRO AAA O   1 ? 
ATOM   887  C CB  . PRO A 1 103 ? 15.956  3.223   -12.433 1.000 19.028 ? 142 PRO AAA CB  1 ? 
ATOM   888  C CG  . PRO A 1 103 ? 16.927  3.119   -11.290 1.000 18.977 ? 142 PRO AAA CG  1 ? 
ATOM   889  C CD  . PRO A 1 103 ? 17.051  1.651   -10.914 1.000 17.403 ? 142 PRO AAA CD  1 ? 
ATOM   890  N N   . GLY A 1 104 ? 13.527  1.558   -14.094 1.000 17.453 ? 143 GLY AAA N   1 ? 
ATOM   891  C CA  . GLY A 1 104 ? 13.251  0.951   -15.389 1.000 17.937 ? 143 GLY AAA CA  1 ? 
ATOM   892  C C   . GLY A 1 104 ? 12.820  -0.524  -15.378 1.000 16.328 ? 143 GLY AAA C   1 ? 
ATOM   893  O O   . GLY A 1 104 ? 12.331  -0.995  -16.414 1.000 16.982 ? 143 GLY AAA O   1 ? 
ATOM   894  N N   . ASP A 1 105 ? 12.950  -1.257  -14.248 1.000 13.637 ? 144 ASP AAA N   1 ? 
ATOM   895  C CA  . ASP A 1 105 ? 12.343  -2.573  -14.156 1.000 11.784 ? 144 ASP AAA CA  1 ? 
ATOM   896  C C   . ASP A 1 105 ? 10.843  -2.435  -14.356 1.000 10.895 ? 144 ASP AAA C   1 ? 
ATOM   897  O O   . ASP A 1 105 ? 10.266  -1.421  -13.995 1.000 10.094 ? 144 ASP AAA O   1 ? 
ATOM   898  C CB  . ASP A 1 105 ? 12.561  -3.159  -12.764 1.000 13.020 ? 144 ASP AAA CB  1 ? 
ATOM   899  C CG  . ASP A 1 105 ? 13.934  -3.769  -12.561 1.000 15.694 ? 144 ASP AAA CG  1 ? 
ATOM   900  O OD1 . ASP A 1 105 ? 14.766  -3.759  -13.529 1.000 19.227 ? 144 ASP AAA OD1 1 ? 
ATOM   901  O OD2 . ASP A 1 105 ? 14.183  -4.207  -11.416 1.000 18.379 ? 144 ASP AAA OD2 1 ? 
ATOM   902  N N   . ASP A 1 106 ? 10.213  -3.478  -14.886 1.000 9.610  ? 145 ASP AAA N   1 ? 
ATOM   903  C CA  . ASP A 1 106 ? 8.794   -3.422  -15.125 1.000 9.797  ? 145 ASP AAA CA  1 ? 
ATOM   904  C C   . ASP A 1 106 ? 8.002   -3.045  -13.879 1.000 8.627  ? 145 ASP AAA C   1 ? 
ATOM   905  O O   . ASP A 1 106 ? 7.088   -2.239  -13.990 1.000 9.678  ? 145 ASP AAA O   1 ? 
ATOM   906  C CB  . ASP A 1 106 ? 8.316   -4.782  -15.603 1.000 10.612 ? 145 ASP AAA CB  1 ? 
ATOM   907  C CG  . ASP A 1 106 ? 8.577   -5.011  -17.087 1.000 12.296 ? 145 ASP AAA CG  1 ? 
ATOM   908  O OD1 . ASP A 1 106 ? 8.768   -4.057  -17.824 1.000 13.884 ? 145 ASP AAA OD1 1 ? 
ATOM   909  O OD2 . ASP A 1 106 ? 8.488   -6.208  -17.496 1.000 14.444 ? 145 ASP AAA OD2 1 ? 
ATOM   910  N N   . ILE A 1 107 ? 8.336   -3.606  -12.735 1.000 8.728  ? 146 ILE AAA N   1 ? 
ATOM   911  C CA  . ILE A 1 107 ? 7.532   -3.320  -11.566 1.000 8.967  ? 146 ILE AAA CA  1 ? 
ATOM   912  C C   . ILE A 1 107 ? 7.660   -1.853  -11.177 1.000 8.619  ? 146 ILE AAA C   1 ? 
ATOM   913  O O   . ILE A 1 107 ? 6.737   -1.265  -10.614 1.000 8.395  ? 146 ILE AAA O   1 ? 
ATOM   914  C CB  . ILE A 1 107 ? 7.857   -4.255  -10.388 1.000 10.188 ? 146 ILE AAA CB  1 ? 
ATOM   915  C CG1 . ILE A 1 107 ? 6.797   -4.158  -9.282  1.000 12.309 ? 146 ILE AAA CG1 1 ? 
ATOM   916  C CG2 . ILE A 1 107 ? 9.271   -4.063  -9.866  1.000 11.293 ? 146 ILE AAA CG2 1 ? 
ATOM   917  C CD1 . ILE A 1 107 ? 6.793   -5.156  -8.179  1.000 14.658 ? 146 ILE AAA CD1 1 ? 
ATOM   918  N N   . VAL A 1 108 ? 8.847   -1.265  -11.397 1.000 8.114  ? 147 VAL AAA N   1 ? 
ATOM   919  C CA  . VAL A 1 108 ? 9.048   0.150   -11.124 1.000 8.716  ? 147 VAL AAA CA  1 ? 
ATOM   920  C C   . VAL A 1 108 ? 8.219   1.014   -12.054 1.000 8.780  ? 147 VAL AAA C   1 ? 
ATOM   921  O O   . VAL A 1 108 ? 7.640   2.003   -11.628 1.000 10.247 ? 147 VAL AAA O   1 ? 
ATOM   922  C CB  . VAL A 1 108 ? 10.538  0.516   -11.188 1.000 9.260  ? 147 VAL AAA CB  1 ? 
ATOM   923  C CG1 . VAL A 1 108 ? 10.785  2.025   -11.158 1.000 10.349 ? 147 VAL AAA CG1 1 ? 
ATOM   924  C CG2 . VAL A 1 108 ? 11.293  -0.204  -10.079 1.000 9.683  ? 147 VAL AAA CG2 1 ? 
ATOM   925  N N   . LEU A 1 109 ? 8.236   0.701   -13.365 1.000 9.407  ? 148 LEU AAA N   1 ? 
ATOM   926  C CA  . LEU A 1 109 ? 7.375   1.427   -14.304 1.000 9.692  ? 148 LEU AAA CA  1 ? 
ATOM   927  C C   . LEU A 1 109 ? 5.919   1.349   -13.862 1.000 9.092  ? 148 LEU AAA C   1 ? 
ATOM   928  O O   . LEU A 1 109 ? 5.154   2.313   -14.019 1.000 10.262 ? 148 LEU AAA O   1 ? 
ATOM   929  C CB  . LEU A 1 109 ? 7.518   0.786   -15.685 1.000 11.268 ? 148 LEU AAA CB  1 ? 
ATOM   930  C CG  . LEU A 1 109 ? 8.928   0.845   -16.276 1.000 13.128 ? 148 LEU AAA CG  1 ? 
ATOM   931  C CD1 . LEU A 1 109 ? 9.011   0.149   -17.633 1.000 14.515 ? 148 LEU AAA CD1 1 ? 
ATOM   932  C CD2 . LEU A 1 109 ? 9.353   2.275   -16.457 1.000 16.471 ? 148 LEU AAA CD2 1 ? 
ATOM   933  N N   . MET A 1 110 ? 5.504   0.160   -13.399 1.000 8.429  ? 149 MET AAA N   1 ? 
ATOM   934  C CA  . MET A 1 110 ? 4.130   -0.012  -12.918 1.000 8.757  ? 149 MET AAA CA  1 ? 
ATOM   935  C C   . MET A 1 110 ? 3.837   0.865   -11.696 1.000 8.813  ? 149 MET AAA C   1 ? 
ATOM   936  O O   . MET A 1 110 ? 2.829   1.580   -11.664 1.000 9.004  ? 149 MET AAA O   1 ? 
ATOM   937  C CB  . MET A 1 110 ? 3.869   -1.487  -12.604 1.000 7.974  ? 149 MET AAA CB  1 ? 
ATOM   938  C CG  . MET A 1 110 ? 3.969   -2.344  -13.860 1.000 9.340  ? 149 MET AAA CG  1 ? 
ATOM   939  S SD  . MET A 1 110 ? 4.130   -4.099  -13.565 1.000 10.738 ? 149 MET AAA SD  1 ? 
ATOM   940  C CE  . MET A 1 110 ? 2.393   -4.337  -13.435 1.000 11.816 ? 149 MET AAA CE  1 ? 
ATOM   941  N N   . ALA A 1 111 ? 4.726   0.793   -10.716 1.000 7.964  ? 150 ALA AAA N   1 ? 
ATOM   942  C CA  . ALA A 1 111 ? 4.609   1.641   -9.524  1.000 8.757  ? 150 ALA AAA CA  1 ? 
ATOM   943  C C   . ALA A 1 111 ? 4.569   3.118   -9.887  1.000 9.400  ? 150 ALA AAA C   1 ? 
ATOM   944  O O   . ALA A 1 111 ? 3.766   3.848   -9.319  1.000 9.973  ? 150 ALA AAA O   1 ? 
ATOM   945  C CB  . ALA A 1 111 ? 5.728   1.347   -8.547  1.000 9.419  ? 150 ALA AAA CB  1 ? 
ATOM   946  N N   . GLU A 1 112 ? 5.384   3.542   -10.826 1.000 9.633  ? 151 GLU AAA N   1 ? 
ATOM   947  C CA  . GLU A 1 112 ? 5.425   4.953   -11.177 1.000 10.636 ? 151 GLU AAA CA  1 ? 
ATOM   948  C C   . GLU A 1 112 ? 4.090   5.401   -11.770 1.000 10.187 ? 151 GLU AAA C   1 ? 
ATOM   949  O O   . GLU A 1 112 ? 3.649   6.530   -11.496 1.000 10.377 ? 151 GLU AAA O   1 ? 
ATOM   950  C CB  . GLU A 1 112 ? 6.542   5.235   -12.176 1.000 12.641 ? 151 GLU AAA CB  1 ? 
ATOM   951  C CG  . GLU A 1 112 ? 7.906   5.149   -11.522 1.000 15.641 ? 151 GLU AAA CG  1 ? 
ATOM   952  C CD  . GLU A 1 112 ? 9.093   5.211   -12.480 1.000 21.467 ? 151 GLU AAA CD  1 ? 
ATOM   953  O OE1 . GLU A 1 112 ? 8.950   4.846   -13.664 1.000 25.305 ? 151 GLU AAA OE1 1 ? 
ATOM   954  O OE2 . GLU A 1 112 ? 10.162  5.599   -12.034 1.000 27.678 ? 151 GLU AAA OE2 1 ? 
ATOM   955  N N   . ALA A 1 113 ? 3.457   4.563   -12.607 1.000 10.430 ? 152 ALA AAA N   1 ? 
ATOM   956  C CA  . ALA A 1 113 ? 2.146   4.873   -13.163 1.000 10.369 ? 152 ALA AAA CA  1 ? 
ATOM   957  C C   . ALA A 1 113 ? 1.117   4.985   -12.060 1.000 10.237 ? 152 ALA AAA C   1 ? 
ATOM   958  O O   . ALA A 1 113 ? 0.279   5.915   -12.081 1.000 10.630 ? 152 ALA AAA O   1 ? 
ATOM   959  C CB  . ALA A 1 113 ? 1.745   3.850   -14.229 1.000 11.142 ? 152 ALA AAA CB  1 ? 
ATOM   960  N N   . LEU A 1 114 ? 1.103   4.057   -11.110 1.000 9.205  ? 153 LEU AAA N   1 ? 
ATOM   961  C CA  . LEU A 1 114 ? 0.148   4.116   -10.019 1.000 9.617  ? 153 LEU AAA CA  1 ? 
ATOM   962  C C   . LEU A 1 114 ? 0.428   5.331   -9.131  1.000 9.258  ? 153 LEU AAA C   1 ? 
ATOM   963  O O   . LEU A 1 114 ? -0.514  5.948   -8.617  1.000 9.704  ? 153 LEU AAA O   1 ? 
ATOM   964  C CB  . LEU A 1 114 ? 0.275   2.839   -9.194  1.000 10.180 ? 153 LEU AAA CB  1 ? 
ATOM   965  C CG  . LEU A 1 114 ? -0.099  1.553   -9.937  1.000 11.027 ? 153 LEU AAA CG  1 ? 
ATOM   966  C CD1 . LEU A 1 114 ? 0.225   0.338   -9.113  1.000 14.672 ? 153 LEU AAA CD1 1 ? 
ATOM   967  C CD2 . LEU A 1 114 ? -1.582  1.526   -10.274 1.000 14.066 ? 153 LEU AAA CD2 1 ? 
ATOM   968  N N   . GLU A 1 115 ? 1.707   5.634   -8.926  1.000 9.063  ? 154 GLU AAA N   1 ? 
ATOM   969  C CA  . GLU A 1 115 ? 2.052   6.767   -8.072  1.000 9.683  ? 154 GLU AAA CA  1 ? 
ATOM   970  C C   . GLU A 1 115 ? 1.605   8.086   -8.682  1.000 9.979  ? 154 GLU AAA C   1 ? 
ATOM   971  O O   . GLU A 1 115 ? 1.178   9.019   -7.939  1.000 10.493 ? 154 GLU AAA O   1 ? 
ATOM   972  C CB  . GLU A 1 115 ? 3.554   6.802   -7.817  1.000 10.679 ? 154 GLU AAA CB  1 ? 
ATOM   973  C CG  . GLU A 1 115 ? 3.876   7.835   -6.722  1.000 12.490 ? 154 GLU AAA CG  1 ? 
ATOM   974  C CD  . GLU A 1 115 ? 5.350   8.023   -6.427  1.000 15.670 ? 154 GLU AAA CD  1 ? 
ATOM   975  O OE1 . GLU A 1 115 ? 6.177   7.455   -7.121  1.000 14.976 ? 154 GLU AAA OE1 1 ? 
ATOM   976  O OE2 . GLU A 1 115 ? 5.646   8.825   -5.490  1.000 20.724 ? 154 GLU AAA OE2 1 ? 
ATOM   977  N N   . LYS A 1 116 ? 1.678   8.216   -9.984  1.000 10.597 ? 155 LYS AAA N   1 ? 
ATOM   978  C CA  . LYS A 1 116 ? 1.165   9.420   -10.630 1.000 11.021 ? 155 LYS AAA CA  1 ? 
ATOM   979  C C   . LYS A 1 116 ? -0.324  9.633   -10.377 1.000 10.721 ? 155 LYS AAA C   1 ? 
ATOM   980  O O   . LYS A 1 116 ? -0.786  10.750  -10.098 1.000 11.598 ? 155 LYS AAA O   1 ? 
ATOM   981  C CB  . LYS A 1 116 ? 1.455   9.297   -12.129 1.000 12.620 ? 155 LYS AAA CB  1 ? 
ATOM   982  C CG  . LYS A 1 116 ? 0.931   10.467  -12.939 1.000 17.778 ? 155 LYS AAA CG  1 ? 
ATOM   983  C CD  . LYS A 1 116 ? 1.474   10.453  -14.335 1.000 19.853 ? 155 LYS AAA CD  1 ? 
ATOM   984  C CE  . LYS A 1 116 ? 0.982   11.654  -15.119 1.000 24.904 ? 155 LYS AAA CE  1 ? 
ATOM   985  N NZ  . LYS A 1 116 ? 1.370   11.557  -16.545 1.000 29.158 ? 155 LYS AAA NZ  1 ? 
ATOM   986  N N   A LEU A 1 117 ? -1.092  8.552   -10.473 0.500 9.304  ? 156 LEU AAA N   1 ? 
ATOM   987  N N   B LEU A 1 117 ? -1.082  8.545   -10.486 0.500 10.332 ? 156 LEU AAA N   1 ? 
ATOM   988  C CA  A LEU A 1 117 ? -2.515  8.604   -10.180 0.500 9.158  ? 156 LEU AAA CA  1 ? 
ATOM   989  C CA  B LEU A 1 117 ? -2.506  8.564   -10.196 0.500 10.945 ? 156 LEU AAA CA  1 ? 
ATOM   990  C C   A LEU A 1 117 ? -2.752  8.907   -8.711  0.500 9.028  ? 156 LEU AAA C   1 ? 
ATOM   991  C C   B LEU A 1 117 ? -2.756  8.881   -8.729  0.500 9.998  ? 156 LEU AAA C   1 ? 
ATOM   992  O O   A LEU A 1 117 ? -3.607  9.738   -8.367  0.500 9.584  ? 156 LEU AAA O   1 ? 
ATOM   993  O O   B LEU A 1 117 ? -3.632  9.695   -8.401  0.500 10.671 ? 156 LEU AAA O   1 ? 
ATOM   994  C CB  A LEU A 1 117 ? -3.154  7.272   -10.595 0.500 9.939  ? 156 LEU AAA CB  1 ? 
ATOM   995  C CB  B LEU A 1 117 ? -3.110  7.212   -10.598 0.500 13.481 ? 156 LEU AAA CB  1 ? 
ATOM   996  C CG  A LEU A 1 117 ? -3.173  7.007   -12.098 0.500 10.165 ? 156 LEU AAA CG  1 ? 
ATOM   997  C CG  B LEU A 1 117 ? -4.003  7.245   -11.836 0.500 18.583 ? 156 LEU AAA CG  1 ? 
ATOM   998  C CD1 A LEU A 1 117 ? -3.636  5.588   -12.368 0.500 13.752 ? 156 LEU AAA CD1 1 ? 
ATOM   999  C CD1 B LEU A 1 117 ? -3.374  8.047   -12.980 0.500 18.950 ? 156 LEU AAA CD1 1 ? 
ATOM   1000 C CD2 A LEU A 1 117 ? -4.118  8.001   -12.791 0.500 13.058 ? 156 LEU AAA CD2 1 ? 
ATOM   1001 C CD2 B LEU A 1 117 ? -4.404  5.845   -12.273 0.500 18.095 ? 156 LEU AAA CD2 1 ? 
ATOM   1002 N N   . PHE A 1 118 ? -1.963  8.265   -7.857  1.000 9.224  ? 157 PHE AAA N   1 ? 
ATOM   1003 C CA  . PHE A 1 118 ? -2.082  8.534   -6.438  1.000 9.453  ? 157 PHE AAA CA  1 ? 
ATOM   1004 C C   . PHE A 1 118 ? -1.847  10.017  -6.134  1.000 9.040  ? 157 PHE AAA C   1 ? 
ATOM   1005 O O   . PHE A 1 118 ? -2.636  10.584  -5.338  1.000 10.086 ? 157 PHE AAA O   1 ? 
ATOM   1006 C CB  . PHE A 1 118 ? -1.029  7.680   -5.728  1.000 9.840  ? 157 PHE AAA CB  1 ? 
ATOM   1007 C CG  . PHE A 1 118 ? -1.005  7.852   -4.234  1.000 10.329 ? 157 PHE AAA CG  1 ? 
ATOM   1008 C CD1 . PHE A 1 118 ? -2.026  7.414   -3.439  1.000 10.756 ? 157 PHE AAA CD1 1 ? 
ATOM   1009 C CD2 . PHE A 1 118 ? 0.092   8.465   -3.644  1.000 13.040 ? 157 PHE AAA CD2 1 ? 
ATOM   1010 C CE1 . PHE A 1 118 ? -2.007  7.566   -2.058  1.000 12.801 ? 157 PHE AAA CE1 1 ? 
ATOM   1011 C CE2 . PHE A 1 118 ? 0.134   8.587   -2.258  1.000 14.583 ? 157 PHE AAA CE2 1 ? 
ATOM   1012 C CZ  . PHE A 1 118 ? -0.917  8.168   -1.502  1.000 13.450 ? 157 PHE AAA CZ  1 ? 
ATOM   1013 N N   . LEU A 1 119 ? -0.803  10.601  -6.683  1.000 9.724  ? 158 LEU AAA N   1 ? 
ATOM   1014 C CA  . LEU A 1 119 ? -0.498  12.023  -6.434  1.000 10.442 ? 158 LEU AAA CA  1 ? 
ATOM   1015 C C   . LEU A 1 119 ? -1.684  12.894  -6.848  1.000 9.573  ? 158 LEU AAA C   1 ? 
ATOM   1016 O O   . LEU A 1 119 ? -2.088  13.819  -6.112  1.000 10.321 ? 158 LEU AAA O   1 ? 
ATOM   1017 C CB  . LEU A 1 119 ? 0.764   12.407  -7.208  1.000 12.514 ? 158 LEU AAA CB  1 ? 
ATOM   1018 C CG  . LEU A 1 119 ? 1.110   13.901  -7.161  1.000 14.014 ? 158 LEU AAA CG  1 ? 
ATOM   1019 C CD1 . LEU A 1 119 ? 1.194   14.392  -5.720  1.000 15.312 ? 158 LEU AAA CD1 1 ? 
ATOM   1020 C CD2 . LEU A 1 119 ? 2.378   14.178  -7.964  1.000 17.590 ? 158 LEU AAA CD2 1 ? 
ATOM   1021 N N   . GLN A 1 120 ? -2.259  12.620  -8.019  1.000 10.210 ? 159 GLN AAA N   1 ? 
ATOM   1022 C CA  . GLN A 1 120 ? -3.374  13.439  -8.473  1.000 10.815 ? 159 GLN AAA CA  1 ? 
ATOM   1023 C C   . GLN A 1 120 ? -4.510  13.332  -7.476  1.000 10.778 ? 159 GLN AAA C   1 ? 
ATOM   1024 O O   . GLN A 1 120 ? -5.152  14.335  -7.119  1.000 13.580 ? 159 GLN AAA O   1 ? 
ATOM   1025 C CB  . GLN A 1 120 ? -3.822  12.977  -9.844  1.000 12.019 ? 159 GLN AAA CB  1 ? 
ATOM   1026 C CG  . GLN A 1 120 ? -4.967  13.857  -10.361 1.000 16.618 ? 159 GLN AAA CG  1 ? 
ATOM   1027 C CD  . GLN A 1 120 ? -4.624  15.324  -10.521 0.500 14.547 ? 159 GLN AAA CD  1 ? 
ATOM   1028 O OE1 . GLN A 1 120 ? -3.531  15.686  -10.957 0.500 14.884 ? 159 GLN AAA OE1 1 ? 
ATOM   1029 N NE2 . GLN A 1 120 ? -5.570  16.193  -10.205 0.500 15.512 ? 159 GLN AAA NE2 1 ? 
ATOM   1030 N N   . LYS A 1 121 ? -4.789  12.121  -7.040  1.000 10.791 ? 160 LYS AAA N   1 ? 
ATOM   1031 C CA  . LYS A 1 121 ? -5.904  11.915  -6.118  1.000 10.975 ? 160 LYS AAA CA  1 ? 
ATOM   1032 C C   . LYS A 1 121 ? -5.623  12.549  -4.765  1.000 10.735 ? 160 LYS AAA C   1 ? 
ATOM   1033 O O   . LYS A 1 121 ? -6.562  13.091  -4.143  1.000 12.904 ? 160 LYS AAA O   1 ? 
ATOM   1034 C CB  . LYS A 1 121 ? -6.188  10.411  -5.988  1.000 13.465 ? 160 LYS AAA CB  1 ? 
ATOM   1035 C CG  . LYS A 1 121 ? -6.771  9.761   -7.243  1.000 17.648 ? 160 LYS AAA CG  1 ? 
ATOM   1036 C CD  . LYS A 1 121 ? -7.650  10.668  -8.094  1.000 22.209 ? 160 LYS AAA CD  1 ? 
ATOM   1037 C CE  . LYS A 1 121 ? -8.906  9.947   -8.511  1.000 23.600 ? 160 LYS AAA CE  1 ? 
ATOM   1038 N NZ  . LYS A 1 121 ? -9.909  10.919  -9.013  1.000 23.839 ? 160 LYS AAA NZ  1 ? 
ATOM   1039 N N   . ILE A 1 122 ? -4.408  12.494  -4.282  1.000 10.232 ? 161 ILE AAA N   1 ? 
ATOM   1040 C CA  . ILE A 1 122 ? -4.158  13.084  -2.983  1.000 11.015 ? 161 ILE AAA CA  1 ? 
ATOM   1041 C C   . ILE A 1 122 ? -4.120  14.605  -3.045  1.000 10.054 ? 161 ILE AAA C   1 ? 
ATOM   1042 O O   . ILE A 1 122 ? -4.501  15.256  -2.064  1.000 10.623 ? 161 ILE AAA O   1 ? 
ATOM   1043 C CB  . ILE A 1 122 ? -2.924  12.453  -2.354  1.000 13.958 ? 161 ILE AAA CB  1 ? 
ATOM   1044 C CG1 . ILE A 1 122 ? -3.171  12.022  -0.907  1.000 22.647 ? 161 ILE AAA CG1 1 ? 
ATOM   1045 C CG2 . ILE A 1 122 ? -1.593  13.003  -2.767  1.000 16.961 ? 161 ILE AAA CG2 1 ? 
ATOM   1046 C CD1 . ILE A 1 122 ? -4.129  10.840  -0.921  1.000 19.447 ? 161 ILE AAA CD1 1 ? 
ATOM   1047 N N   . ASN A 1 123 ? -3.721  15.174  -4.171  1.000 9.864  ? 162 ASN AAA N   1 ? 
ATOM   1048 C CA  . ASN A 1 123 ? -3.820  16.625  -4.327  1.000 10.502 ? 162 ASN AAA CA  1 ? 
ATOM   1049 C C   . ASN A 1 123 ? -5.270  17.088  -4.193  1.000 11.149 ? 162 ASN AAA C   1 ? 
ATOM   1050 O O   . ASN A 1 123 ? -5.527  18.234  -3.768  1.000 12.172 ? 162 ASN AAA O   1 ? 
ATOM   1051 C CB  . ASN A 1 123 ? -3.197  17.088  -5.631  1.000 11.427 ? 162 ASN AAA CB  1 ? 
ATOM   1052 C CG  . ASN A 1 123 ? -1.693  16.983  -5.615  1.000 10.263 ? 162 ASN AAA CG  1 ? 
ATOM   1053 O OD1 . ASN A 1 123 ? -1.059  16.925  -4.553  1.000 12.647 ? 162 ASN AAA OD1 1 ? 
ATOM   1054 N ND2 . ASN A 1 123 ? -1.107  17.025  -6.813  1.000 12.138 ? 162 ASN AAA ND2 1 ? 
ATOM   1055 N N   . GLU A 1 124 ? -6.229  16.209  -4.515  1.000 11.727 ? 163 GLU AAA N   1 ? 
ATOM   1056 C CA  . GLU A 1 124 ? -7.641  16.505  -4.377  1.000 12.655 ? 163 GLU AAA CA  1 ? 
ATOM   1057 C C   . GLU A 1 124 ? -8.264  15.975  -3.088  1.000 13.098 ? 163 GLU AAA C   1 ? 
ATOM   1058 O O   . GLU A 1 124 ? -9.481  16.002  -2.918  1.000 15.607 ? 163 GLU AAA O   1 ? 
ATOM   1059 C CB  . GLU A 1 124 ? -8.376  15.938  -5.600  1.000 14.567 ? 163 GLU AAA CB  1 ? 
ATOM   1060 C CG  . GLU A 1 124 ? -8.043  16.742  -6.866  1.000 20.246 ? 163 GLU AAA CG  1 ? 
ATOM   1061 C CD  . GLU A 1 124 ? -8.730  18.101  -6.993  1.000 27.142 ? 163 GLU AAA CD  1 ? 
ATOM   1062 O OE1 . GLU A 1 124 ? -9.342  18.570  -6.007  1.000 31.007 ? 163 GLU AAA OE1 1 ? 
ATOM   1063 O OE2 . GLU A 1 124 ? -8.676  18.701  -8.111  1.000 32.147 ? 163 GLU AAA OE2 1 ? 
ATOM   1064 N N   . LEU A 1 125 ? -7.433  15.527  -2.143  1.000 11.531 ? 164 LEU AAA N   1 ? 
ATOM   1065 C CA  . LEU A 1 125 ? -7.988  15.058  -0.877  1.000 11.409 ? 164 LEU AAA CA  1 ? 
ATOM   1066 C C   . LEU A 1 125 ? -8.826  16.160  -0.254  1.000 11.538 ? 164 LEU AAA C   1 ? 
ATOM   1067 O O   . LEU A 1 125 ? -8.317  17.278  -0.104  1.000 11.460 ? 164 LEU AAA O   1 ? 
ATOM   1068 C CB  . LEU A 1 125 ? -6.845  14.669  0.059   1.000 11.781 ? 164 LEU AAA CB  1 ? 
ATOM   1069 C CG  . LEU A 1 125 ? -7.220  14.088  1.417   1.000 11.889 ? 164 LEU AAA CG  1 ? 
ATOM   1070 C CD1 . LEU A 1 125 ? -7.545  12.614  1.274   1.000 14.823 ? 164 LEU AAA CD1 1 ? 
ATOM   1071 C CD2 . LEU A 1 125 ? -6.044  14.204  2.379   1.000 13.705 ? 164 LEU AAA CD2 1 ? 
ATOM   1072 N N   . PRO A 1 126 ? -10.089 15.901  0.148   1.000 12.052 ? 165 PRO AAA N   1 ? 
ATOM   1073 C CA  . PRO A 1 126 ? -10.939 16.986  0.629   1.000 13.125 ? 165 PRO AAA CA  1 ? 
ATOM   1074 C C   . PRO A 1 126 ? -10.495 17.467  1.994   1.000 13.502 ? 165 PRO AAA C   1 ? 
ATOM   1075 O O   . PRO A 1 126 ? -9.943  16.791  2.835   1.000 12.861 ? 165 PRO AAA O   1 ? 
ATOM   1076 C CB  . PRO A 1 126 ? -12.315 16.294  0.760   1.000 14.865 ? 165 PRO AAA CB  1 ? 
ATOM   1077 C CG  . PRO A 1 126 ? -11.991 14.841  0.997   1.000 17.146 ? 165 PRO AAA CG  1 ? 
ATOM   1078 C CD  . PRO A 1 126 ? -10.797 14.609  0.102   1.000 14.931 ? 165 PRO AAA CD  1 ? 
ATOM   1079 N N   . THR A 1 127 ? -10.788 18.746  2.202   1.000 15.962 ? 166 THR AAA N   1 ? 
ATOM   1080 C CA  . THR A 1 127 ? -10.763 19.391  3.486   1.000 19.240 ? 166 THR AAA CA  1 ? 
ATOM   1081 C C   . THR A 1 127 ? -11.460 18.490  4.517   1.000 17.786 ? 166 THR AAA C   1 ? 
ATOM   1082 O O   . THR A 1 127 ? -12.556 18.031  4.249   1.000 17.079 ? 166 THR AAA O   1 ? 
ATOM   1083 C CB  . THR A 1 127 ? -11.468 20.747  3.272   1.000 20.761 ? 166 THR AAA CB  1 ? 
ATOM   1084 O OG1 . THR A 1 127 ? -10.888 21.459  2.167   1.000 23.037 ? 166 THR AAA OG1 1 ? 
ATOM   1085 C CG2 . THR A 1 127 ? -11.523 21.627  4.498   1.000 23.689 ? 166 THR AAA CG2 1 ? 
ATOM   1086 N N   . GLU A 1 128 ? -10.802 18.199  5.636   1.000 19.067 ? 167 GLU AAA N   1 ? 
ATOM   1087 C CA  . GLU A 1 128 ? -11.388 17.414  6.718   1.000 23.990 ? 167 GLU AAA CA  1 ? 
ATOM   1088 C C   . GLU A 1 128 ? -12.602 18.123  7.319   1.000 28.349 ? 167 GLU AAA C   1 ? 
ATOM   1089 O O   . GLU A 1 128 ? -12.542 19.297  7.673   1.000 27.895 ? 167 GLU AAA O   1 ? 
ATOM   1090 C CB  . GLU A 1 128 ? -10.368 17.075  7.821   1.000 27.183 ? 167 GLU AAA CB  1 ? 
ATOM   1091 C CG  . GLU A 1 128 ? -10.921 16.144  8.903   1.000 34.942 ? 167 GLU AAA CG  1 ? 
ATOM   1092 C CD  . GLU A 1 128 ? -9.975  15.666  9.998   1.000 40.873 ? 167 GLU AAA CD  1 ? 
ATOM   1093 O OE1 . GLU A 1 128 ? -9.372  16.527  10.675  1.000 46.914 ? 167 GLU AAA OE1 1 ? 
ATOM   1094 O OE2 . GLU A 1 128 ? -9.838  14.436  10.179  1.000 44.155 ? 167 GLU AAA OE2 1 ? 
ATOM   1095 N N   . GLU A 1 129 ? -13.717 17.399  7.463   1.000 27.705 ? 168 GLU AAA N   1 ? 
ATOM   1096 C CA  . GLU A 1 129 ? -14.844 18.013  8.147   1.000 34.296 ? 168 GLU AAA CA  1 ? 
ATOM   1097 C C   . GLU A 1 129 ? -15.119 17.273  9.463   1.000 41.363 ? 168 GLU AAA C   1 ? 
ATOM   1098 O O   . GLU A 1 129 ? -14.824 16.081  9.617   1.000 39.060 ? 168 GLU AAA O   1 ? 
ATOM   1099 C CB  . GLU A 1 129 ? -16.035 18.115  7.197   1.000 38.543 ? 168 GLU AAA CB  1 ? 
ATOM   1100 C CG  . GLU A 1 129 ? -16.497 16.779  6.663   1.000 41.940 ? 168 GLU AAA CG  1 ? 
ATOM   1101 C CD  . GLU A 1 129 ? -16.988 16.849  5.231   1.000 47.238 ? 168 GLU AAA CD  1 ? 
ATOM   1102 O OE1 . GLU A 1 129 ? -16.603 17.806  4.517   1.000 48.709 ? 168 GLU AAA OE1 1 ? 
ATOM   1103 O OE2 . GLU A 1 129 ? -17.755 15.948  4.831   1.000 54.342 ? 168 GLU AAA OE2 1 ? 
ATOM   1104 O OXT . GLU A 1 129 ? -15.631 17.869  10.424  1.000 45.311 ? 168 GLU AAA OXT 1 ? 
HETATM 1105 C C1  . GOL B 2 .   ? 13.558  -0.471  3.927   1.000 18.451 ? 201 GOL AAA C1  1 ? 
HETATM 1106 O O1  . GOL B 2 .   ? 13.699  -1.215  5.139   1.000 18.676 ? 201 GOL AAA O1  1 ? 
HETATM 1107 C C2  . GOL B 2 .   ? 12.131  -0.032  3.727   1.000 19.186 ? 201 GOL AAA C2  1 ? 
HETATM 1108 O O2  . GOL B 2 .   ? 11.247  -1.160  3.826   1.000 15.036 ? 201 GOL AAA O2  1 ? 
HETATM 1109 C C3  . GOL B 2 .   ? 11.964  0.633   2.373   1.000 21.469 ? 201 GOL AAA C3  1 ? 
HETATM 1110 O O3  . GOL B 2 .   ? 10.647  1.140   2.176   1.000 25.962 ? 201 GOL AAA O3  1 ? 
HETATM 1111 C C1  . GOL C 2 .   ? 4.391   -2.861  9.760   1.000 21.371 ? 202 GOL AAA C1  1 ? 
HETATM 1112 O O1  . GOL C 2 .   ? 5.681   -2.850  10.377  1.000 22.190 ? 202 GOL AAA O1  1 ? 
HETATM 1113 C C2  . GOL C 2 .   ? 4.530   -2.549  8.283   1.000 20.630 ? 202 GOL AAA C2  1 ? 
HETATM 1114 O O2  . GOL C 2 .   ? 5.045   -1.247  8.033   1.000 30.439 ? 202 GOL AAA O2  1 ? 
HETATM 1115 C C3  . GOL C 2 .   ? 5.504   -3.478  7.643   1.000 13.286 ? 202 GOL AAA C3  1 ? 
HETATM 1116 O O3  . GOL C 2 .   ? 6.776   -2.855  7.578   1.000 31.431 ? 202 GOL AAA O3  1 ? 
HETATM 1117 C C1  . GOL D 2 .   ? 5.391   12.957  -3.750  1.000 23.415 ? 203 GOL AAA C1  1 ? 
HETATM 1118 O O1  . GOL D 2 .   ? 5.070   13.085  -5.116  1.000 23.702 ? 203 GOL AAA O1  1 ? 
HETATM 1119 C C2  . GOL D 2 .   ? 4.643   11.827  -3.075  1.000 31.121 ? 203 GOL AAA C2  1 ? 
HETATM 1120 O O2  . GOL D 2 .   ? 4.346   12.080  -1.702  1.000 32.377 ? 203 GOL AAA O2  1 ? 
HETATM 1121 C C3  . GOL D 2 .   ? 3.464   11.238  -3.822  1.000 28.543 ? 203 GOL AAA C3  1 ? 
HETATM 1122 O O3  . GOL D 2 .   ? 3.576   9.818   -3.782  1.000 28.856 ? 203 GOL AAA O3  1 ? 
HETATM 1123 C C1  . GOL E 2 .   ? -11.792 3.878   6.688   1.000 28.947 ? 204 GOL AAA C1  1 ? 
HETATM 1124 O O1  . GOL E 2 .   ? -12.356 4.325   7.919   1.000 27.119 ? 204 GOL AAA O1  1 ? 
HETATM 1125 C C2  . GOL E 2 .   ? -12.640 4.347   5.523   1.000 31.289 ? 204 GOL AAA C2  1 ? 
HETATM 1126 O O2  . GOL E 2 .   ? -12.090 3.863   4.304   1.000 39.903 ? 204 GOL AAA O2  1 ? 
HETATM 1127 C C3  . GOL E 2 .   ? -14.092 3.930   5.633   1.000 34.170 ? 204 GOL AAA C3  1 ? 
HETATM 1128 O O3  . GOL E 2 .   ? -14.924 4.694   4.766   1.000 43.958 ? 204 GOL AAA O3  1 ? 
HETATM 1129 C C1  . GOL F 2 .   ? -12.362 9.352   -11.043 1.000 30.124 ? 205 GOL AAA C1  1 ? 
HETATM 1130 O O1  . GOL F 2 .   ? -12.415 10.094  -9.829  1.000 26.808 ? 205 GOL AAA O1  1 ? 
HETATM 1131 C C2  . GOL F 2 .   ? -11.669 8.022   -10.866 1.000 33.365 ? 205 GOL AAA C2  1 ? 
HETATM 1132 O O2  . GOL F 2 .   ? -10.305 8.210   -10.494 1.000 30.767 ? 205 GOL AAA O2  1 ? 
HETATM 1133 C C3  . GOL F 2 .   ? -11.731 7.175   -12.114 1.000 28.215 ? 205 GOL AAA C3  1 ? 
HETATM 1134 O O3  . GOL F 2 .   ? -11.396 5.825   -11.839 1.000 34.896 ? 205 GOL AAA O3  1 ? 
HETATM 1135 C C4  . HHQ G 3 .   ? -2.536  -8.770  -16.416 1.000 21.072 ? 206 HHQ AAA C4  1 ? 
HETATM 1136 C C5  . HHQ G 3 .   ? -2.315  -7.464  -16.131 1.000 19.329 ? 206 HHQ AAA C5  1 ? 
HETATM 1137 N N1  . HHQ G 3 .   ? -3.327  -6.621  -15.813 1.000 15.275 ? 206 HHQ AAA N1  1 ? 
HETATM 1138 C C3  . HHQ G 3 .   ? -3.836  -9.273  -16.435 1.000 19.873 ? 206 HHQ AAA C3  1 ? 
HETATM 1139 O O1  . HHQ G 3 .   ? -5.547  -6.115  -15.629 1.000 19.574 ? 206 HHQ AAA O1  1 ? 
HETATM 1140 C C1  . HHQ G 3 .   ? -4.643  -7.006  -15.827 1.000 20.078 ? 206 HHQ AAA C1  1 ? 
HETATM 1141 C C2  . HHQ G 3 .   ? -4.891  -8.414  -16.127 1.000 21.516 ? 206 HHQ AAA C2  1 ? 
HETATM 1142 I I1  . HHQ G 3 .   ? -4.134  -11.333 -16.844 1.000 23.900 ? 206 HHQ AAA I1  1 ? 
HETATM 1143 O O   . HOH H 4 .   ? 3.940   0.126   8.239   1.000 31.970 ? 301 HOH AAA O   1 ? 
HETATM 1144 O O   . HOH H 4 .   ? -7.809  13.734  10.427  1.000 30.680 ? 302 HOH AAA O   1 ? 
HETATM 1145 O O   . HOH H 4 .   ? 7.750   5.552   -15.499 1.000 36.157 ? 303 HOH AAA O   1 ? 
HETATM 1146 O O   . HOH H 4 .   ? -11.518 13.969  7.399   1.000 33.824 ? 304 HOH AAA O   1 ? 
HETATM 1147 O O   . HOH H 4 .   ? 2.278   11.457  -0.623  1.000 35.046 ? 305 HOH AAA O   1 ? 
HETATM 1148 O O   . HOH H 4 .   ? 16.334  0.097   -5.934  1.000 20.859 ? 306 HOH AAA O   1 ? 
HETATM 1149 O O   . HOH H 4 .   ? 6.304   11.243  -6.155  1.000 38.185 ? 307 HOH AAA O   1 ? 
HETATM 1150 O O   . HOH H 4 .   ? 18.597  -8.041  -4.417  1.000 25.272 ? 308 HOH AAA O   1 ? 
HETATM 1151 O O   . HOH H 4 .   ? -9.691  4.886   -13.398 1.000 39.230 ? 309 HOH AAA O   1 ? 
HETATM 1152 O O   . HOH H 4 .   ? -9.371  23.423  2.566   1.000 34.305 ? 310 HOH AAA O   1 ? 
HETATM 1153 O O   . HOH H 4 .   ? -14.940 13.653  8.844   1.000 22.220 ? 311 HOH AAA O   1 ? 
HETATM 1154 O O   . HOH H 4 .   ? -5.392  14.945  6.631   1.000 38.158 ? 312 HOH AAA O   1 ? 
HETATM 1155 O O   . HOH H 4 .   ? 16.159  -2.545  -15.304 1.000 40.415 ? 313 HOH AAA O   1 ? 
HETATM 1156 O O   . HOH H 4 .   ? 8.244   -20.337 -7.187  1.000 31.432 ? 314 HOH AAA O   1 ? 
HETATM 1157 O O   . HOH H 4 .   ? -11.284 17.911  11.793  1.000 44.167 ? 315 HOH AAA O   1 ? 
HETATM 1158 O O   . HOH H 4 .   ? 10.834  -14.531 2.463   1.000 31.635 ? 316 HOH AAA O   1 ? 
HETATM 1159 O O   . HOH H 4 .   ? 6.569   -4.857  0.157   1.000 15.958 ? 317 HOH AAA O   1 ? 
HETATM 1160 O O   . HOH H 4 .   ? 9.331   -3.893  -20.422 1.000 13.364 ? 318 HOH AAA O   1 ? 
HETATM 1161 O O   . HOH H 4 .   ? -4.999  5.085   16.086  1.000 13.556 ? 319 HOH AAA O   1 ? 
HETATM 1162 O O   . HOH H 4 .   ? 11.348  -2.757  -18.176 1.000 28.896 ? 320 HOH AAA O   1 ? 
HETATM 1163 O O   . HOH H 4 .   ? 5.371   4.321   -15.794 1.000 23.395 ? 321 HOH AAA O   1 ? 
HETATM 1164 O O   . HOH H 4 .   ? 0.036   -10.133 11.224  1.000 31.676 ? 322 HOH AAA O   1 ? 
HETATM 1165 O O   . HOH H 4 .   ? -8.677  -1.728  24.558  1.000 20.992 ? 323 HOH AAA O   1 ? 
HETATM 1166 O O   . HOH H 4 .   ? 10.788  -13.402 -9.241  1.000 26.426 ? 324 HOH AAA O   1 ? 
HETATM 1167 O O   . HOH H 4 .   ? 17.313  -12.631 -3.903  1.000 27.528 ? 325 HOH AAA O   1 ? 
HETATM 1168 O O   . HOH H 4 .   ? 3.620   -16.856 5.232   1.000 33.485 ? 326 HOH AAA O   1 ? 
HETATM 1169 O O   . HOH H 4 .   ? -7.350  -8.303  16.301  1.000 32.751 ? 327 HOH AAA O   1 ? 
HETATM 1170 O O   . HOH H 4 .   ? 5.292   8.637   -11.027 1.000 20.144 ? 328 HOH AAA O   1 ? 
HETATM 1171 O O   . HOH H 4 .   ? 3.629   2.443   6.407   1.000 20.151 ? 329 HOH AAA O   1 ? 
HETATM 1172 O O   . HOH H 4 .   ? -10.566 13.018  -6.849  1.000 22.197 ? 330 HOH AAA O   1 ? 
HETATM 1173 O O   . HOH H 4 .   ? 0.999   -12.809 -0.750  1.000 20.306 ? 331 HOH AAA O   1 ? 
HETATM 1174 O O   . HOH H 4 .   ? 0.220   13.047  -11.157 1.000 29.373 ? 332 HOH AAA O   1 ? 
HETATM 1175 O O   . HOH H 4 .   ? -8.588  -7.861  9.675   1.000 41.743 ? 333 HOH AAA O   1 ? 
HETATM 1176 O O   . HOH H 4 .   ? -11.388 -0.778  -7.567  1.000 35.458 ? 334 HOH AAA O   1 ? 
HETATM 1177 O O   . HOH H 4 .   ? 5.013   -8.014  6.823   1.000 13.249 ? 335 HOH AAA O   1 ? 
HETATM 1178 O O   . HOH H 4 .   ? -10.407 -5.790  12.640  1.000 37.638 ? 336 HOH AAA O   1 ? 
HETATM 1179 O O   . HOH H 4 .   ? -2.491  17.547  -9.231  1.000 22.346 ? 337 HOH AAA O   1 ? 
HETATM 1180 O O   . HOH H 4 .   ? -1.871  -7.552  5.989   1.000 19.290 ? 338 HOH AAA O   1 ? 
HETATM 1181 O O   . HOH H 4 .   ? -11.888 -1.481  13.669  1.000 38.022 ? 339 HOH AAA O   1 ? 
HETATM 1182 O O   . HOH H 4 .   ? -8.282  19.227  6.045   1.000 34.634 ? 340 HOH AAA O   1 ? 
HETATM 1183 O O   . HOH H 4 .   ? 3.025   -6.184  -3.086  1.000 13.441 ? 341 HOH AAA O   1 ? 
HETATM 1184 O O   . HOH H 4 .   ? -12.885 12.497  -11.094 1.000 18.730 ? 342 HOH AAA O   1 ? 
HETATM 1185 O O   . HOH H 4 .   ? -8.086  15.571  -9.266  1.000 31.329 ? 343 HOH AAA O   1 ? 
HETATM 1186 O O   . HOH H 4 .   ? -1.604  0.583   -18.057 1.000 31.011 ? 344 HOH AAA O   1 ? 
HETATM 1187 O O   . HOH H 4 .   ? 4.598   -8.579  -5.891  1.000 19.331 ? 345 HOH AAA O   1 ? 
HETATM 1188 O O   . HOH H 4 .   ? 4.261   9.757   3.807   1.000 39.080 ? 346 HOH AAA O   1 ? 
HETATM 1189 O O   . HOH H 4 .   ? -1.434  2.837   10.977  1.000 20.494 ? 347 HOH AAA O   1 ? 
HETATM 1190 O O   . HOH H 4 .   ? 3.818   -11.131 4.627   1.000 14.592 ? 348 HOH AAA O   1 ? 
HETATM 1191 O O   . HOH H 4 .   ? -0.549  6.897   -14.554 1.000 18.403 ? 349 HOH AAA O   1 ? 
HETATM 1192 O O   . HOH H 4 .   ? 3.205   -6.294  2.891   1.000 11.915 ? 350 HOH AAA O   1 ? 
HETATM 1193 O O   . HOH H 4 .   ? 12.227  -6.141  -10.847 1.000 21.268 ? 351 HOH AAA O   1 ? 
HETATM 1194 O O   . HOH H 4 .   ? 4.333   -4.166  -1.976  1.000 17.800 ? 352 HOH AAA O   1 ? 
HETATM 1195 O O   . HOH H 4 .   ? -8.421  12.285  8.230   1.000 15.505 ? 353 HOH AAA O   1 ? 
HETATM 1196 O O   . HOH H 4 .   ? -15.458 11.778  1.522   1.000 26.526 ? 354 HOH AAA O   1 ? 
HETATM 1197 O O   . HOH H 4 .   ? 3.624   -12.188 -4.020  1.000 21.855 ? 355 HOH AAA O   1 ? 
HETATM 1198 O O   . HOH H 4 .   ? 4.468   -12.695 2.325   1.000 14.997 ? 356 HOH AAA O   1 ? 
HETATM 1199 O O   . HOH H 4 .   ? -3.312  -9.967  -7.513  1.000 22.813 ? 357 HOH AAA O   1 ? 
HETATM 1200 O O   . HOH H 4 .   ? 5.460   11.805  -7.614  1.000 27.761 ? 358 HOH AAA O   1 ? 
HETATM 1201 O O   . HOH H 4 .   ? -13.843 6.625   7.183   1.000 28.649 ? 359 HOH AAA O   1 ? 
HETATM 1202 O O   . HOH H 4 .   ? -1.332  -1.220  17.019  1.000 24.982 ? 360 HOH AAA O   1 ? 
HETATM 1203 O O   . HOH H 4 .   ? 11.868  -5.543  -15.914 1.000 21.516 ? 361 HOH AAA O   1 ? 
HETATM 1204 O O   . HOH H 4 .   ? -10.236 21.240  -5.638  1.000 31.255 ? 362 HOH AAA O   1 ? 
HETATM 1205 O O   . HOH H 4 .   ? -9.413  -4.299  -12.937 1.000 25.668 ? 363 HOH AAA O   1 ? 
HETATM 1206 O O   . HOH H 4 .   ? -6.617  -4.509  -11.210 1.000 29.289 ? 364 HOH AAA O   1 ? 
HETATM 1207 O O   . HOH H 4 .   ? 13.952  -18.030 -9.813  1.000 42.220 ? 365 HOH AAA O   1 ? 
HETATM 1208 O O   . HOH H 4 .   ? 0.218   3.551   8.911   1.000 20.011 ? 366 HOH AAA O   1 ? 
HETATM 1209 O O   . HOH H 4 .   ? 0.480   -18.971 -4.106  1.000 39.211 ? 367 HOH AAA O   1 ? 
HETATM 1210 O O   . HOH H 4 .   ? -3.240  -8.607  8.976   1.000 32.883 ? 368 HOH AAA O   1 ? 
HETATM 1211 O O   . HOH H 4 .   ? -4.196  -8.049  12.090  1.000 23.111 ? 369 HOH AAA O   1 ? 
HETATM 1212 O O   . HOH H 4 .   ? 5.962   -2.453  -3.329  1.000 15.836 ? 370 HOH AAA O   1 ? 
HETATM 1213 O O   . HOH H 4 .   ? -0.399  1.124   12.898  1.000 25.288 ? 371 HOH AAA O   1 ? 
HETATM 1214 O O   . HOH H 4 .   ? -14.669 18.803  2.444   1.000 29.875 ? 372 HOH AAA O   1 ? 
HETATM 1215 O O   . HOH H 4 .   ? 2.075   -5.735  12.163  1.000 24.652 ? 373 HOH AAA O   1 ? 
HETATM 1216 O O   . HOH H 4 .   ? -2.146  5.079   -15.821 1.000 24.466 ? 374 HOH AAA O   1 ? 
HETATM 1217 O O   . HOH H 4 .   ? 5.113   -7.088  0.955   1.000 16.002 ? 375 HOH AAA O   1 ? 
HETATM 1218 O O   . HOH H 4 .   ? 2.758   -9.601  -4.187  1.000 17.122 ? 376 HOH AAA O   1 ? 
HETATM 1219 O O   . HOH H 4 .   ? -13.378 1.157   -2.909  1.000 32.094 ? 377 HOH AAA O   1 ? 
HETATM 1220 O O   . HOH H 4 .   ? 22.962  -7.038  6.844   1.000 34.438 ? 378 HOH AAA O   1 ? 
HETATM 1221 O O   . HOH H 4 .   ? 17.944  -9.130  8.608   1.000 43.883 ? 379 HOH AAA O   1 ? 
HETATM 1222 O O   . HOH H 4 .   ? -4.261  13.045  8.622   1.000 17.534 ? 380 HOH AAA O   1 ? 
HETATM 1223 O O   . HOH H 4 .   ? 9.994   -6.029  -12.537 1.000 14.497 ? 381 HOH AAA O   1 ? 
HETATM 1224 O O   . HOH H 4 .   ? -9.211  -2.700  12.190  1.000 20.540 ? 382 HOH AAA O   1 ? 
HETATM 1225 O O   . HOH H 4 .   ? 12.821  -12.615 1.911   1.000 18.090 ? 383 HOH AAA O   1 ? 
HETATM 1226 O O   . HOH H 4 .   ? -4.887  -6.713  20.592  1.000 31.357 ? 384 HOH AAA O   1 ? 
HETATM 1227 O O   . HOH H 4 .   ? -7.484  -7.041  0.833   1.000 33.184 ? 385 HOH AAA O   1 ? 
HETATM 1228 O O   . HOH H 4 .   ? -15.499 14.860  1.707   1.000 26.066 ? 386 HOH AAA O   1 ? 
HETATM 1229 O O   . HOH H 4 .   ? -6.891  13.808  15.770  1.000 13.520 ? 387 HOH AAA O   1 ? 
HETATM 1230 O O   . HOH H 4 .   ? -4.658  13.128  14.090  1.000 16.969 ? 388 HOH AAA O   1 ? 
HETATM 1231 O O   . HOH H 4 .   ? -4.063  -5.511  -12.168 1.000 15.943 ? 389 HOH AAA O   1 ? 
HETATM 1232 O O   . HOH H 4 .   ? -10.673 -7.178  -7.327  1.000 40.907 ? 390 HOH AAA O   1 ? 
HETATM 1233 O O   . HOH H 4 .   ? -0.622  15.463  -10.096 1.000 32.934 ? 391 HOH AAA O   1 ? 
HETATM 1234 O O   . HOH H 4 .   ? 16.084  -10.901 8.018   1.000 27.063 ? 392 HOH AAA O   1 ? 
HETATM 1235 O O   . HOH H 4 .   ? 1.985   -0.277  9.820   1.000 26.947 ? 393 HOH AAA O   1 ? 
HETATM 1236 O O   . HOH H 4 .   ? 2.969   9.723   8.087   1.000 40.840 ? 394 HOH AAA O   1 ? 
HETATM 1237 O O   . HOH H 4 .   ? -0.258  5.289   13.899  1.000 28.242 ? 395 HOH AAA O   1 ? 
HETATM 1238 O O   . HOH H 4 .   ? 1.878   -3.595  11.496  1.000 26.331 ? 396 HOH AAA O   1 ? 
HETATM 1239 O O   . HOH H 4 .   ? 2.684   -14.692 5.909   1.000 40.901 ? 397 HOH AAA O   1 ? 
HETATM 1240 O O   . HOH H 4 .   ? 8.115   6.280   2.702   1.000 40.269 ? 398 HOH AAA O   1 ? 
HETATM 1241 O O   . HOH H 4 .   ? -7.120  -6.914  -10.607 1.000 52.255 ? 399 HOH AAA O   1 ? 
HETATM 1242 O O   . HOH H 4 .   ? 16.973  -0.718  2.591   1.000 45.660 ? 400 HOH AAA O   1 ? 
HETATM 1243 O O   . HOH H 4 .   ? 4.385   -8.532  4.303   1.000 16.164 ? 401 HOH AAA O   1 ? 
HETATM 1244 O O   . HOH H 4 .   ? -9.830  15.256  -7.904  1.000 31.683 ? 402 HOH AAA O   1 ? 
HETATM 1245 O O   . HOH H 4 .   ? 4.002   6.914   -15.376 1.000 32.078 ? 403 HOH AAA O   1 ? 
HETATM 1246 O O   . HOH H 4 .   ? 4.190   10.912  -9.880  1.000 26.466 ? 404 HOH AAA O   1 ? 
HETATM 1247 O O   . HOH H 4 .   ? -1.218  -11.366 -8.709  1.000 33.675 ? 405 HOH AAA O   1 ? 
HETATM 1248 O O   . HOH H 4 .   ? -2.378  14.284  10.147  1.000 26.484 ? 406 HOH AAA O   1 ? 
HETATM 1249 O O   . HOH H 4 .   ? -11.572 -2.972  -14.139 1.000 30.570 ? 407 HOH AAA O   1 ? 
HETATM 1250 O O   . HOH H 4 .   ? 6.868   -17.344 11.203  1.000 27.634 ? 408 HOH AAA O   1 ? 
HETATM 1251 O O   . HOH H 4 .   ? -13.137 15.522  -4.623  1.000 39.087 ? 409 HOH AAA O   1 ? 
HETATM 1252 O O   . HOH H 4 .   ? 5.293   9.508   -13.829 1.000 36.419 ? 410 HOH AAA O   1 ? 
HETATM 1253 O O   . HOH H 4 .   ? 1.446   -12.473 4.257   1.000 29.205 ? 411 HOH AAA O   1 ? 
HETATM 1254 O O   . HOH H 4 .   ? 2.360   -14.062 1.346   1.000 33.927 ? 412 HOH AAA O   1 ? 
HETATM 1255 O O   . HOH H 4 .   ? -11.286 -1.843  -4.333  1.000 32.394 ? 413 HOH AAA O   1 ? 
HETATM 1256 O O   . HOH H 4 .   ? -2.069  9.372   -15.193 1.000 34.501 ? 414 HOH AAA O   1 ? 
HETATM 1257 O O   . HOH H 4 .   ? 1.694   6.815   -16.264 1.000 29.926 ? 415 HOH AAA O   1 ? 
HETATM 1258 O O   . HOH H 4 .   ? -1.514  -13.099 0.104   1.000 39.816 ? 416 HOH AAA O   1 ? 
HETATM 1259 O O   . HOH H 4 .   ? 1.537   4.143   -17.799 1.000 39.423 ? 417 HOH AAA O   1 ? 
# 
